data_4AQF
#
_entry.id   4AQF
#
_cell.length_a   133.119
_cell.length_b   133.119
_cell.length_c   289.141
_cell.angle_alpha   90.00
_cell.angle_beta   90.00
_cell.angle_gamma   120.00
#
_symmetry.space_group_name_H-M   'P 31 2 1'
#
loop_
_entity.id
_entity.type
_entity.pdbx_description
1 polymer NUCLEOPROTEIN
2 polymer NUCLEOPROTEIN
3 non-polymer 'SULFATE ION'
4 water water
#
loop_
_entity_poly.entity_id
_entity_poly.type
_entity_poly.pdbx_seq_one_letter_code
_entity_poly.pdbx_strand_id
1 'polypeptide(L)'
;AMENKIEVNNKDEMNRWFEEFKKGNGLVDTFTNSYSFCESVPNLDRFVFQMASATDDAQKDSIYASALVEATKFCAPIYE
CAWVSSTGIVKKGLEWFEKNAGTIKSWDESYTELKVDVPKIEQLTGYQQAALKWRKDIGFRVNANTAALSNKVLAEYKVP
GEIVMSVKEMLSDMIRRRNLILNRGGDENPRGPVSHEHVDWCREFVKGKYIMAFNPPWGDINKSGRSGIALVATGLAKLA
ETEGKGIFDEAKKTVEALNGYLDKHKDEVDRASADSMITNLLKHIAKAQELYKNSSALRAQSAQIDTAFSSYYWLYKAGV
TPETFPTVSQFLFELGKQPRGTKKMKKALLSTPMKWGKKLYELFADDSFQQNRIYMHPAVLTAGRISEMGVCFGTIPVAN
PDDAAQGSGHTKSILNLRTNTETNNPCAKTIVKLFEVQKTGFNIQDMDIVASEHLLHQSLVGKQSPFQNAYNVKGNATSA
NII
;
A,B
2 'polypeptide(L)'
;AMENKIEVNNKDEMNRWFEEFKKGNGLVDTFTNSYSFCESIPNLDRFVFQMASATDDAQKDSIYASALVEATKFCAPIYE
CAWVSSTGIVKKGLEWFEKNAGTIKSWDESYTELKVDVPKIEQLTGYQQAALKWRKDIGFRVNANTAALSNKVLAEYKVP
GEIVMSVKEMLSDMIRRRNLILNRGGDENPRGPVSHEHVDWCREFVKGKYIMAFNPPWGDINKSGRSGIALVATGLAKLA
ETEGKGIFDEAKKTVEALNGYLDKHKDEVDRASADSMITNLLKHIAKAQELYKNSSALRAQSAQIDTAFSSYYWLYKAGV
TPETFPTVSQFLFELGKQPRGTKKMKKALLSTPMKWGKKLYELFADDSFQQNRIYMHPAVLTAGRISEMGVCFGTIPVAN
PDDAAQGSGHTKSILNLRTNTETNNPCAKTIVKLFEVQKTGFNIQDMDIVASEHLLHQSLVGKQSPFQNAYNVKGNATSA
NII
;
C
#
loop_
_chem_comp.id
_chem_comp.type
_chem_comp.name
_chem_comp.formula
SO4 non-polymer 'SULFATE ION' 'O4 S -2'
#
# COMPACT_ATOMS: atom_id res chain seq x y z
N MET A 2 -22.32 -19.88 -25.63
CA MET A 2 -21.11 -19.02 -25.48
C MET A 2 -20.78 -18.87 -24.00
N GLU A 3 -20.26 -19.96 -23.46
CA GLU A 3 -20.01 -20.07 -22.04
C GLU A 3 -18.59 -19.61 -21.69
N ASN A 4 -18.10 -20.10 -20.56
CA ASN A 4 -16.83 -19.70 -20.02
C ASN A 4 -15.74 -20.60 -20.55
N LYS A 5 -14.77 -20.03 -21.26
CA LYS A 5 -13.64 -20.78 -21.81
C LYS A 5 -12.53 -21.19 -20.85
N ILE A 6 -12.45 -20.63 -19.67
CA ILE A 6 -11.46 -21.14 -18.71
C ILE A 6 -12.00 -22.37 -17.99
N GLU A 7 -12.12 -23.49 -18.71
CA GLU A 7 -12.63 -24.73 -18.13
C GLU A 7 -11.55 -25.36 -17.27
N VAL A 8 -11.61 -25.22 -15.97
CA VAL A 8 -10.56 -25.69 -15.08
C VAL A 8 -11.20 -26.12 -13.77
N ASN A 9 -10.81 -27.28 -13.22
CA ASN A 9 -11.29 -27.67 -11.89
C ASN A 9 -10.21 -28.00 -10.87
N ASN A 10 -8.97 -28.09 -11.29
CA ASN A 10 -7.90 -28.42 -10.35
C ASN A 10 -6.62 -27.70 -10.75
N LYS A 11 -5.60 -27.78 -9.88
CA LYS A 11 -4.34 -27.09 -10.18
C LYS A 11 -3.67 -27.61 -11.43
N ASP A 12 -3.73 -28.92 -11.62
CA ASP A 12 -3.13 -29.52 -12.79
C ASP A 12 -3.73 -29.01 -14.11
N GLU A 13 -5.06 -29.05 -14.22
CA GLU A 13 -5.76 -28.57 -15.41
C GLU A 13 -5.45 -27.11 -15.58
N MET A 14 -5.41 -26.41 -14.46
CA MET A 14 -5.04 -25.01 -14.42
C MET A 14 -3.70 -24.81 -15.09
N ASN A 15 -2.71 -25.62 -14.70
CA ASN A 15 -1.38 -25.53 -15.28
C ASN A 15 -1.39 -25.74 -16.78
N ARG A 16 -2.11 -26.76 -17.22
CA ARG A 16 -2.15 -27.07 -18.65
C ARG A 16 -2.82 -25.89 -19.40
N TRP A 17 -3.91 -25.36 -18.82
CA TRP A 17 -4.62 -24.24 -19.43
C TRP A 17 -3.67 -23.08 -19.60
N PHE A 18 -2.90 -22.79 -18.56
CA PHE A 18 -1.99 -21.67 -18.60
C PHE A 18 -0.96 -21.88 -19.67
N GLU A 19 -0.38 -23.07 -19.68
CA GLU A 19 0.62 -23.38 -20.68
C GLU A 19 0.04 -23.16 -22.07
N GLU A 20 -1.12 -23.71 -22.35
CA GLU A 20 -1.65 -23.56 -23.69
C GLU A 20 -1.86 -22.06 -23.96
N PHE A 21 -2.32 -21.33 -22.95
CA PHE A 21 -2.49 -19.88 -23.12
C PHE A 21 -1.17 -19.14 -23.31
N LYS A 22 -0.19 -19.48 -22.47
CA LYS A 22 1.15 -18.86 -22.45
C LYS A 22 1.83 -18.90 -23.81
N LYS A 23 1.75 -20.05 -24.46
CA LYS A 23 2.34 -20.24 -25.79
C LYS A 23 1.73 -19.24 -26.78
N GLY A 24 0.41 -19.14 -26.79
CA GLY A 24 -0.25 -18.22 -27.67
C GLY A 24 0.02 -16.77 -27.35
N ASN A 25 0.30 -16.43 -26.10
CA ASN A 25 0.34 -15.01 -25.73
C ASN A 25 1.64 -14.32 -25.32
N GLY A 26 2.67 -15.08 -24.95
CA GLY A 26 3.94 -14.45 -24.64
C GLY A 26 3.83 -13.54 -23.44
N LEU A 27 3.61 -14.15 -22.30
CA LEU A 27 3.65 -13.42 -21.05
C LEU A 27 5.08 -13.27 -20.59
N VAL A 28 5.36 -12.15 -19.95
CA VAL A 28 6.67 -11.91 -19.42
C VAL A 28 6.59 -11.63 -17.93
N ASP A 29 7.55 -12.14 -17.18
CA ASP A 29 7.57 -11.98 -15.73
C ASP A 29 8.60 -10.94 -15.26
N THR A 30 9.00 -10.05 -16.15
CA THR A 30 10.08 -9.11 -15.88
C THR A 30 9.80 -8.19 -14.70
N PHE A 31 8.68 -7.48 -14.77
CA PHE A 31 8.38 -6.46 -13.79
C PHE A 31 7.33 -6.99 -12.86
N THR A 32 6.62 -7.98 -13.34
CA THR A 32 5.47 -8.50 -12.65
C THR A 32 5.90 -9.63 -11.74
N ASN A 33 5.27 -9.72 -10.57
CA ASN A 33 5.47 -10.86 -9.66
C ASN A 33 5.01 -12.13 -10.32
N SER A 34 3.85 -12.08 -10.97
CA SER A 34 3.34 -13.22 -11.69
C SER A 34 3.30 -12.87 -13.16
N TYR A 35 3.31 -13.90 -13.98
CA TYR A 35 3.42 -13.67 -15.40
C TYR A 35 2.29 -12.82 -15.88
N SER A 36 2.61 -11.87 -16.75
CA SER A 36 1.71 -10.79 -17.11
C SER A 36 2.06 -10.29 -18.49
N PHE A 37 1.26 -9.37 -19.02
CA PHE A 37 1.52 -8.80 -20.34
C PHE A 37 2.47 -7.64 -20.28
N CYS A 38 3.03 -7.38 -19.10
CA CYS A 38 3.80 -6.18 -18.91
C CYS A 38 5.20 -6.23 -19.49
N GLU A 39 5.29 -5.71 -20.72
CA GLU A 39 6.52 -5.54 -21.47
C GLU A 39 7.44 -4.49 -20.85
N SER A 40 6.95 -3.26 -20.71
CA SER A 40 7.74 -2.15 -20.17
C SER A 40 7.06 -1.62 -18.95
N VAL A 41 7.84 -1.14 -18.00
CA VAL A 41 7.29 -0.56 -16.79
C VAL A 41 6.43 0.62 -17.15
N PRO A 42 5.24 0.73 -16.53
CA PRO A 42 4.37 1.85 -16.83
C PRO A 42 5.04 3.09 -16.31
N ASN A 43 4.99 4.17 -17.07
CA ASN A 43 5.58 5.40 -16.57
C ASN A 43 4.57 6.54 -16.65
N LEU A 44 4.33 7.14 -15.49
CA LEU A 44 3.15 7.99 -15.29
C LEU A 44 3.55 9.43 -15.13
N ASP A 45 4.84 9.69 -15.34
CA ASP A 45 5.36 11.01 -15.12
C ASP A 45 4.54 12.03 -15.88
N ARG A 46 4.14 11.73 -17.11
CA ARG A 46 3.44 12.76 -17.89
C ARG A 46 2.15 13.19 -17.24
N PHE A 47 1.44 12.25 -16.64
CA PHE A 47 0.14 12.56 -16.02
C PHE A 47 0.18 13.65 -14.95
N VAL A 48 1.22 13.68 -14.13
CA VAL A 48 1.27 14.75 -13.16
C VAL A 48 1.34 16.09 -13.87
N PHE A 49 2.06 16.15 -14.99
CA PHE A 49 2.15 17.40 -15.76
C PHE A 49 0.78 17.80 -16.27
N GLN A 50 0.05 16.84 -16.82
CA GLN A 50 -1.33 17.05 -17.25
C GLN A 50 -2.18 17.56 -16.11
N MET A 51 -2.12 16.88 -14.98
CA MET A 51 -2.91 17.23 -13.83
C MET A 51 -2.72 18.70 -13.48
N ALA A 52 -1.45 19.10 -13.47
CA ALA A 52 -1.09 20.48 -13.21
C ALA A 52 -1.77 21.45 -14.17
N SER A 53 -1.94 21.07 -15.43
CA SER A 53 -2.53 21.97 -16.42
C SER A 53 -4.03 21.84 -16.58
N ALA A 54 -4.67 21.10 -15.67
CA ALA A 54 -6.11 20.93 -15.69
C ALA A 54 -6.78 22.22 -15.23
N THR A 55 -8.04 22.40 -15.60
CA THR A 55 -8.82 23.53 -15.09
C THR A 55 -10.13 23.09 -14.44
N ASP A 56 -10.59 21.90 -14.83
CA ASP A 56 -11.90 21.40 -14.43
C ASP A 56 -11.79 20.02 -13.79
N ASP A 57 -12.56 19.82 -12.72
CA ASP A 57 -12.50 18.59 -11.94
C ASP A 57 -12.76 17.33 -12.71
N ALA A 58 -13.71 17.38 -13.63
CA ALA A 58 -14.01 16.21 -14.45
C ALA A 58 -12.78 15.81 -15.26
N GLN A 59 -12.09 16.83 -15.79
CA GLN A 59 -10.88 16.62 -16.55
C GLN A 59 -9.83 16.01 -15.64
N LYS A 60 -9.74 16.54 -14.42
CA LYS A 60 -8.77 16.01 -13.47
C LYS A 60 -9.07 14.54 -13.23
N ASP A 61 -10.35 14.23 -13.10
CA ASP A 61 -10.81 12.87 -12.97
C ASP A 61 -10.40 11.96 -14.12
N SER A 62 -10.56 12.43 -15.36
CA SER A 62 -10.22 11.60 -16.49
C SER A 62 -8.78 11.30 -16.37
N ILE A 63 -8.01 12.32 -16.05
CA ILE A 63 -6.58 12.20 -15.99
C ILE A 63 -6.15 11.14 -15.00
N TYR A 64 -6.66 11.22 -13.78
CA TYR A 64 -6.29 10.26 -12.77
C TYR A 64 -6.63 8.83 -13.21
N ALA A 65 -7.81 8.66 -13.78
CA ALA A 65 -8.26 7.38 -14.24
C ALA A 65 -7.33 6.83 -15.31
N SER A 66 -6.96 7.67 -16.27
CA SER A 66 -6.12 7.25 -17.37
C SER A 66 -4.79 6.88 -16.81
N ALA A 67 -4.27 7.70 -15.91
CA ALA A 67 -2.98 7.40 -15.30
C ALA A 67 -3.05 6.05 -14.61
N LEU A 68 -4.16 5.82 -13.92
CA LEU A 68 -4.34 4.56 -13.22
C LEU A 68 -4.28 3.40 -14.18
N VAL A 69 -5.07 3.49 -15.26
CA VAL A 69 -5.10 2.44 -16.27
C VAL A 69 -3.72 2.06 -16.83
N GLU A 70 -2.81 3.02 -16.95
CA GLU A 70 -1.44 2.67 -17.24
C GLU A 70 -0.90 1.65 -16.28
N ALA A 71 -1.08 1.86 -14.99
CA ALA A 71 -0.48 0.98 -14.01
C ALA A 71 -1.10 -0.40 -14.05
N THR A 72 -2.39 -0.43 -14.34
CA THR A 72 -3.18 -1.64 -14.28
C THR A 72 -3.25 -2.39 -15.61
N LYS A 73 -3.14 -1.64 -16.70
CA LYS A 73 -3.63 -2.14 -17.99
C LYS A 73 -2.94 -3.42 -18.43
N PHE A 74 -1.64 -3.51 -18.21
CA PHE A 74 -1.00 -4.77 -18.52
C PHE A 74 -0.40 -5.55 -17.37
N CYS A 75 -0.72 -5.23 -16.12
CA CYS A 75 -0.05 -5.90 -15.00
C CYS A 75 -0.75 -7.12 -14.41
N ALA A 76 -1.95 -7.43 -14.90
CA ALA A 76 -2.76 -8.44 -14.29
C ALA A 76 -2.01 -9.74 -14.26
N PRO A 77 -2.01 -10.42 -13.09
CA PRO A 77 -1.34 -11.70 -12.95
C PRO A 77 -2.25 -12.76 -13.53
N ILE A 78 -1.97 -13.12 -14.76
CA ILE A 78 -2.89 -13.95 -15.53
C ILE A 78 -3.24 -15.29 -14.91
N TYR A 79 -2.22 -15.99 -14.40
CA TYR A 79 -2.47 -17.32 -13.84
C TYR A 79 -3.58 -17.23 -12.78
N GLU A 80 -3.35 -16.36 -11.79
CA GLU A 80 -4.24 -16.25 -10.66
C GLU A 80 -5.59 -15.71 -11.05
N CYS A 81 -5.60 -14.73 -11.93
CA CYS A 81 -6.87 -14.17 -12.39
C CYS A 81 -7.69 -15.24 -13.06
N ALA A 82 -7.00 -16.01 -13.90
CA ALA A 82 -7.62 -17.09 -14.62
C ALA A 82 -8.19 -18.07 -13.63
N TRP A 83 -7.41 -18.42 -12.62
CA TRP A 83 -7.82 -19.40 -11.64
C TRP A 83 -9.10 -18.94 -11.05
N VAL A 84 -9.11 -17.67 -10.66
CA VAL A 84 -10.21 -17.09 -9.93
C VAL A 84 -11.45 -17.05 -10.79
N SER A 85 -11.28 -16.92 -12.10
CA SER A 85 -12.42 -16.93 -13.01
C SER A 85 -12.63 -18.34 -13.58
N SER A 86 -11.81 -19.31 -13.12
CA SER A 86 -11.90 -20.70 -13.59
C SER A 86 -13.28 -21.23 -13.33
N THR A 87 -13.74 -22.13 -14.20
CA THR A 87 -15.09 -22.69 -14.11
C THR A 87 -15.33 -23.36 -12.79
N GLY A 88 -14.33 -24.11 -12.33
CA GLY A 88 -14.44 -24.83 -11.07
C GLY A 88 -14.61 -23.89 -9.91
N ILE A 89 -13.71 -22.91 -9.83
CA ILE A 89 -13.75 -21.93 -8.73
C ILE A 89 -15.05 -21.15 -8.73
N VAL A 90 -15.52 -20.77 -9.91
CA VAL A 90 -16.72 -19.96 -10.04
C VAL A 90 -17.90 -20.74 -9.51
N LYS A 91 -18.02 -21.98 -9.95
CA LYS A 91 -19.11 -22.80 -9.50
C LYS A 91 -19.07 -22.91 -7.98
N LYS A 92 -17.96 -23.38 -7.44
CA LYS A 92 -17.86 -23.60 -6.01
C LYS A 92 -18.02 -22.28 -5.27
N GLY A 93 -17.29 -21.26 -5.69
CA GLY A 93 -17.35 -19.98 -5.01
C GLY A 93 -18.77 -19.47 -4.88
N LEU A 94 -19.51 -19.47 -5.99
CA LEU A 94 -20.87 -18.97 -5.95
C LEU A 94 -21.74 -19.88 -5.15
N GLU A 95 -21.55 -21.18 -5.29
CA GLU A 95 -22.41 -22.16 -4.64
C GLU A 95 -22.29 -22.07 -3.12
N TRP A 96 -21.10 -21.71 -2.66
CA TRP A 96 -20.77 -21.71 -1.24
C TRP A 96 -21.71 -20.93 -0.38
N PHE A 97 -22.13 -19.76 -0.80
CA PHE A 97 -23.04 -18.94 0.01
C PHE A 97 -24.41 -19.57 0.16
N GLU A 98 -24.85 -20.29 -0.87
CA GLU A 98 -26.14 -20.91 -0.78
C GLU A 98 -26.15 -21.95 0.33
N LYS A 99 -25.06 -22.70 0.46
CA LYS A 99 -24.91 -23.67 1.54
C LYS A 99 -24.85 -23.02 2.93
N ASN A 100 -24.16 -21.88 3.03
CA ASN A 100 -23.82 -21.32 4.34
C ASN A 100 -24.60 -20.08 4.76
N ALA A 101 -25.93 -20.15 4.72
CA ALA A 101 -26.74 -19.00 5.11
C ALA A 101 -26.36 -18.54 6.51
N GLY A 102 -26.27 -19.51 7.43
CA GLY A 102 -25.96 -19.26 8.83
C GLY A 102 -24.64 -18.56 9.05
N THR A 103 -23.59 -19.04 8.41
CA THR A 103 -22.27 -18.43 8.57
C THR A 103 -22.31 -16.93 8.32
N ILE A 104 -23.08 -16.50 7.34
CA ILE A 104 -23.01 -15.10 6.91
C ILE A 104 -24.15 -14.21 7.43
N LYS A 105 -25.02 -14.80 8.24
CA LYS A 105 -26.22 -14.12 8.70
C LYS A 105 -25.90 -12.75 9.29
N SER A 106 -24.78 -12.64 10.01
CA SER A 106 -24.49 -11.46 10.81
C SER A 106 -24.64 -10.21 10.00
N TRP A 107 -24.10 -10.25 8.78
CA TRP A 107 -24.10 -9.08 7.89
C TRP A 107 -24.95 -9.27 6.71
N ASP A 108 -24.90 -10.46 6.12
CA ASP A 108 -25.71 -10.68 4.93
C ASP A 108 -27.17 -10.30 5.17
N GLU A 109 -27.72 -10.70 6.31
CA GLU A 109 -29.11 -10.38 6.56
C GLU A 109 -29.33 -8.93 6.95
N SER A 110 -28.25 -8.17 7.14
CA SER A 110 -28.39 -6.75 7.45
C SER A 110 -27.84 -5.88 6.33
N TYR A 111 -27.76 -6.44 5.12
CA TYR A 111 -27.14 -5.72 4.03
C TYR A 111 -27.73 -4.32 3.93
N THR A 112 -29.05 -4.22 4.03
CA THR A 112 -29.70 -2.94 3.82
C THR A 112 -29.26 -1.89 4.81
N GLU A 113 -29.20 -2.25 6.09
CA GLU A 113 -28.75 -1.31 7.12
C GLU A 113 -27.27 -1.03 6.90
N LEU A 114 -26.54 -2.08 6.58
CA LEU A 114 -25.12 -1.97 6.33
C LEU A 114 -24.84 -0.96 5.25
N LYS A 115 -25.74 -0.89 4.26
CA LYS A 115 -25.67 0.10 3.20
C LYS A 115 -25.62 1.51 3.76
N VAL A 116 -26.16 1.74 4.95
CA VAL A 116 -26.14 3.11 5.49
C VAL A 116 -25.35 3.35 6.79
N ASP A 117 -25.11 2.29 7.57
CA ASP A 117 -24.67 2.43 8.95
C ASP A 117 -23.34 1.79 9.27
N VAL A 118 -22.72 2.22 10.38
CA VAL A 118 -21.48 1.60 10.80
C VAL A 118 -21.78 0.19 11.28
N PRO A 119 -20.98 -0.79 10.87
CA PRO A 119 -21.15 -2.19 11.23
C PRO A 119 -20.82 -2.51 12.69
N LYS A 120 -21.56 -3.42 13.31
CA LYS A 120 -21.15 -3.99 14.59
C LYS A 120 -19.85 -4.72 14.36
N ILE A 121 -18.97 -4.71 15.36
CA ILE A 121 -17.73 -5.44 15.20
C ILE A 121 -18.04 -6.91 14.96
N GLU A 122 -19.17 -7.39 15.49
CA GLU A 122 -19.53 -8.81 15.31
C GLU A 122 -19.72 -9.08 13.83
N GLN A 123 -20.33 -8.11 13.15
CA GLN A 123 -20.54 -8.13 11.70
C GLN A 123 -19.20 -8.11 10.92
N LEU A 124 -18.20 -7.35 11.37
CA LEU A 124 -16.90 -7.38 10.69
C LEU A 124 -16.17 -8.66 10.93
N THR A 125 -16.16 -9.07 12.17
CA THR A 125 -15.45 -10.26 12.53
C THR A 125 -16.03 -11.48 11.84
N GLY A 126 -17.37 -11.52 11.75
CA GLY A 126 -18.09 -12.54 11.00
C GLY A 126 -17.62 -12.62 9.57
N TYR A 127 -17.55 -11.47 8.91
CA TYR A 127 -17.08 -11.43 7.55
C TYR A 127 -15.69 -12.02 7.45
N GLN A 128 -14.77 -11.52 8.26
CA GLN A 128 -13.37 -11.94 8.18
C GLN A 128 -13.19 -13.43 8.34
N GLN A 129 -13.96 -14.01 9.25
CA GLN A 129 -13.94 -15.45 9.46
C GLN A 129 -14.53 -16.17 8.25
N ALA A 130 -15.67 -15.67 7.77
CA ALA A 130 -16.41 -16.30 6.68
C ALA A 130 -15.54 -16.40 5.46
N ALA A 131 -14.77 -15.33 5.21
CA ALA A 131 -13.91 -15.30 4.04
C ALA A 131 -12.94 -16.46 4.12
N LEU A 132 -12.34 -16.66 5.29
CA LEU A 132 -11.34 -17.71 5.45
C LEU A 132 -11.92 -19.10 5.30
N LYS A 133 -13.10 -19.28 5.85
CA LYS A 133 -13.79 -20.54 5.72
C LYS A 133 -14.05 -20.81 4.25
N TRP A 134 -14.58 -19.80 3.56
CA TRP A 134 -14.92 -19.93 2.15
C TRP A 134 -13.75 -20.40 1.37
N ARG A 135 -12.60 -19.74 1.57
CA ARG A 135 -11.39 -20.10 0.84
C ARG A 135 -11.00 -21.52 1.10
N LYS A 136 -11.02 -21.88 2.38
CA LYS A 136 -10.74 -23.23 2.80
C LYS A 136 -11.70 -24.22 2.12
N ASP A 137 -13.01 -24.00 2.28
CA ASP A 137 -14.03 -24.90 1.69
C ASP A 137 -13.87 -25.11 0.21
N ILE A 138 -13.66 -24.06 -0.57
CA ILE A 138 -13.67 -24.21 -2.02
C ILE A 138 -12.27 -24.50 -2.55
N GLY A 139 -11.29 -24.59 -1.66
CA GLY A 139 -9.92 -24.82 -2.06
C GLY A 139 -9.46 -23.74 -2.99
N PHE A 140 -9.73 -22.50 -2.62
CA PHE A 140 -9.33 -21.33 -3.37
C PHE A 140 -7.83 -21.29 -3.55
N ARG A 141 -7.09 -21.61 -2.50
CA ARG A 141 -5.66 -21.30 -2.49
C ARG A 141 -4.89 -22.31 -3.30
N VAL A 142 -4.39 -21.89 -4.46
CA VAL A 142 -3.70 -22.78 -5.38
C VAL A 142 -2.20 -22.53 -5.34
N ASN A 143 -1.81 -21.41 -4.76
CA ASN A 143 -0.40 -21.10 -4.63
C ASN A 143 -0.23 -19.96 -3.65
N ALA A 144 1.01 -19.52 -3.46
CA ALA A 144 1.31 -18.44 -2.51
C ALA A 144 0.52 -17.19 -2.82
N ASN A 145 0.31 -16.94 -4.09
CA ASN A 145 -0.38 -15.74 -4.53
C ASN A 145 -1.85 -15.66 -4.17
N THR A 146 -2.44 -16.80 -3.84
CA THR A 146 -3.83 -16.86 -3.44
C THR A 146 -3.93 -17.38 -2.00
N ALA A 147 -2.79 -17.42 -1.33
CA ALA A 147 -2.76 -17.87 0.04
C ALA A 147 -3.37 -16.83 1.00
N ALA A 148 -3.74 -17.32 2.18
CA ALA A 148 -4.15 -16.44 3.25
C ALA A 148 -2.93 -16.13 4.10
N LEU A 149 -2.43 -14.91 4.01
CA LEU A 149 -1.19 -14.53 4.69
C LEU A 149 -1.28 -14.57 6.22
N SER A 150 -0.16 -14.92 6.85
CA SER A 150 -0.01 -14.94 8.29
C SER A 150 1.32 -14.25 8.55
N ASN A 151 1.88 -13.74 7.45
CA ASN A 151 3.21 -13.09 7.36
C ASN A 151 3.67 -12.28 8.60
N LYS A 152 4.99 -12.15 8.78
CA LYS A 152 5.55 -11.37 9.88
C LYS A 152 4.84 -10.01 10.00
N VAL A 153 5.08 -9.11 9.01
CA VAL A 153 4.54 -7.72 8.89
C VAL A 153 5.64 -6.68 8.53
N LEU A 154 6.74 -7.16 7.97
CA LEU A 154 7.61 -6.32 7.12
C LEU A 154 8.09 -4.94 7.60
N ALA A 155 8.85 -4.93 8.70
CA ALA A 155 9.63 -3.72 9.16
C ALA A 155 10.40 -2.92 8.03
N GLU A 156 11.14 -3.65 7.20
CA GLU A 156 12.09 -3.04 6.23
C GLU A 156 11.70 -3.19 4.74
N TYR A 157 11.83 -2.10 4.01
CA TYR A 157 11.31 -2.02 2.65
C TYR A 157 12.23 -1.12 1.85
N LYS A 158 12.85 -1.65 0.80
CA LYS A 158 13.84 -0.90 0.03
C LYS A 158 13.15 -0.09 -1.05
N VAL A 159 13.42 1.21 -1.06
CA VAL A 159 12.75 2.08 -1.96
C VAL A 159 13.83 2.81 -2.73
N PRO A 160 13.57 3.11 -4.01
CA PRO A 160 14.44 3.99 -4.80
C PRO A 160 14.57 5.39 -4.17
N GLY A 161 15.78 5.95 -4.22
CA GLY A 161 16.05 7.26 -3.66
C GLY A 161 15.09 8.32 -4.14
N GLU A 162 14.96 8.47 -5.44
CA GLU A 162 14.18 9.57 -6.02
C GLU A 162 12.78 9.71 -5.43
N ILE A 163 12.19 8.60 -5.00
CA ILE A 163 10.84 8.65 -4.49
C ILE A 163 10.76 8.79 -2.97
N VAL A 164 11.87 8.54 -2.27
CA VAL A 164 11.88 8.55 -0.80
C VAL A 164 11.10 9.72 -0.22
N MET A 165 11.24 10.90 -0.83
CA MET A 165 10.56 12.09 -0.31
C MET A 165 9.04 11.94 -0.32
N SER A 166 8.49 11.55 -1.47
CA SER A 166 7.06 11.32 -1.57
C SER A 166 6.64 10.16 -0.70
N VAL A 167 7.44 9.10 -0.71
CA VAL A 167 7.14 7.95 0.13
C VAL A 167 7.03 8.47 1.55
N LYS A 168 7.97 9.31 1.96
CA LYS A 168 7.90 9.89 3.30
C LYS A 168 6.57 10.65 3.49
N GLU A 169 6.24 11.52 2.52
CA GLU A 169 4.98 12.25 2.52
C GLU A 169 3.73 11.38 2.73
N MET A 170 3.68 10.24 2.04
CA MET A 170 2.50 9.39 2.13
C MET A 170 2.31 8.83 3.49
N LEU A 171 3.40 8.35 4.11
CA LEU A 171 3.23 7.74 5.40
C LEU A 171 2.84 8.76 6.44
N SER A 172 3.42 9.95 6.32
CA SER A 172 3.08 11.03 7.25
C SER A 172 1.57 11.19 7.20
N ASP A 173 1.02 11.24 5.99
CA ASP A 173 -0.42 11.37 5.90
C ASP A 173 -1.13 10.18 6.50
N MET A 174 -0.61 8.99 6.25
CA MET A 174 -1.21 7.79 6.78
C MET A 174 -1.16 7.80 8.30
N ILE A 175 -0.02 8.22 8.83
CA ILE A 175 0.15 8.27 10.27
C ILE A 175 -0.82 9.26 10.86
N ARG A 176 -0.98 10.41 10.21
CA ARG A 176 -1.91 11.41 10.70
C ARG A 176 -3.29 10.80 10.78
N ARG A 177 -3.69 10.09 9.72
CA ARG A 177 -5.03 9.51 9.65
C ARG A 177 -5.25 8.51 10.77
N ARG A 178 -4.23 7.69 11.05
CA ARG A 178 -4.25 6.81 12.22
C ARG A 178 -4.42 7.63 13.51
N ASN A 179 -3.72 8.76 13.61
CA ASN A 179 -3.75 9.61 14.81
C ASN A 179 -5.14 10.14 15.17
N LEU A 180 -5.84 10.68 14.19
CA LEU A 180 -7.15 11.31 14.43
C LEU A 180 -8.17 10.24 14.72
N ILE A 181 -7.98 9.07 14.10
CA ILE A 181 -8.82 7.92 14.39
C ILE A 181 -8.87 7.74 15.90
N LEU A 182 -7.70 7.86 16.54
CA LEU A 182 -7.62 7.71 17.97
C LEU A 182 -7.94 9.02 18.72
N ASN A 183 -7.32 10.13 18.31
CA ASN A 183 -7.39 11.39 19.09
C ASN A 183 -8.12 12.57 18.42
N VAL A 194 3.37 4.36 33.35
CA VAL A 194 2.62 5.31 32.43
C VAL A 194 2.13 4.73 31.04
N SER A 195 2.52 5.43 29.97
CA SER A 195 2.25 5.00 28.58
C SER A 195 2.71 3.56 28.27
N HIS A 196 3.87 3.13 28.78
CA HIS A 196 4.39 1.79 28.45
C HIS A 196 4.38 0.70 29.52
N GLU A 197 4.28 1.04 30.82
CA GLU A 197 4.29 0.04 31.95
C GLU A 197 2.96 -0.60 32.30
N HIS A 198 1.83 0.14 32.30
CA HIS A 198 0.53 -0.51 32.56
C HIS A 198 0.23 -1.56 31.53
N VAL A 199 0.62 -1.31 30.29
CA VAL A 199 0.70 -2.39 29.30
C VAL A 199 1.84 -3.35 29.67
N ASP A 200 3.04 -2.81 29.94
CA ASP A 200 4.25 -3.62 30.21
C ASP A 200 4.09 -4.53 31.43
N TRP A 201 3.50 -4.00 32.48
CA TRP A 201 3.18 -4.80 33.65
C TRP A 201 2.34 -5.99 33.30
N CYS A 202 1.39 -5.78 32.41
CA CYS A 202 0.52 -6.86 32.00
C CYS A 202 1.24 -7.99 31.30
N ARG A 203 2.19 -7.69 30.40
CA ARG A 203 2.89 -8.78 29.71
C ARG A 203 3.55 -9.71 30.69
N GLU A 204 4.26 -9.12 31.66
CA GLU A 204 4.99 -9.88 32.68
C GLU A 204 4.04 -10.73 33.50
N PHE A 205 2.95 -10.11 33.94
CA PHE A 205 1.91 -10.83 34.66
C PHE A 205 1.37 -11.98 33.81
N VAL A 206 1.00 -11.66 32.59
CA VAL A 206 0.43 -12.63 31.67
C VAL A 206 1.27 -13.89 31.51
N LYS A 207 2.58 -13.74 31.66
CA LYS A 207 3.51 -14.85 31.46
C LYS A 207 3.64 -15.68 32.73
N GLY A 208 2.71 -15.50 33.67
CA GLY A 208 2.67 -16.32 34.87
C GLY A 208 3.35 -15.78 36.10
N LYS A 209 3.86 -14.54 36.04
CA LYS A 209 4.41 -13.89 37.23
C LYS A 209 3.24 -13.30 38.04
N TYR A 210 2.40 -14.18 38.56
CA TYR A 210 1.18 -13.78 39.26
C TYR A 210 1.44 -12.97 40.52
N ILE A 211 2.63 -13.12 41.11
CA ILE A 211 2.96 -12.40 42.31
C ILE A 211 2.74 -10.90 42.16
N MET A 212 2.96 -10.41 40.94
CA MET A 212 2.85 -8.99 40.62
C MET A 212 1.51 -8.42 41.08
N ALA A 213 0.48 -9.26 41.10
CA ALA A 213 -0.85 -8.88 41.58
C ALA A 213 -0.88 -8.19 42.95
N PHE A 214 0.02 -8.59 43.85
CA PHE A 214 0.08 -8.01 45.19
C PHE A 214 0.47 -6.53 45.19
N ASN A 215 1.39 -6.20 44.29
CA ASN A 215 1.91 -4.84 44.13
C ASN A 215 1.80 -4.37 42.68
N PRO A 216 0.57 -4.06 42.23
CA PRO A 216 0.41 -3.39 40.96
C PRO A 216 0.91 -1.96 41.12
N PRO A 217 1.68 -1.44 40.14
CA PRO A 217 2.40 -0.15 40.17
C PRO A 217 1.59 1.11 40.54
N TRP A 218 0.34 1.16 40.10
CA TRP A 218 -0.63 2.19 40.45
C TRP A 218 -1.01 2.01 41.89
N GLY A 219 -0.66 0.85 42.45
CA GLY A 219 -0.72 0.60 43.89
C GLY A 219 -2.01 -0.08 44.27
N ASP A 220 -3.03 0.23 43.51
CA ASP A 220 -4.36 -0.32 43.68
C ASP A 220 -4.63 -1.10 42.41
N ILE A 221 -5.09 -2.34 42.53
CA ILE A 221 -5.37 -3.19 41.37
C ILE A 221 -6.41 -2.51 40.49
N ASN A 222 -7.30 -1.77 41.16
CA ASN A 222 -8.44 -1.16 40.53
C ASN A 222 -8.29 0.33 40.26
N LYS A 223 -7.13 0.91 40.51
CA LYS A 223 -6.90 2.29 40.09
C LYS A 223 -7.33 2.40 38.62
N SER A 224 -8.01 3.51 38.28
CA SER A 224 -8.52 3.77 36.93
C SER A 224 -7.99 5.09 36.35
N GLY A 225 -7.50 5.04 35.12
CA GLY A 225 -6.89 6.20 34.47
C GLY A 225 -7.95 7.15 33.97
N ARG A 226 -7.51 8.23 33.33
CA ARG A 226 -8.40 9.28 32.81
C ARG A 226 -9.70 8.70 32.21
N SER A 227 -9.59 7.54 31.57
CA SER A 227 -10.73 6.82 31.02
C SER A 227 -11.82 6.60 32.07
N GLY A 228 -11.39 6.39 33.31
CA GLY A 228 -12.28 5.94 34.37
C GLY A 228 -12.44 4.44 34.31
N ILE A 229 -11.56 3.77 33.56
CA ILE A 229 -11.60 2.31 33.47
C ILE A 229 -10.25 1.75 33.93
N ALA A 230 -10.31 0.61 34.59
CA ALA A 230 -9.15 0.01 35.23
C ALA A 230 -7.95 -0.06 34.30
N LEU A 231 -6.79 0.34 34.82
CA LEU A 231 -5.55 0.27 34.03
C LEU A 231 -5.26 -1.19 33.67
N VAL A 232 -5.59 -2.10 34.58
CA VAL A 232 -5.45 -3.53 34.36
C VAL A 232 -6.22 -3.95 33.12
N ALA A 233 -7.51 -3.62 33.09
CA ALA A 233 -8.38 -3.96 31.97
C ALA A 233 -7.90 -3.27 30.72
N THR A 234 -7.58 -1.99 30.82
CA THR A 234 -7.04 -1.20 29.71
C THR A 234 -5.77 -1.79 29.16
N GLY A 235 -4.79 -2.00 30.03
CA GLY A 235 -3.47 -2.48 29.61
C GLY A 235 -3.57 -3.83 28.96
N LEU A 236 -4.43 -4.67 29.53
CA LEU A 236 -4.69 -6.01 29.01
C LEU A 236 -5.25 -5.92 27.61
N ALA A 237 -6.24 -5.07 27.42
CA ALA A 237 -6.80 -4.86 26.11
C ALA A 237 -5.72 -4.38 25.14
N LYS A 238 -4.95 -3.35 25.49
CA LYS A 238 -3.92 -2.86 24.56
C LYS A 238 -2.92 -3.96 24.28
N LEU A 239 -2.54 -4.70 25.33
CA LEU A 239 -1.65 -5.82 25.15
C LEU A 239 -2.22 -6.83 24.13
N ALA A 240 -3.53 -7.06 24.17
CA ALA A 240 -4.17 -7.99 23.26
C ALA A 240 -4.13 -7.50 21.81
N GLU A 241 -4.43 -6.22 21.60
CA GLU A 241 -4.39 -5.63 20.25
C GLU A 241 -3.03 -5.89 19.66
N THR A 242 -2.00 -5.76 20.49
CA THR A 242 -0.62 -5.94 20.05
C THR A 242 -0.20 -7.40 19.85
N GLU A 243 -0.58 -8.30 20.75
CA GLU A 243 -0.10 -9.70 20.67
C GLU A 243 -1.19 -10.76 20.48
N GLY A 244 -2.39 -10.34 20.09
CA GLY A 244 -3.50 -11.26 19.81
C GLY A 244 -4.29 -11.70 21.04
N LYS A 245 -5.50 -12.19 20.81
CA LYS A 245 -6.41 -12.60 21.91
C LYS A 245 -5.93 -13.83 22.69
N GLY A 246 -4.75 -14.35 22.34
CA GLY A 246 -4.16 -15.44 23.09
C GLY A 246 -4.04 -15.06 24.55
N ILE A 247 -3.63 -13.82 24.79
CA ILE A 247 -3.28 -13.35 26.12
C ILE A 247 -4.42 -13.45 27.14
N PHE A 248 -5.65 -13.17 26.72
CA PHE A 248 -6.80 -13.33 27.63
C PHE A 248 -6.85 -14.72 28.26
N ASP A 249 -6.57 -15.74 27.46
CA ASP A 249 -6.48 -17.09 27.99
C ASP A 249 -5.31 -17.21 28.96
N GLU A 250 -4.13 -16.77 28.53
CA GLU A 250 -2.94 -16.79 29.39
C GLU A 250 -3.22 -16.12 30.72
N ALA A 251 -3.85 -14.95 30.66
CA ALA A 251 -4.23 -14.21 31.84
C ALA A 251 -5.08 -15.08 32.76
N LYS A 252 -6.07 -15.76 32.20
CA LYS A 252 -6.92 -16.64 32.99
C LYS A 252 -6.11 -17.71 33.72
N LYS A 253 -5.20 -18.39 33.01
CA LYS A 253 -4.33 -19.40 33.65
C LYS A 253 -3.57 -18.79 34.82
N THR A 254 -3.00 -17.60 34.60
CA THR A 254 -2.18 -16.95 35.64
C THR A 254 -2.98 -16.69 36.90
N VAL A 255 -4.21 -16.20 36.72
CA VAL A 255 -5.14 -15.95 37.84
C VAL A 255 -5.48 -17.25 38.57
N GLU A 256 -5.74 -18.28 37.78
CA GLU A 256 -6.01 -19.60 38.31
C GLU A 256 -4.83 -20.00 39.19
N ALA A 257 -3.61 -19.89 38.65
CA ALA A 257 -2.38 -20.19 39.38
C ALA A 257 -2.28 -19.44 40.70
N LEU A 258 -2.47 -18.12 40.64
CA LEU A 258 -2.47 -17.28 41.83
C LEU A 258 -3.48 -17.83 42.83
N ASN A 259 -4.66 -18.21 42.35
CA ASN A 259 -5.68 -18.76 43.24
C ASN A 259 -5.12 -19.94 44.01
N GLY A 260 -4.32 -20.76 43.33
CA GLY A 260 -3.64 -21.88 43.95
C GLY A 260 -2.67 -21.44 45.04
N TYR A 261 -1.86 -20.45 44.73
CA TYR A 261 -0.91 -19.91 45.71
C TYR A 261 -1.59 -19.51 47.03
N LEU A 262 -2.67 -18.72 46.98
CA LEU A 262 -3.35 -18.33 48.23
C LEU A 262 -3.97 -19.52 48.91
N ASP A 263 -4.54 -20.43 48.12
CA ASP A 263 -5.16 -21.62 48.65
C ASP A 263 -4.11 -22.37 49.46
N LYS A 264 -2.92 -22.52 48.89
CA LYS A 264 -1.80 -23.16 49.58
C LYS A 264 -1.41 -22.42 50.87
N HIS A 265 -1.42 -21.10 50.85
CA HIS A 265 -1.07 -20.36 52.06
C HIS A 265 -2.30 -19.80 52.76
N LYS A 266 -3.34 -20.64 52.94
CA LYS A 266 -4.63 -20.19 53.52
C LYS A 266 -4.47 -19.45 54.84
N ASP A 267 -3.56 -19.91 55.68
CA ASP A 267 -3.46 -19.42 57.05
C ASP A 267 -2.80 -18.06 57.08
N GLU A 268 -1.96 -17.81 56.09
CA GLU A 268 -1.20 -16.59 55.99
C GLU A 268 -1.97 -15.44 55.32
N VAL A 269 -3.03 -15.76 54.56
CA VAL A 269 -3.78 -14.74 53.80
C VAL A 269 -5.23 -14.58 54.27
N ASP A 270 -5.71 -13.33 54.36
CA ASP A 270 -7.12 -13.05 54.67
C ASP A 270 -8.03 -13.58 53.58
N ARG A 271 -8.91 -14.52 53.93
CA ARG A 271 -9.74 -15.19 52.94
C ARG A 271 -10.70 -14.26 52.18
N ALA A 272 -11.26 -13.28 52.87
CA ALA A 272 -12.15 -12.30 52.22
C ALA A 272 -11.39 -11.43 51.22
N SER A 273 -10.25 -10.89 51.64
CA SER A 273 -9.36 -10.11 50.75
C SER A 273 -8.92 -10.94 49.55
N ALA A 274 -8.49 -12.17 49.80
CA ALA A 274 -8.07 -13.08 48.75
C ALA A 274 -9.16 -13.30 47.71
N ASP A 275 -10.37 -13.59 48.18
CA ASP A 275 -11.48 -13.90 47.28
C ASP A 275 -11.89 -12.68 46.46
N SER A 276 -11.99 -11.53 47.12
CA SER A 276 -12.34 -10.30 46.42
C SER A 276 -11.37 -10.05 45.28
N MET A 277 -10.07 -10.23 45.56
CA MET A 277 -9.02 -10.02 44.54
C MET A 277 -9.17 -10.92 43.30
N ILE A 278 -9.19 -12.23 43.50
CA ILE A 278 -9.32 -13.15 42.38
C ILE A 278 -10.54 -12.75 41.58
N THR A 279 -11.62 -12.43 42.28
CA THR A 279 -12.83 -11.92 41.66
C THR A 279 -12.54 -10.71 40.79
N ASN A 280 -11.93 -9.67 41.36
CA ASN A 280 -11.69 -8.43 40.63
C ASN A 280 -10.86 -8.65 39.38
N LEU A 281 -9.82 -9.49 39.47
CA LEU A 281 -8.98 -9.77 38.31
C LEU A 281 -9.81 -10.36 37.21
N LEU A 282 -10.70 -11.27 37.57
CA LEU A 282 -11.62 -11.87 36.58
C LEU A 282 -12.51 -10.79 35.97
N LYS A 283 -13.08 -9.95 36.82
CA LYS A 283 -13.91 -8.83 36.33
C LYS A 283 -13.10 -7.96 35.37
N HIS A 284 -11.86 -7.67 35.73
CA HIS A 284 -10.97 -6.90 34.88
C HIS A 284 -10.71 -7.54 33.56
N ILE A 285 -10.53 -8.86 33.56
CA ILE A 285 -10.25 -9.61 32.33
C ILE A 285 -11.44 -9.46 31.38
N ALA A 286 -12.64 -9.68 31.93
CA ALA A 286 -13.86 -9.49 31.19
C ALA A 286 -13.88 -8.08 30.57
N LYS A 287 -13.67 -7.06 31.38
CA LYS A 287 -13.65 -5.70 30.85
C LYS A 287 -12.61 -5.57 29.75
N ALA A 288 -11.47 -6.21 29.92
CA ALA A 288 -10.45 -6.16 28.89
C ALA A 288 -11.02 -6.72 27.57
N GLN A 289 -11.76 -7.83 27.65
CA GLN A 289 -12.33 -8.43 26.45
C GLN A 289 -13.37 -7.52 25.82
N GLU A 290 -14.29 -7.00 26.61
CA GLU A 290 -15.26 -6.03 26.07
C GLU A 290 -14.49 -4.85 25.45
N LEU A 291 -13.43 -4.40 26.10
CA LEU A 291 -12.56 -3.35 25.55
C LEU A 291 -11.96 -3.74 24.21
N TYR A 292 -11.48 -4.98 24.14
CA TYR A 292 -10.85 -5.48 22.92
C TYR A 292 -11.84 -5.53 21.77
N LYS A 293 -13.05 -6.04 22.03
CA LYS A 293 -14.09 -6.11 21.00
C LYS A 293 -14.28 -4.74 20.35
N ASN A 294 -14.40 -3.72 21.20
CA ASN A 294 -14.68 -2.39 20.71
C ASN A 294 -13.38 -1.68 20.47
N SER A 295 -12.29 -2.42 20.55
CA SER A 295 -11.05 -1.85 20.13
C SER A 295 -11.27 -1.27 18.75
N SER A 296 -10.95 0.02 18.59
CA SER A 296 -10.94 0.66 17.28
C SER A 296 -9.88 -0.04 16.42
N ALA A 297 -8.76 -0.42 17.05
CA ALA A 297 -7.68 -1.16 16.39
C ALA A 297 -8.21 -2.42 15.75
N LEU A 298 -8.95 -3.21 16.51
CA LEU A 298 -9.53 -4.42 16.01
C LEU A 298 -10.44 -4.10 14.83
N ARG A 299 -11.24 -3.05 14.97
CA ARG A 299 -12.15 -2.63 13.90
C ARG A 299 -11.39 -2.38 12.62
N ALA A 300 -10.31 -1.58 12.67
CA ALA A 300 -9.56 -1.35 11.46
C ALA A 300 -9.01 -2.65 10.91
N GLN A 301 -8.35 -3.46 11.72
CA GLN A 301 -7.86 -4.73 11.21
C GLN A 301 -8.98 -5.57 10.60
N SER A 302 -10.14 -5.55 11.24
CA SER A 302 -11.27 -6.38 10.79
C SER A 302 -11.96 -5.86 9.54
N ALA A 303 -11.69 -4.60 9.18
CA ALA A 303 -12.49 -3.94 8.14
C ALA A 303 -11.95 -4.06 6.73
N GLN A 304 -11.01 -4.98 6.49
CA GLN A 304 -10.35 -4.97 5.20
C GLN A 304 -10.97 -5.96 4.23
N ILE A 305 -11.27 -5.47 3.03
CA ILE A 305 -11.97 -6.25 2.02
C ILE A 305 -11.07 -7.39 1.67
N ASP A 306 -11.64 -8.58 1.67
CA ASP A 306 -11.00 -9.70 1.03
C ASP A 306 -11.56 -9.67 -0.37
N THR A 307 -10.71 -9.21 -1.28
CA THR A 307 -11.12 -8.89 -2.62
C THR A 307 -11.89 -10.02 -3.28
N ALA A 308 -11.32 -11.22 -3.28
CA ALA A 308 -12.00 -12.32 -3.94
C ALA A 308 -13.31 -12.64 -3.23
N PHE A 309 -13.29 -12.67 -1.90
CA PHE A 309 -14.47 -13.07 -1.17
C PHE A 309 -15.69 -12.18 -1.42
N SER A 310 -15.49 -10.87 -1.33
CA SER A 310 -16.58 -9.92 -1.56
C SER A 310 -17.05 -9.95 -2.99
N SER A 311 -16.11 -10.08 -3.92
CA SER A 311 -16.47 -10.07 -5.32
C SER A 311 -17.40 -11.26 -5.56
N TYR A 312 -17.07 -12.43 -5.01
CA TYR A 312 -18.02 -13.53 -5.09
C TYR A 312 -19.30 -13.26 -4.33
N TYR A 313 -19.19 -12.60 -3.18
CA TYR A 313 -20.37 -12.35 -2.40
C TYR A 313 -21.34 -11.56 -3.26
N TRP A 314 -20.83 -10.51 -3.87
CA TRP A 314 -21.67 -9.69 -4.75
C TRP A 314 -22.21 -10.45 -5.90
N LEU A 315 -21.41 -11.33 -6.48
CA LEU A 315 -21.91 -12.10 -7.58
C LEU A 315 -23.14 -12.82 -7.11
N TYR A 316 -23.00 -13.51 -5.98
CA TYR A 316 -24.05 -14.29 -5.40
C TYR A 316 -25.24 -13.41 -5.10
N LYS A 317 -24.96 -12.31 -4.44
CA LYS A 317 -26.03 -11.45 -3.97
C LYS A 317 -26.83 -10.96 -5.17
N ALA A 318 -26.13 -10.82 -6.30
CA ALA A 318 -26.70 -10.26 -7.51
C ALA A 318 -27.42 -11.27 -8.37
N GLY A 319 -27.37 -12.54 -7.99
CA GLY A 319 -28.04 -13.56 -8.79
C GLY A 319 -27.24 -14.14 -9.96
N VAL A 320 -25.96 -13.83 -10.02
CA VAL A 320 -25.14 -14.37 -11.10
C VAL A 320 -24.99 -15.86 -10.94
N THR A 321 -24.79 -16.55 -12.06
CA THR A 321 -24.69 -17.98 -12.09
C THR A 321 -23.52 -18.30 -13.00
N PRO A 322 -23.03 -19.54 -12.94
CA PRO A 322 -21.90 -19.96 -13.78
C PRO A 322 -22.18 -19.75 -15.25
N GLU A 323 -23.40 -20.05 -15.68
CA GLU A 323 -23.83 -19.90 -17.07
C GLU A 323 -23.83 -18.45 -17.45
N THR A 324 -24.18 -17.62 -16.49
CA THR A 324 -24.36 -16.23 -16.73
C THR A 324 -23.08 -15.42 -16.41
N PHE A 325 -22.10 -16.05 -15.79
CA PHE A 325 -20.92 -15.34 -15.31
C PHE A 325 -20.08 -14.67 -16.41
N PRO A 326 -19.97 -15.30 -17.58
CA PRO A 326 -19.15 -14.72 -18.61
C PRO A 326 -19.60 -13.32 -19.00
N THR A 327 -20.89 -13.03 -18.84
CA THR A 327 -21.42 -11.71 -19.14
C THR A 327 -20.85 -10.69 -18.19
N VAL A 328 -20.65 -11.09 -16.95
CA VAL A 328 -20.06 -10.20 -15.97
C VAL A 328 -18.61 -9.97 -16.32
N SER A 329 -17.93 -11.01 -16.77
CA SER A 329 -16.54 -10.82 -17.10
C SER A 329 -16.39 -9.81 -18.24
N GLN A 330 -17.31 -9.84 -19.20
CA GLN A 330 -17.24 -8.92 -20.30
C GLN A 330 -17.43 -7.52 -19.80
N PHE A 331 -18.41 -7.38 -18.92
CA PHE A 331 -18.79 -6.09 -18.42
C PHE A 331 -17.59 -5.50 -17.76
N LEU A 332 -16.95 -6.27 -16.90
CA LEU A 332 -15.83 -5.77 -16.19
C LEU A 332 -14.67 -5.57 -17.15
N PHE A 333 -14.53 -6.49 -18.08
CA PHE A 333 -13.37 -6.40 -18.92
C PHE A 333 -13.38 -5.09 -19.66
N GLU A 334 -14.57 -4.74 -20.14
CA GLU A 334 -14.74 -3.53 -20.90
C GLU A 334 -14.42 -2.29 -20.07
N LEU A 335 -14.71 -2.32 -18.78
CA LEU A 335 -14.46 -1.15 -17.93
C LEU A 335 -12.98 -0.86 -17.82
N GLY A 336 -12.18 -1.90 -17.73
CA GLY A 336 -10.72 -1.77 -17.61
C GLY A 336 -9.97 -1.33 -18.85
N LYS A 337 -10.55 -1.56 -20.02
CA LYS A 337 -9.86 -1.26 -21.27
C LYS A 337 -9.48 0.19 -21.38
N GLN A 338 -10.41 1.09 -21.16
CA GLN A 338 -10.07 2.52 -20.97
C GLN A 338 -11.10 3.06 -19.99
N PRO A 339 -10.76 4.16 -19.32
CA PRO A 339 -11.73 4.69 -18.34
C PRO A 339 -13.07 4.94 -19.02
N ARG A 340 -14.16 4.57 -18.36
CA ARG A 340 -15.47 4.78 -18.98
C ARG A 340 -16.35 5.77 -18.23
N GLY A 341 -15.94 6.15 -17.02
CA GLY A 341 -16.78 6.94 -16.14
C GLY A 341 -17.86 6.04 -15.59
N THR A 342 -18.56 6.47 -14.55
CA THR A 342 -19.45 5.55 -13.88
C THR A 342 -20.85 5.63 -14.44
N LYS A 343 -21.19 6.76 -15.03
CA LYS A 343 -22.49 6.92 -15.64
C LYS A 343 -22.67 5.84 -16.69
N LYS A 344 -21.68 5.65 -17.54
CA LYS A 344 -21.76 4.62 -18.57
C LYS A 344 -21.91 3.25 -17.92
N MET A 345 -21.09 2.97 -16.92
CA MET A 345 -21.19 1.72 -16.22
C MET A 345 -22.58 1.50 -15.62
N LYS A 346 -23.08 2.51 -14.90
CA LYS A 346 -24.42 2.44 -14.34
C LYS A 346 -25.41 2.21 -15.48
N LYS A 347 -25.20 2.88 -16.60
CA LYS A 347 -26.17 2.85 -17.68
C LYS A 347 -26.21 1.44 -18.19
N ALA A 348 -25.04 0.83 -18.33
CA ALA A 348 -24.94 -0.57 -18.76
C ALA A 348 -25.77 -1.46 -17.86
N LEU A 349 -25.58 -1.29 -16.55
CA LEU A 349 -26.26 -2.12 -15.58
C LEU A 349 -27.76 -1.97 -15.72
N LEU A 350 -28.22 -0.73 -15.88
CA LEU A 350 -29.64 -0.52 -16.00
C LEU A 350 -30.22 -0.98 -17.33
N SER A 351 -29.43 -0.89 -18.38
CA SER A 351 -29.89 -1.23 -19.72
C SER A 351 -30.00 -2.72 -20.00
N THR A 352 -29.03 -3.51 -19.56
CA THR A 352 -28.93 -4.90 -20.03
C THR A 352 -30.14 -5.78 -19.66
N PRO A 353 -30.52 -6.73 -20.53
CA PRO A 353 -31.58 -7.71 -20.26
C PRO A 353 -31.17 -8.73 -19.20
N MET A 354 -29.88 -8.84 -18.98
CA MET A 354 -29.38 -9.67 -17.92
C MET A 354 -30.05 -9.25 -16.61
N LYS A 355 -30.62 -10.22 -15.92
CA LYS A 355 -31.32 -9.90 -14.68
C LYS A 355 -30.40 -9.40 -13.59
N TRP A 356 -29.19 -9.95 -13.54
CA TRP A 356 -28.26 -9.55 -12.52
C TRP A 356 -27.85 -8.12 -12.64
N GLY A 357 -28.04 -7.54 -13.81
CA GLY A 357 -27.67 -6.15 -13.98
C GLY A 357 -28.27 -5.19 -12.97
N LYS A 358 -29.59 -5.19 -12.87
CA LYS A 358 -30.28 -4.30 -11.95
C LYS A 358 -30.09 -4.74 -10.52
N LYS A 359 -30.07 -6.05 -10.29
CA LYS A 359 -29.76 -6.56 -8.96
C LYS A 359 -28.45 -6.00 -8.41
N LEU A 360 -27.35 -6.20 -9.14
CA LEU A 360 -26.07 -5.70 -8.70
C LEU A 360 -26.13 -4.21 -8.45
N TYR A 361 -26.85 -3.51 -9.30
CA TYR A 361 -27.02 -2.07 -9.19
C TYR A 361 -27.63 -1.68 -7.86
N GLU A 362 -28.62 -2.46 -7.39
CA GLU A 362 -29.28 -2.21 -6.10
C GLU A 362 -28.31 -2.27 -4.94
N LEU A 363 -27.34 -3.15 -5.00
CA LEU A 363 -26.35 -3.26 -3.92
C LEU A 363 -25.49 -2.02 -3.70
N PHE A 364 -25.40 -1.15 -4.71
CA PHE A 364 -24.58 0.05 -4.61
C PHE A 364 -25.02 0.94 -3.47
N ALA A 365 -24.09 1.23 -2.58
CA ALA A 365 -24.42 2.05 -1.45
C ALA A 365 -23.91 3.46 -1.63
N ASP A 366 -23.39 3.80 -2.80
CA ASP A 366 -22.76 5.10 -2.98
C ASP A 366 -23.64 6.20 -2.46
N ASP A 367 -24.94 6.03 -2.64
CA ASP A 367 -25.91 7.04 -2.31
C ASP A 367 -26.64 6.80 -0.96
N SER A 368 -26.31 5.73 -0.24
CA SER A 368 -27.00 5.39 1.02
C SER A 368 -26.17 5.60 2.25
N PHE A 369 -24.86 5.53 2.11
CA PHE A 369 -24.03 5.45 3.27
C PHE A 369 -23.76 6.84 3.79
N GLN A 370 -24.12 7.06 5.05
CA GLN A 370 -23.97 8.39 5.63
C GLN A 370 -22.83 8.56 6.62
N GLN A 371 -21.93 7.59 6.70
CA GLN A 371 -20.88 7.64 7.69
C GLN A 371 -19.62 7.82 6.93
N ASN A 372 -18.59 8.30 7.60
CA ASN A 372 -17.31 8.36 6.93
C ASN A 372 -17.01 7.02 6.27
N ARG A 373 -16.51 7.11 5.04
CA ARG A 373 -16.40 5.97 4.16
C ARG A 373 -15.59 4.85 4.71
N ILE A 374 -14.52 5.18 5.42
CA ILE A 374 -13.68 4.18 6.06
C ILE A 374 -14.47 3.23 6.94
N TYR A 375 -15.57 3.70 7.52
CA TYR A 375 -16.36 2.83 8.39
C TYR A 375 -17.22 1.83 7.69
N MET A 376 -17.28 1.91 6.37
CA MET A 376 -18.13 1.02 5.62
C MET A 376 -17.71 -0.42 5.77
N HIS A 377 -18.68 -1.31 5.90
CA HIS A 377 -18.41 -2.72 5.88
C HIS A 377 -17.69 -3.11 4.60
N PRO A 378 -16.86 -4.17 4.62
CA PRO A 378 -16.23 -4.62 3.36
C PRO A 378 -17.07 -5.58 2.50
N ALA A 379 -18.35 -5.74 2.79
CA ALA A 379 -19.19 -6.56 1.92
C ALA A 379 -20.21 -5.67 1.27
N VAL A 380 -20.00 -4.37 1.36
CA VAL A 380 -20.97 -3.46 0.81
C VAL A 380 -20.43 -2.90 -0.47
N LEU A 381 -21.25 -2.99 -1.49
CA LEU A 381 -20.81 -2.63 -2.79
C LEU A 381 -20.95 -1.16 -3.04
N THR A 382 -19.93 -0.57 -3.63
CA THR A 382 -20.02 0.79 -4.10
C THR A 382 -19.46 0.78 -5.48
N ALA A 383 -19.77 1.80 -6.26
CA ALA A 383 -19.17 1.97 -7.56
C ALA A 383 -17.67 1.85 -7.50
N GLY A 384 -17.04 2.52 -6.56
CA GLY A 384 -15.61 2.43 -6.50
C GLY A 384 -15.12 1.00 -6.34
N ARG A 385 -15.87 0.20 -5.59
CA ARG A 385 -15.43 -1.15 -5.26
C ARG A 385 -15.67 -2.09 -6.41
N ILE A 386 -16.37 -1.61 -7.42
CA ILE A 386 -16.57 -2.41 -8.61
C ILE A 386 -15.19 -2.83 -9.08
N SER A 387 -14.21 -2.01 -8.74
CA SER A 387 -12.85 -2.28 -9.12
C SER A 387 -12.34 -3.58 -8.47
N GLU A 388 -12.86 -3.93 -7.31
CA GLU A 388 -12.44 -5.16 -6.66
C GLU A 388 -12.83 -6.33 -7.53
N MET A 389 -14.06 -6.32 -8.00
CA MET A 389 -14.54 -7.38 -8.85
C MET A 389 -13.79 -7.38 -10.15
N GLY A 390 -13.49 -6.20 -10.66
CA GLY A 390 -12.88 -6.14 -11.96
C GLY A 390 -11.59 -6.92 -12.00
N VAL A 391 -10.74 -6.76 -10.99
CA VAL A 391 -9.50 -7.48 -10.98
C VAL A 391 -9.80 -8.98 -10.96
N CYS A 392 -10.83 -9.36 -10.23
CA CYS A 392 -11.17 -10.78 -10.13
C CYS A 392 -11.56 -11.39 -11.44
N PHE A 393 -12.49 -10.74 -12.12
CA PHE A 393 -13.02 -11.28 -13.35
C PHE A 393 -12.76 -10.39 -14.55
N GLY A 394 -12.24 -9.20 -14.33
CA GLY A 394 -12.17 -8.19 -15.38
C GLY A 394 -10.95 -8.20 -16.28
N THR A 395 -9.84 -8.76 -15.80
CA THR A 395 -8.60 -8.76 -16.60
C THR A 395 -8.65 -9.66 -17.82
N ILE A 396 -9.34 -10.79 -17.70
CA ILE A 396 -9.56 -11.71 -18.81
C ILE A 396 -11.05 -11.88 -19.06
N PRO A 397 -11.50 -11.59 -20.30
CA PRO A 397 -12.88 -11.79 -20.65
C PRO A 397 -13.01 -13.28 -20.86
N VAL A 398 -13.69 -13.90 -19.92
CA VAL A 398 -13.70 -15.35 -19.85
C VAL A 398 -14.26 -16.00 -21.14
N ALA A 399 -15.16 -15.32 -21.86
CA ALA A 399 -15.70 -15.89 -23.09
C ALA A 399 -14.66 -15.93 -24.18
N ASN A 400 -13.77 -14.94 -24.23
CA ASN A 400 -12.72 -14.94 -25.21
C ASN A 400 -11.39 -14.53 -24.65
N PRO A 401 -10.76 -15.44 -23.89
CA PRO A 401 -9.62 -15.11 -23.06
C PRO A 401 -8.48 -14.41 -23.80
N ASP A 402 -8.35 -14.57 -25.10
CA ASP A 402 -7.22 -13.91 -25.75
C ASP A 402 -7.38 -12.41 -25.77
N ASP A 403 -8.61 -11.94 -25.87
CA ASP A 403 -8.84 -10.51 -25.88
C ASP A 403 -8.21 -9.84 -24.65
N ALA A 404 -7.74 -10.68 -23.70
CA ALA A 404 -7.00 -10.26 -22.48
C ALA A 404 -5.71 -9.60 -22.84
N ALA A 405 -5.10 -10.17 -23.87
CA ALA A 405 -3.87 -9.68 -24.44
C ALA A 405 -4.04 -8.25 -24.79
N GLN A 406 -5.28 -7.85 -24.95
CA GLN A 406 -5.52 -6.46 -25.32
C GLN A 406 -5.25 -5.50 -24.17
N GLY A 407 -5.51 -5.96 -22.95
CA GLY A 407 -5.16 -5.23 -21.73
C GLY A 407 -6.38 -4.62 -21.04
N SER A 408 -6.60 -4.97 -19.77
CA SER A 408 -7.68 -4.38 -18.95
C SER A 408 -7.16 -4.01 -17.57
N GLY A 409 -7.30 -2.73 -17.22
CA GLY A 409 -6.58 -2.24 -16.05
C GLY A 409 -7.48 -2.22 -14.85
N HIS A 410 -7.02 -2.80 -13.73
CA HIS A 410 -7.66 -2.75 -12.40
C HIS A 410 -6.70 -2.62 -11.23
N THR A 411 -7.13 -1.95 -10.18
CA THR A 411 -6.21 -1.42 -9.19
C THR A 411 -5.30 -2.44 -8.54
N LYS A 412 -5.85 -3.54 -8.09
CA LYS A 412 -4.99 -4.49 -7.44
C LYS A 412 -4.15 -5.24 -8.48
N SER A 413 -4.47 -5.06 -9.77
CA SER A 413 -3.58 -5.52 -10.86
C SER A 413 -2.22 -4.89 -10.51
N ILE A 414 -2.29 -3.67 -10.00
CA ILE A 414 -1.09 -2.94 -9.58
C ILE A 414 -0.30 -3.69 -8.56
N LEU A 415 -0.97 -4.42 -7.67
CA LEU A 415 -0.23 -5.09 -6.62
C LEU A 415 0.73 -6.11 -7.18
N ASN A 416 0.47 -6.55 -8.39
CA ASN A 416 1.31 -7.53 -9.04
C ASN A 416 2.67 -7.02 -9.53
N LEU A 417 2.92 -5.72 -9.44
CA LEU A 417 4.22 -5.18 -9.77
C LEU A 417 5.25 -5.62 -8.73
N ARG A 418 6.51 -5.63 -9.11
CA ARG A 418 7.54 -6.16 -8.22
C ARG A 418 8.07 -5.11 -7.29
N THR A 419 8.29 -5.52 -6.04
CA THR A 419 8.91 -4.69 -5.03
C THR A 419 10.44 -4.81 -5.03
N ASN A 420 10.94 -6.01 -5.28
CA ASN A 420 12.36 -6.31 -5.08
C ASN A 420 13.33 -5.34 -5.75
N THR A 421 14.41 -5.08 -5.02
CA THR A 421 15.37 -4.04 -5.33
C THR A 421 16.06 -4.22 -6.68
N GLU A 422 16.37 -5.47 -7.04
CA GLU A 422 17.07 -5.79 -8.29
C GLU A 422 16.36 -5.18 -9.50
N THR A 423 15.03 -5.19 -9.46
CA THR A 423 14.27 -4.59 -10.53
C THR A 423 13.93 -3.12 -10.26
N ASN A 424 14.33 -2.61 -9.10
CA ASN A 424 14.23 -1.18 -8.80
C ASN A 424 12.89 -0.84 -8.18
N ASN A 425 12.22 -1.84 -7.61
CA ASN A 425 10.90 -1.66 -7.00
C ASN A 425 9.92 -0.86 -7.83
N PRO A 426 9.53 -1.40 -9.00
CA PRO A 426 8.64 -0.70 -9.89
C PRO A 426 7.27 -0.50 -9.25
N CYS A 427 6.86 -1.43 -8.39
CA CYS A 427 5.58 -1.34 -7.73
C CYS A 427 5.41 -0.04 -6.95
N ALA A 428 6.29 0.17 -5.98
CA ALA A 428 6.24 1.37 -5.18
C ALA A 428 6.48 2.63 -6.03
N LYS A 429 7.44 2.57 -6.96
CA LYS A 429 7.65 3.70 -7.87
C LYS A 429 6.31 4.09 -8.51
N THR A 430 5.58 3.11 -9.02
CA THR A 430 4.29 3.33 -9.68
C THR A 430 3.24 3.89 -8.72
N ILE A 431 3.14 3.28 -7.54
CA ILE A 431 2.16 3.73 -6.55
C ILE A 431 2.35 5.20 -6.22
N VAL A 432 3.60 5.56 -5.97
CA VAL A 432 3.91 6.90 -5.58
C VAL A 432 3.45 7.90 -6.61
N LYS A 433 3.75 7.62 -7.88
CA LYS A 433 3.37 8.54 -8.95
C LYS A 433 1.88 8.76 -8.97
N LEU A 434 1.12 7.68 -8.78
CA LEU A 434 -0.34 7.80 -8.71
C LEU A 434 -0.73 8.81 -7.66
N PHE A 435 -0.15 8.62 -6.47
CA PHE A 435 -0.34 9.51 -5.37
C PHE A 435 0.02 10.93 -5.80
N GLU A 436 1.19 11.09 -6.42
CA GLU A 436 1.65 12.41 -6.83
C GLU A 436 0.66 13.08 -7.74
N VAL A 437 0.13 12.30 -8.69
CA VAL A 437 -0.82 12.81 -9.64
C VAL A 437 -2.07 13.25 -8.91
N GLN A 438 -2.55 12.40 -8.02
CA GLN A 438 -3.72 12.73 -7.27
C GLN A 438 -3.46 13.97 -6.42
N LYS A 439 -2.27 14.09 -5.82
CA LYS A 439 -2.03 15.17 -4.87
C LYS A 439 -1.99 16.49 -5.61
N THR A 440 -1.37 16.50 -6.79
CA THR A 440 -1.35 17.71 -7.59
C THR A 440 -2.74 18.16 -8.10
N GLY A 441 -3.64 17.24 -8.29
CA GLY A 441 -4.97 17.67 -8.69
C GLY A 441 -5.88 18.06 -7.53
N PHE A 442 -5.76 17.33 -6.42
CA PHE A 442 -6.73 17.41 -5.33
C PHE A 442 -6.15 17.59 -3.94
N ASN A 443 -6.99 18.10 -3.08
CA ASN A 443 -6.65 18.41 -1.73
C ASN A 443 -6.77 17.09 -1.00
N ILE A 444 -5.65 16.37 -0.97
CA ILE A 444 -5.64 15.00 -0.47
C ILE A 444 -5.98 14.89 1.00
N GLN A 445 -5.50 15.85 1.79
CA GLN A 445 -5.66 15.80 3.22
C GLN A 445 -7.14 15.68 3.57
N ASP A 446 -7.97 16.31 2.76
CA ASP A 446 -9.42 16.31 2.97
C ASP A 446 -10.13 14.97 2.68
N MET A 447 -9.63 14.20 1.72
CA MET A 447 -10.30 12.97 1.27
C MET A 447 -10.43 11.90 2.35
N ASP A 448 -11.59 11.24 2.39
CA ASP A 448 -11.86 10.14 3.29
C ASP A 448 -10.86 9.01 3.05
N ILE A 449 -10.67 8.70 1.78
CA ILE A 449 -9.92 7.54 1.33
C ILE A 449 -8.95 7.96 0.24
N VAL A 450 -7.68 7.63 0.41
CA VAL A 450 -6.70 7.84 -0.63
C VAL A 450 -6.21 6.48 -1.16
N ALA A 451 -6.59 6.15 -2.39
CA ALA A 451 -6.27 4.84 -2.93
C ALA A 451 -4.77 4.51 -2.89
N SER A 452 -3.93 5.47 -3.24
CA SER A 452 -2.50 5.22 -3.26
C SER A 452 -2.04 4.74 -1.88
N GLU A 453 -2.55 5.38 -0.85
CA GLU A 453 -2.11 5.04 0.49
C GLU A 453 -2.50 3.63 0.85
N HIS A 454 -3.74 3.27 0.50
CA HIS A 454 -4.21 1.93 0.82
C HIS A 454 -3.34 0.91 0.17
N LEU A 455 -3.05 1.10 -1.10
CA LEU A 455 -2.20 0.18 -1.83
C LEU A 455 -0.84 0.04 -1.18
N LEU A 456 -0.26 1.19 -0.86
CA LEU A 456 1.06 1.23 -0.28
C LEU A 456 1.12 0.48 1.03
N HIS A 457 0.19 0.79 1.92
CA HIS A 457 0.07 0.08 3.16
C HIS A 457 0.02 -1.40 2.85
N GLN A 458 -0.78 -1.79 1.87
CA GLN A 458 -0.95 -3.22 1.56
C GLN A 458 0.33 -3.87 1.11
N SER A 459 1.11 -3.19 0.28
CA SER A 459 2.38 -3.75 -0.16
C SER A 459 3.32 -3.91 1.03
N LEU A 460 3.35 -2.92 1.91
CA LEU A 460 4.23 -2.92 3.08
C LEU A 460 3.92 -4.09 3.98
N VAL A 461 2.65 -4.40 4.15
CA VAL A 461 2.27 -5.60 4.87
C VAL A 461 2.77 -6.83 4.11
N GLY A 462 3.28 -6.63 2.89
CA GLY A 462 3.84 -7.72 2.11
C GLY A 462 2.89 -8.44 1.16
N LYS A 463 1.69 -7.90 0.94
CA LYS A 463 0.81 -8.44 -0.10
C LYS A 463 1.46 -8.31 -1.45
N GLN A 464 1.44 -9.39 -2.22
CA GLN A 464 2.05 -9.36 -3.55
C GLN A 464 1.04 -9.75 -4.63
N SER A 465 -0.15 -10.14 -4.19
CA SER A 465 -1.25 -10.49 -5.06
C SER A 465 -2.54 -9.86 -4.52
N PRO A 466 -3.47 -9.51 -5.42
CA PRO A 466 -4.82 -9.08 -5.07
C PRO A 466 -5.55 -10.16 -4.31
N PHE A 467 -5.12 -11.39 -4.51
CA PHE A 467 -5.85 -12.53 -4.03
C PHE A 467 -5.35 -13.08 -2.71
N GLN A 468 -4.27 -12.53 -2.19
CA GLN A 468 -3.83 -12.95 -0.88
C GLN A 468 -4.73 -12.27 0.15
N ASN A 469 -4.95 -12.97 1.26
CA ASN A 469 -5.73 -12.41 2.33
C ASN A 469 -4.83 -12.05 3.49
N ALA A 470 -4.97 -10.82 4.00
CA ALA A 470 -4.02 -10.31 4.99
C ALA A 470 -4.64 -10.06 6.36
N TYR A 471 -5.79 -10.67 6.61
CA TYR A 471 -6.47 -10.48 7.88
C TYR A 471 -5.59 -10.90 9.04
N ASN A 472 -4.99 -12.08 8.94
CA ASN A 472 -4.13 -12.62 9.98
C ASN A 472 -2.83 -11.88 10.17
N VAL A 473 -2.25 -11.38 9.08
CA VAL A 473 -1.01 -10.62 9.11
C VAL A 473 -1.18 -9.46 10.06
N LYS A 474 -0.45 -9.46 11.17
CA LYS A 474 -0.55 -8.39 12.15
C LYS A 474 0.73 -7.61 12.14
N GLY A 475 0.62 -6.28 12.05
CA GLY A 475 1.80 -5.44 11.98
C GLY A 475 1.69 -4.01 12.42
N ASN A 476 2.75 -3.58 13.09
CA ASN A 476 2.86 -2.24 13.67
C ASN A 476 2.61 -1.09 12.66
N ALA A 477 3.32 -1.10 11.52
CA ALA A 477 3.20 -0.06 10.48
C ALA A 477 2.67 -0.63 9.15
N GLU B 3 -19.90 1.03 -95.04
CA GLU B 3 -20.73 -0.06 -94.46
C GLU B 3 -19.87 -1.02 -93.59
N ASN B 4 -20.50 -1.89 -92.80
CA ASN B 4 -19.76 -2.77 -91.86
C ASN B 4 -19.31 -4.12 -92.46
N LYS B 5 -17.99 -4.33 -92.55
CA LYS B 5 -17.45 -5.58 -93.12
C LYS B 5 -17.25 -6.71 -92.11
N ILE B 6 -18.04 -6.74 -91.04
CA ILE B 6 -18.00 -7.87 -90.12
C ILE B 6 -19.43 -8.34 -89.96
N GLU B 7 -19.78 -9.40 -90.69
CA GLU B 7 -21.10 -9.97 -90.53
C GLU B 7 -20.92 -11.08 -89.54
N VAL B 8 -21.41 -10.89 -88.32
CA VAL B 8 -21.50 -12.00 -87.37
C VAL B 8 -22.81 -11.86 -86.63
N ASN B 9 -23.50 -13.00 -86.47
CA ASN B 9 -24.80 -13.07 -85.76
C ASN B 9 -24.80 -14.09 -84.65
N ASN B 10 -23.73 -14.87 -84.58
CA ASN B 10 -23.56 -15.83 -83.51
C ASN B 10 -22.09 -16.19 -83.33
N LYS B 11 -21.82 -17.00 -82.29
CA LYS B 11 -20.47 -17.48 -82.00
C LYS B 11 -19.85 -18.21 -83.21
N ASP B 12 -20.62 -19.02 -83.92
CA ASP B 12 -20.05 -19.77 -85.02
C ASP B 12 -19.54 -18.88 -86.15
N GLU B 13 -20.38 -17.96 -86.62
CA GLU B 13 -19.96 -17.07 -87.71
C GLU B 13 -18.70 -16.38 -87.22
N MET B 14 -18.77 -15.94 -85.97
CA MET B 14 -17.66 -15.28 -85.32
C MET B 14 -16.39 -16.10 -85.36
N ASN B 15 -16.51 -17.40 -85.09
CA ASN B 15 -15.36 -18.29 -85.09
C ASN B 15 -14.73 -18.42 -86.44
N ARG B 16 -15.58 -18.60 -87.45
CA ARG B 16 -15.11 -18.70 -88.83
C ARG B 16 -14.45 -17.40 -89.21
N TRP B 17 -15.14 -16.29 -88.97
CA TRP B 17 -14.63 -14.95 -89.23
C TRP B 17 -13.26 -14.77 -88.61
N PHE B 18 -13.14 -15.10 -87.33
CA PHE B 18 -11.85 -14.94 -86.66
C PHE B 18 -10.78 -15.78 -87.30
N GLU B 19 -11.07 -17.05 -87.57
CA GLU B 19 -10.02 -17.93 -88.00
C GLU B 19 -9.42 -17.37 -89.26
N GLU B 20 -10.30 -16.93 -90.16
CA GLU B 20 -9.89 -16.37 -91.44
C GLU B 20 -8.91 -15.25 -91.15
N PHE B 21 -9.32 -14.41 -90.21
CA PHE B 21 -8.55 -13.25 -89.90
C PHE B 21 -7.19 -13.59 -89.32
N LYS B 22 -7.12 -14.56 -88.40
CA LYS B 22 -5.85 -14.90 -87.72
C LYS B 22 -4.89 -15.34 -88.79
N LYS B 23 -5.41 -16.19 -89.67
CA LYS B 23 -4.67 -16.72 -90.79
C LYS B 23 -4.17 -15.59 -91.68
N GLY B 24 -5.06 -14.67 -92.04
CA GLY B 24 -4.74 -13.49 -92.87
C GLY B 24 -3.74 -12.54 -92.23
N ASN B 25 -3.81 -12.37 -90.91
CA ASN B 25 -2.95 -11.38 -90.26
C ASN B 25 -1.88 -11.90 -89.29
N GLY B 26 -1.87 -13.20 -89.06
CA GLY B 26 -0.87 -13.83 -88.20
C GLY B 26 -0.84 -13.24 -86.81
N LEU B 27 -1.92 -13.44 -86.06
CA LEU B 27 -1.98 -13.01 -84.69
C LEU B 27 -1.26 -13.98 -83.74
N VAL B 28 -0.68 -13.42 -82.67
CA VAL B 28 0.07 -14.14 -81.65
C VAL B 28 -0.60 -13.95 -80.29
N ASP B 29 -0.56 -14.97 -79.46
CA ASP B 29 -1.09 -14.85 -78.11
C ASP B 29 -0.02 -15.02 -77.06
N THR B 30 1.24 -14.77 -77.43
CA THR B 30 2.32 -14.88 -76.47
C THR B 30 2.20 -13.83 -75.36
N PHE B 31 2.08 -12.56 -75.72
CA PHE B 31 2.10 -11.52 -74.70
C PHE B 31 0.72 -11.08 -74.27
N THR B 32 -0.29 -11.76 -74.80
CA THR B 32 -1.64 -11.29 -74.64
C THR B 32 -2.60 -12.42 -74.26
N ASN B 33 -3.56 -12.13 -73.38
CA ASN B 33 -4.57 -13.12 -73.03
C ASN B 33 -5.40 -13.54 -74.22
N SER B 34 -5.65 -12.61 -75.11
CA SER B 34 -6.44 -12.89 -76.31
C SER B 34 -5.62 -12.60 -77.55
N TYR B 35 -5.96 -13.25 -78.66
CA TYR B 35 -5.14 -13.09 -79.86
C TYR B 35 -5.06 -11.65 -80.35
N SER B 36 -3.81 -11.18 -80.57
CA SER B 36 -3.49 -9.77 -80.78
C SER B 36 -2.31 -9.61 -81.73
N PHE B 37 -1.97 -8.37 -82.04
CA PHE B 37 -0.80 -8.05 -82.88
C PHE B 37 0.54 -7.85 -82.16
N CYS B 38 0.54 -8.12 -80.86
CA CYS B 38 1.69 -7.80 -80.05
C CYS B 38 2.75 -8.88 -80.16
N GLU B 39 3.65 -8.67 -81.12
CA GLU B 39 4.77 -9.55 -81.32
C GLU B 39 5.71 -9.40 -80.14
N SER B 40 5.98 -8.14 -79.77
CA SER B 40 6.93 -7.82 -78.71
C SER B 40 6.30 -6.91 -77.66
N VAL B 41 6.58 -7.19 -76.37
CA VAL B 41 6.04 -6.37 -75.27
C VAL B 41 6.52 -4.95 -75.43
N PRO B 42 5.63 -4.00 -75.17
CA PRO B 42 5.97 -2.59 -75.34
C PRO B 42 6.96 -2.16 -74.26
N ASN B 43 7.93 -1.34 -74.64
CA ASN B 43 8.90 -0.79 -73.69
C ASN B 43 8.66 0.68 -73.59
N LEU B 44 8.61 1.20 -72.37
CA LEU B 44 8.30 2.61 -72.20
C LEU B 44 9.40 3.40 -71.51
N ASP B 45 10.47 2.72 -71.08
CA ASP B 45 11.54 3.35 -70.29
C ASP B 45 11.95 4.69 -70.84
N ARG B 46 12.15 4.75 -72.16
CA ARG B 46 12.57 6.00 -72.75
C ARG B 46 11.54 7.09 -72.46
N PHE B 47 10.26 6.74 -72.38
CA PHE B 47 9.23 7.74 -72.14
C PHE B 47 9.36 8.48 -70.81
N VAL B 48 9.83 7.78 -69.76
CA VAL B 48 10.02 8.42 -68.44
C VAL B 48 11.11 9.49 -68.55
N PHE B 49 12.25 9.12 -69.12
CA PHE B 49 13.37 10.03 -69.33
C PHE B 49 12.87 11.20 -70.16
N GLN B 50 12.09 10.88 -71.18
CA GLN B 50 11.53 11.90 -72.04
C GLN B 50 10.71 12.87 -71.21
N MET B 51 9.89 12.33 -70.32
CA MET B 51 9.10 13.13 -69.41
C MET B 51 9.97 14.03 -68.55
N ALA B 52 10.97 13.46 -67.89
CA ALA B 52 11.84 14.24 -66.99
C ALA B 52 12.47 15.46 -67.69
N SER B 53 12.83 15.31 -68.96
CA SER B 53 13.45 16.40 -69.71
C SER B 53 12.39 17.36 -70.25
N ALA B 54 11.12 16.98 -70.14
CA ALA B 54 10.05 17.86 -70.56
C ALA B 54 10.06 19.09 -69.69
N THR B 55 9.80 20.23 -70.30
CA THR B 55 9.74 21.49 -69.57
C THR B 55 8.31 22.01 -69.57
N ASP B 56 7.69 21.95 -70.75
CA ASP B 56 6.38 22.51 -70.98
C ASP B 56 5.29 21.48 -70.70
N ASP B 57 4.14 21.97 -70.25
CA ASP B 57 3.02 21.13 -69.88
C ASP B 57 2.36 20.37 -71.04
N ALA B 58 2.24 21.01 -72.20
CA ALA B 58 1.74 20.32 -73.37
C ALA B 58 2.69 19.19 -73.78
N GLN B 59 4.00 19.49 -73.74
CA GLN B 59 5.05 18.46 -73.93
C GLN B 59 4.75 17.28 -73.02
N LYS B 60 4.37 17.58 -71.78
CA LYS B 60 4.05 16.57 -70.79
C LYS B 60 2.92 15.65 -71.22
N ASP B 61 1.86 16.23 -71.79
CA ASP B 61 0.67 15.49 -72.23
C ASP B 61 0.93 14.55 -73.38
N SER B 62 1.48 15.09 -74.46
CA SER B 62 1.84 14.25 -75.60
C SER B 62 2.76 13.13 -75.11
N ILE B 63 3.74 13.43 -74.27
CA ILE B 63 4.62 12.36 -73.78
C ILE B 63 3.79 11.24 -73.17
N TYR B 64 2.81 11.62 -72.37
CA TYR B 64 1.96 10.66 -71.74
C TYR B 64 1.19 9.87 -72.80
N ALA B 65 0.56 10.59 -73.71
CA ALA B 65 -0.24 9.96 -74.75
C ALA B 65 0.59 8.97 -75.61
N SER B 66 1.80 9.36 -76.00
CA SER B 66 2.59 8.49 -76.87
C SER B 66 2.91 7.19 -76.14
N ALA B 67 3.31 7.31 -74.87
CA ALA B 67 3.61 6.15 -74.04
C ALA B 67 2.37 5.28 -73.93
N LEU B 68 1.25 5.94 -73.68
CA LEU B 68 -0.02 5.25 -73.62
C LEU B 68 -0.18 4.52 -74.92
N VAL B 69 0.05 5.20 -76.04
CA VAL B 69 -0.11 4.56 -77.35
C VAL B 69 0.83 3.37 -77.57
N GLU B 70 2.04 3.40 -77.02
CA GLU B 70 2.90 2.22 -77.11
C GLU B 70 2.19 0.95 -76.67
N ALA B 71 1.81 0.92 -75.39
CA ALA B 71 1.14 -0.23 -74.80
C ALA B 71 -0.15 -0.57 -75.51
N THR B 72 -0.99 0.43 -75.64
CA THR B 72 -2.25 0.28 -76.30
C THR B 72 -2.17 -0.11 -77.78
N LYS B 73 -1.16 0.40 -78.50
CA LYS B 73 -1.15 0.31 -79.98
C LYS B 73 -1.32 -1.10 -80.48
N PHE B 74 -0.63 -2.08 -79.91
CA PHE B 74 -0.71 -3.37 -80.57
C PHE B 74 -1.42 -4.50 -79.88
N CYS B 75 -2.05 -4.22 -78.75
CA CYS B 75 -2.53 -5.29 -77.86
C CYS B 75 -4.01 -5.58 -77.86
N ALA B 76 -4.75 -4.93 -78.75
CA ALA B 76 -6.20 -5.10 -78.76
C ALA B 76 -6.48 -6.57 -78.88
N PRO B 77 -7.41 -7.07 -78.05
CA PRO B 77 -7.84 -8.46 -78.13
C PRO B 77 -8.87 -8.58 -79.25
N ILE B 78 -8.41 -8.99 -80.42
CA ILE B 78 -9.21 -8.89 -81.63
C ILE B 78 -10.47 -9.70 -81.63
N TYR B 79 -10.35 -10.97 -81.26
CA TYR B 79 -11.54 -11.78 -81.23
C TYR B 79 -12.69 -11.00 -80.54
N GLU B 80 -12.41 -10.50 -79.35
CA GLU B 80 -13.42 -9.83 -78.53
C GLU B 80 -13.90 -8.50 -79.09
N CYS B 81 -12.99 -7.64 -79.54
CA CYS B 81 -13.42 -6.36 -80.11
C CYS B 81 -14.24 -6.59 -81.39
N ALA B 82 -13.80 -7.54 -82.22
CA ALA B 82 -14.56 -7.91 -83.40
C ALA B 82 -16.00 -8.26 -83.01
N TRP B 83 -16.12 -9.12 -82.00
CA TRP B 83 -17.43 -9.57 -81.57
C TRP B 83 -18.30 -8.40 -81.19
N VAL B 84 -17.71 -7.49 -80.42
CA VAL B 84 -18.38 -6.29 -79.89
C VAL B 84 -18.83 -5.37 -81.02
N SER B 85 -17.95 -5.20 -82.01
CA SER B 85 -18.22 -4.37 -83.17
C SER B 85 -18.90 -5.18 -84.29
N SER B 86 -19.22 -6.45 -84.02
CA SER B 86 -19.96 -7.32 -84.95
C SER B 86 -21.27 -6.68 -85.34
N THR B 87 -21.75 -7.02 -86.52
CA THR B 87 -23.01 -6.47 -87.04
C THR B 87 -24.18 -6.83 -86.17
N GLY B 88 -24.21 -8.09 -85.74
CA GLY B 88 -25.28 -8.59 -84.88
C GLY B 88 -25.39 -7.82 -83.58
N ILE B 89 -24.27 -7.74 -82.87
CA ILE B 89 -24.22 -7.04 -81.59
C ILE B 89 -24.72 -5.62 -81.72
N VAL B 90 -24.28 -5.00 -82.80
CA VAL B 90 -24.60 -3.63 -83.07
C VAL B 90 -26.11 -3.46 -83.22
N LYS B 91 -26.75 -4.35 -83.97
CA LYS B 91 -28.20 -4.31 -84.14
C LYS B 91 -28.84 -4.42 -82.76
N LYS B 92 -28.52 -5.53 -82.10
CA LYS B 92 -29.16 -5.84 -80.83
C LYS B 92 -28.80 -4.77 -79.80
N GLY B 93 -27.51 -4.42 -79.72
CA GLY B 93 -27.03 -3.41 -78.78
C GLY B 93 -27.83 -2.12 -78.84
N LEU B 94 -27.98 -1.54 -80.02
CA LEU B 94 -28.73 -0.30 -80.14
C LEU B 94 -30.23 -0.50 -79.98
N GLU B 95 -30.78 -1.56 -80.56
CA GLU B 95 -32.21 -1.86 -80.41
C GLU B 95 -32.64 -2.05 -78.95
N TRP B 96 -31.77 -2.63 -78.14
CA TRP B 96 -32.08 -2.89 -76.74
C TRP B 96 -32.55 -1.65 -76.05
N PHE B 97 -31.87 -0.53 -76.32
CA PHE B 97 -32.24 0.74 -75.68
C PHE B 97 -33.59 1.22 -76.14
N GLU B 98 -33.93 0.93 -77.39
CA GLU B 98 -35.18 1.41 -77.95
C GLU B 98 -36.28 0.81 -77.10
N LYS B 99 -36.10 -0.45 -76.74
CA LYS B 99 -37.10 -1.14 -75.94
C LYS B 99 -37.08 -0.74 -74.45
N ASN B 100 -35.91 -0.63 -73.82
CA ASN B 100 -35.81 -0.51 -72.34
C ASN B 100 -35.78 0.91 -71.75
N ALA B 101 -36.47 1.82 -72.42
CA ALA B 101 -36.51 3.22 -71.99
C ALA B 101 -36.91 3.34 -70.52
N GLY B 102 -37.89 2.56 -70.05
CA GLY B 102 -38.30 2.62 -68.65
C GLY B 102 -37.11 2.40 -67.73
N THR B 103 -36.40 1.31 -67.98
CA THR B 103 -35.30 0.89 -67.11
C THR B 103 -34.19 1.96 -66.95
N ILE B 104 -33.66 2.43 -68.07
CA ILE B 104 -32.62 3.46 -68.06
C ILE B 104 -33.18 4.81 -67.60
N LYS B 105 -34.51 4.88 -67.50
CA LYS B 105 -35.21 6.13 -67.22
C LYS B 105 -34.61 6.97 -66.07
N SER B 106 -34.07 6.32 -65.02
CA SER B 106 -33.63 7.04 -63.79
C SER B 106 -32.41 7.95 -63.95
N TRP B 107 -31.48 7.59 -64.83
CA TRP B 107 -30.32 8.45 -65.12
C TRP B 107 -30.37 9.10 -66.46
N ASP B 108 -30.77 8.36 -67.51
CA ASP B 108 -30.80 8.94 -68.84
C ASP B 108 -31.63 10.21 -68.81
N GLU B 109 -32.79 10.11 -68.18
CA GLU B 109 -33.69 11.24 -68.07
C GLU B 109 -33.08 12.38 -67.22
N SER B 110 -32.02 12.10 -66.48
CA SER B 110 -31.32 13.14 -65.69
C SER B 110 -29.88 13.36 -66.17
N TYR B 111 -29.61 12.96 -67.40
CA TYR B 111 -28.26 13.06 -67.93
C TYR B 111 -27.72 14.46 -67.73
N THR B 112 -28.53 15.46 -68.08
CA THR B 112 -28.07 16.83 -68.00
C THR B 112 -27.56 17.19 -66.60
N GLU B 113 -28.31 16.85 -65.57
CA GLU B 113 -27.88 17.14 -64.21
C GLU B 113 -26.64 16.34 -63.84
N LEU B 114 -26.62 15.08 -64.26
CA LEU B 114 -25.48 14.21 -64.01
C LEU B 114 -24.21 14.76 -64.60
N LYS B 115 -24.36 15.66 -65.55
CA LYS B 115 -23.22 16.34 -66.15
C LYS B 115 -22.46 17.15 -65.12
N VAL B 116 -23.11 17.61 -64.07
CA VAL B 116 -22.36 18.39 -63.06
C VAL B 116 -22.44 17.81 -61.66
N ASP B 117 -23.48 17.01 -61.44
CA ASP B 117 -23.83 16.61 -60.10
C ASP B 117 -23.53 15.15 -59.86
N VAL B 118 -22.99 14.87 -58.66
CA VAL B 118 -22.78 13.49 -58.19
C VAL B 118 -24.12 12.74 -58.13
N PRO B 119 -24.16 11.51 -58.66
CA PRO B 119 -25.38 10.72 -58.74
C PRO B 119 -25.87 10.18 -57.40
N LYS B 120 -27.21 10.12 -57.29
CA LYS B 120 -27.90 9.43 -56.22
C LYS B 120 -27.51 7.96 -56.31
N ILE B 121 -27.51 7.28 -55.17
CA ILE B 121 -27.12 5.88 -55.15
C ILE B 121 -28.00 5.03 -56.08
N GLU B 122 -29.29 5.38 -56.18
CA GLU B 122 -30.22 4.63 -57.03
C GLU B 122 -29.83 4.73 -58.50
N GLN B 123 -29.49 5.93 -58.95
CA GLN B 123 -29.06 6.13 -60.33
C GLN B 123 -27.87 5.24 -60.68
N LEU B 124 -26.90 5.09 -59.77
CA LEU B 124 -25.79 4.18 -60.05
C LEU B 124 -26.22 2.73 -60.10
N THR B 125 -26.94 2.30 -59.08
CA THR B 125 -27.37 0.93 -59.05
C THR B 125 -28.29 0.61 -60.21
N GLY B 126 -29.14 1.56 -60.61
CA GLY B 126 -29.99 1.37 -61.78
C GLY B 126 -29.15 1.10 -63.01
N TYR B 127 -28.16 1.97 -63.22
CA TYR B 127 -27.24 1.81 -64.34
C TYR B 127 -26.60 0.43 -64.26
N GLN B 128 -26.09 0.10 -63.09
CA GLN B 128 -25.33 -1.12 -62.91
C GLN B 128 -26.14 -2.33 -63.23
N GLN B 129 -27.41 -2.27 -62.82
CA GLN B 129 -28.37 -3.32 -63.05
C GLN B 129 -28.62 -3.39 -64.53
N ALA B 130 -28.86 -2.23 -65.14
CA ALA B 130 -29.14 -2.17 -66.57
C ALA B 130 -28.03 -2.79 -67.38
N ALA B 131 -26.78 -2.55 -66.98
CA ALA B 131 -25.67 -3.10 -67.75
C ALA B 131 -25.77 -4.61 -67.81
N LEU B 132 -26.10 -5.21 -66.68
CA LEU B 132 -26.28 -6.65 -66.62
C LEU B 132 -27.49 -7.18 -67.43
N LYS B 133 -28.64 -6.51 -67.31
CA LYS B 133 -29.80 -6.87 -68.10
C LYS B 133 -29.46 -6.79 -69.59
N TRP B 134 -28.81 -5.70 -69.96
CA TRP B 134 -28.45 -5.46 -71.33
C TRP B 134 -27.67 -6.62 -71.85
N ARG B 135 -26.65 -7.02 -71.10
CA ARG B 135 -25.78 -8.13 -71.52
C ARG B 135 -26.53 -9.43 -71.71
N LYS B 136 -27.42 -9.73 -70.75
CA LYS B 136 -28.25 -10.92 -70.85
C LYS B 136 -29.11 -10.91 -72.12
N ASP B 137 -29.94 -9.88 -72.33
CA ASP B 137 -30.83 -9.83 -73.53
C ASP B 137 -30.07 -9.86 -74.86
N ILE B 138 -28.98 -9.10 -74.93
CA ILE B 138 -28.16 -9.03 -76.13
C ILE B 138 -27.45 -10.35 -76.42
N GLY B 139 -27.34 -11.20 -75.41
CA GLY B 139 -26.57 -12.45 -75.54
C GLY B 139 -25.13 -12.07 -75.77
N PHE B 140 -24.73 -10.97 -75.13
CA PHE B 140 -23.40 -10.46 -75.27
C PHE B 140 -22.33 -11.51 -74.87
N ARG B 141 -22.62 -12.38 -73.90
CA ARG B 141 -21.62 -13.34 -73.43
C ARG B 141 -21.24 -14.42 -74.44
N VAL B 142 -19.97 -14.49 -74.82
CA VAL B 142 -19.47 -15.57 -75.68
C VAL B 142 -18.22 -16.25 -75.14
N ASN B 143 -17.79 -15.87 -73.95
CA ASN B 143 -16.60 -16.48 -73.31
C ASN B 143 -16.23 -15.74 -72.04
N ALA B 144 -15.11 -16.13 -71.43
CA ALA B 144 -14.64 -15.52 -70.18
C ALA B 144 -14.51 -14.01 -70.28
N ASN B 145 -14.01 -13.56 -71.42
CA ASN B 145 -13.69 -12.17 -71.64
C ASN B 145 -14.90 -11.34 -71.95
N THR B 146 -15.88 -11.95 -72.59
CA THR B 146 -17.12 -11.24 -72.81
C THR B 146 -18.07 -11.38 -71.57
N ALA B 147 -17.68 -12.16 -70.57
CA ALA B 147 -18.60 -12.46 -69.45
C ALA B 147 -18.66 -11.40 -68.34
N ALA B 148 -19.65 -11.59 -67.46
CA ALA B 148 -19.78 -10.82 -66.23
C ALA B 148 -19.18 -11.57 -65.04
N LEU B 149 -18.06 -11.07 -64.52
CA LEU B 149 -17.38 -11.67 -63.37
C LEU B 149 -18.22 -11.65 -62.10
N SER B 150 -18.01 -12.66 -61.27
CA SER B 150 -18.77 -12.77 -60.06
C SER B 150 -17.90 -13.31 -58.95
N ASN B 151 -16.59 -13.33 -59.17
CA ASN B 151 -15.76 -14.11 -58.27
C ASN B 151 -14.35 -13.59 -58.02
N LYS B 152 -13.89 -13.86 -56.79
CA LYS B 152 -12.47 -14.03 -56.39
C LYS B 152 -11.47 -12.87 -56.53
N VAL B 153 -11.59 -11.83 -55.70
CA VAL B 153 -10.54 -10.79 -55.71
C VAL B 153 -9.21 -11.42 -55.29
N LEU B 154 -8.11 -11.03 -55.94
CA LEU B 154 -6.89 -11.84 -55.90
C LEU B 154 -6.06 -11.73 -54.60
N ALA B 155 -5.97 -12.86 -53.90
CA ALA B 155 -5.07 -13.02 -52.77
C ALA B 155 -3.65 -12.91 -53.30
N GLU B 156 -3.46 -13.49 -54.47
CA GLU B 156 -2.21 -13.50 -55.23
C GLU B 156 -1.69 -12.11 -55.60
N TYR B 157 -0.37 -11.96 -55.61
CA TYR B 157 0.29 -10.68 -55.90
C TYR B 157 1.29 -10.80 -57.08
N LYS B 158 1.26 -11.92 -57.82
CA LYS B 158 2.38 -12.36 -58.69
C LYS B 158 3.00 -11.28 -59.59
N VAL B 159 4.26 -10.92 -59.32
CA VAL B 159 4.93 -9.74 -59.91
C VAL B 159 6.43 -9.98 -60.11
N PRO B 160 7.02 -9.41 -61.18
CA PRO B 160 8.49 -9.50 -61.31
C PRO B 160 9.22 -8.65 -60.25
N GLY B 161 10.13 -9.29 -59.51
CA GLY B 161 10.87 -8.64 -58.45
C GLY B 161 11.31 -7.24 -58.83
N GLU B 162 11.85 -7.11 -60.02
CA GLU B 162 12.38 -5.84 -60.52
C GLU B 162 11.51 -4.62 -60.23
N ILE B 163 10.19 -4.76 -60.36
CA ILE B 163 9.29 -3.61 -60.23
C ILE B 163 8.74 -3.41 -58.82
N VAL B 164 8.89 -4.42 -57.96
CA VAL B 164 8.10 -4.46 -56.73
C VAL B 164 8.00 -3.13 -55.98
N MET B 165 9.08 -2.35 -55.98
CA MET B 165 9.11 -1.07 -55.26
C MET B 165 8.01 -0.09 -55.70
N SER B 166 7.89 0.09 -57.02
CA SER B 166 6.89 1.01 -57.58
C SER B 166 5.49 0.48 -57.34
N VAL B 167 5.31 -0.82 -57.51
CA VAL B 167 4.01 -1.48 -57.30
C VAL B 167 3.47 -1.20 -55.90
N LYS B 168 4.34 -1.30 -54.89
CA LYS B 168 3.97 -0.95 -53.53
C LYS B 168 3.69 0.55 -53.46
N GLU B 169 4.64 1.38 -53.90
CA GLU B 169 4.46 2.85 -53.94
C GLU B 169 3.11 3.20 -54.58
N MET B 170 2.78 2.47 -55.64
CA MET B 170 1.50 2.58 -56.31
C MET B 170 0.37 2.22 -55.36
N LEU B 171 0.50 1.10 -54.69
CA LEU B 171 -0.55 0.63 -53.79
C LEU B 171 -0.85 1.55 -52.62
N SER B 172 0.19 2.04 -51.95
CA SER B 172 -0.02 2.91 -50.80
C SER B 172 -0.90 4.07 -51.22
N ASP B 173 -0.60 4.68 -52.37
CA ASP B 173 -1.38 5.80 -52.85
C ASP B 173 -2.84 5.43 -53.09
N MET B 174 -3.07 4.27 -53.69
CA MET B 174 -4.42 3.76 -53.85
C MET B 174 -5.06 3.57 -52.49
N ILE B 175 -4.30 3.04 -51.53
CA ILE B 175 -4.80 2.86 -50.17
C ILE B 175 -5.19 4.22 -49.63
N ARG B 176 -4.30 5.18 -49.84
CA ARG B 176 -4.46 6.53 -49.33
C ARG B 176 -5.76 7.11 -49.85
N ARG B 177 -6.04 6.85 -51.11
CA ARG B 177 -7.25 7.38 -51.70
C ARG B 177 -8.51 6.81 -51.05
N ARG B 178 -8.52 5.52 -50.73
CA ARG B 178 -9.69 4.88 -50.09
C ARG B 178 -10.06 5.57 -48.77
N ASN B 179 -9.06 5.97 -47.98
CA ASN B 179 -9.31 6.62 -46.72
C ASN B 179 -9.93 7.97 -46.96
N LEU B 180 -9.39 8.67 -47.97
CA LEU B 180 -9.92 9.97 -48.32
C LEU B 180 -11.37 9.78 -48.63
N ILE B 181 -11.68 8.70 -49.35
CA ILE B 181 -13.06 8.33 -49.61
C ILE B 181 -13.84 8.15 -48.31
N LEU B 182 -13.25 7.41 -47.37
CA LEU B 182 -13.94 7.05 -46.13
C LEU B 182 -14.28 8.23 -45.24
N ASN B 183 -13.32 9.15 -45.08
CA ASN B 183 -13.60 10.44 -44.45
C ASN B 183 -14.57 11.28 -45.26
N ARG B 184 -14.40 11.35 -46.57
CA ARG B 184 -15.30 12.14 -47.43
C ARG B 184 -15.07 13.67 -47.32
N GLY B 185 -13.82 14.09 -47.12
CA GLY B 185 -13.45 15.53 -47.13
C GLY B 185 -13.41 16.29 -45.80
N GLY B 186 -13.98 15.70 -44.76
CA GLY B 186 -13.84 16.11 -43.36
C GLY B 186 -14.01 14.83 -42.56
N ASP B 187 -13.56 14.77 -41.31
CA ASP B 187 -13.59 13.49 -40.58
C ASP B 187 -14.96 12.83 -40.46
N GLU B 188 -15.15 11.72 -41.19
CA GLU B 188 -16.38 10.94 -41.11
C GLU B 188 -15.98 9.54 -40.75
N ASN B 189 -14.66 9.33 -40.70
CA ASN B 189 -14.07 8.09 -40.23
C ASN B 189 -12.93 8.44 -39.25
N PRO B 190 -13.28 9.04 -38.08
CA PRO B 190 -12.32 9.46 -37.06
C PRO B 190 -11.47 8.33 -36.52
N ARG B 191 -10.23 8.68 -36.19
CA ARG B 191 -9.27 7.74 -35.65
C ARG B 191 -9.01 8.07 -34.19
N GLY B 192 -8.45 7.10 -33.47
CA GLY B 192 -8.18 7.25 -32.05
C GLY B 192 -8.86 6.13 -31.28
N PRO B 193 -8.44 5.91 -30.02
CA PRO B 193 -8.95 4.86 -29.14
C PRO B 193 -10.43 4.94 -28.88
N VAL B 194 -10.95 6.12 -28.54
CA VAL B 194 -12.39 6.20 -28.32
C VAL B 194 -13.17 6.38 -29.65
N SER B 195 -12.63 7.19 -30.56
CA SER B 195 -13.37 7.57 -31.77
C SER B 195 -13.54 6.42 -32.73
N HIS B 196 -12.49 5.64 -32.91
CA HIS B 196 -12.56 4.50 -33.80
C HIS B 196 -13.13 3.26 -33.13
N GLU B 197 -13.39 3.34 -31.84
CA GLU B 197 -13.79 2.17 -31.11
C GLU B 197 -15.07 1.54 -31.64
N HIS B 198 -16.03 2.33 -32.11
CA HIS B 198 -17.29 1.75 -32.57
C HIS B 198 -17.10 0.81 -33.73
N VAL B 199 -16.20 1.15 -34.66
CA VAL B 199 -15.86 0.21 -35.72
C VAL B 199 -15.09 -0.98 -35.13
N ASP B 200 -14.15 -0.72 -34.24
CA ASP B 200 -13.30 -1.76 -33.73
C ASP B 200 -14.09 -2.74 -32.92
N TRP B 201 -15.06 -2.23 -32.18
CA TRP B 201 -15.91 -3.10 -31.42
C TRP B 201 -16.74 -3.97 -32.33
N CYS B 202 -17.32 -3.36 -33.36
CA CYS B 202 -18.19 -4.08 -34.26
C CYS B 202 -17.46 -5.21 -34.93
N ARG B 203 -16.21 -4.95 -35.31
CA ARG B 203 -15.46 -5.97 -36.01
C ARG B 203 -15.47 -7.25 -35.18
N GLU B 204 -15.24 -7.14 -33.87
CA GLU B 204 -15.22 -8.32 -33.02
C GLU B 204 -16.59 -8.91 -32.86
N PHE B 205 -17.57 -8.04 -32.74
CA PHE B 205 -18.93 -8.47 -32.62
C PHE B 205 -19.36 -9.39 -33.74
N VAL B 206 -19.21 -8.93 -34.99
CA VAL B 206 -19.64 -9.71 -36.15
C VAL B 206 -18.87 -11.00 -36.33
N LYS B 207 -17.74 -11.13 -35.63
CA LYS B 207 -16.98 -12.36 -35.65
C LYS B 207 -17.75 -13.39 -34.86
N GLY B 208 -18.93 -13.03 -34.36
CA GLY B 208 -19.72 -13.96 -33.55
C GLY B 208 -19.59 -13.81 -32.05
N LYS B 209 -18.87 -12.81 -31.59
CA LYS B 209 -18.73 -12.61 -30.17
C LYS B 209 -19.90 -11.80 -29.64
N TYR B 210 -21.05 -12.41 -29.43
CA TYR B 210 -22.25 -11.63 -29.09
C TYR B 210 -22.36 -11.12 -27.64
N ILE B 211 -21.77 -11.81 -26.68
CA ILE B 211 -22.00 -11.36 -25.31
C ILE B 211 -21.45 -9.95 -25.15
N MET B 212 -20.76 -9.50 -26.19
CA MET B 212 -20.30 -8.14 -26.26
C MET B 212 -21.48 -7.20 -26.24
N ALA B 213 -22.59 -7.61 -26.84
CA ALA B 213 -23.75 -6.73 -26.94
C ALA B 213 -24.31 -6.35 -25.58
N PHE B 214 -24.15 -7.22 -24.59
CA PHE B 214 -24.60 -6.93 -23.22
C PHE B 214 -23.90 -5.77 -22.60
N ASN B 215 -22.61 -5.64 -22.91
CA ASN B 215 -21.79 -4.52 -22.45
C ASN B 215 -20.95 -4.00 -23.60
N PRO B 216 -21.37 -2.88 -24.18
CA PRO B 216 -20.61 -2.21 -25.21
C PRO B 216 -19.95 -1.06 -24.52
N PRO B 217 -18.91 -0.49 -25.13
CA PRO B 217 -18.07 0.50 -24.47
C PRO B 217 -18.81 1.76 -24.04
N TRP B 218 -19.93 2.08 -24.70
CA TRP B 218 -20.67 3.29 -24.37
C TRP B 218 -21.76 3.00 -23.37
N GLY B 219 -21.90 1.75 -22.98
CA GLY B 219 -22.86 1.37 -21.95
C GLY B 219 -24.22 1.02 -22.49
N ASP B 220 -24.87 1.98 -23.13
CA ASP B 220 -26.17 1.70 -23.68
C ASP B 220 -25.97 1.19 -25.09
N ILE B 221 -26.74 0.19 -25.51
CA ILE B 221 -26.62 -0.26 -26.89
C ILE B 221 -27.02 0.80 -27.90
N ASN B 222 -27.99 1.64 -27.55
CA ASN B 222 -28.46 2.64 -28.49
C ASN B 222 -27.79 3.98 -28.29
N LYS B 223 -26.75 4.07 -27.46
CA LYS B 223 -26.18 5.39 -27.29
C LYS B 223 -25.85 5.92 -28.66
N SER B 224 -26.31 7.14 -28.89
CA SER B 224 -26.08 7.92 -30.08
C SER B 224 -24.61 8.42 -30.12
N GLY B 225 -24.19 8.88 -31.29
CA GLY B 225 -22.84 9.46 -31.44
C GLY B 225 -22.90 10.91 -31.92
N ARG B 226 -21.71 11.48 -32.14
CA ARG B 226 -21.53 12.87 -32.63
C ARG B 226 -22.60 13.22 -33.69
N SER B 227 -22.86 12.20 -34.50
CA SER B 227 -23.87 12.18 -35.52
C SER B 227 -25.29 12.26 -34.98
N GLY B 228 -25.52 11.72 -33.79
CA GLY B 228 -26.87 11.56 -33.31
C GLY B 228 -27.44 10.25 -33.80
N ILE B 229 -26.56 9.37 -34.26
CA ILE B 229 -26.94 8.07 -34.79
C ILE B 229 -26.24 7.00 -33.95
N ALA B 230 -26.93 5.88 -33.77
CA ALA B 230 -26.43 4.85 -32.88
C ALA B 230 -25.01 4.46 -33.25
N LEU B 231 -24.17 4.28 -32.24
CA LEU B 231 -22.78 3.98 -32.52
C LEU B 231 -22.66 2.62 -33.18
N VAL B 232 -23.53 1.71 -32.79
CA VAL B 232 -23.56 0.42 -33.44
C VAL B 232 -23.84 0.55 -34.93
N ALA B 233 -24.85 1.33 -35.30
CA ALA B 233 -25.21 1.44 -36.71
C ALA B 233 -24.11 2.09 -37.54
N THR B 234 -23.55 3.17 -37.02
CA THR B 234 -22.51 3.86 -37.75
C THR B 234 -21.29 2.97 -37.84
N GLY B 235 -20.94 2.32 -36.73
CA GLY B 235 -19.77 1.47 -36.68
C GLY B 235 -19.91 0.33 -37.64
N LEU B 236 -21.09 -0.24 -37.73
CA LEU B 236 -21.34 -1.36 -38.61
C LEU B 236 -21.19 -0.93 -40.05
N ALA B 237 -21.81 0.20 -40.40
CA ALA B 237 -21.67 0.77 -41.73
C ALA B 237 -20.21 1.00 -42.10
N LYS B 238 -19.47 1.75 -41.28
CA LYS B 238 -18.07 1.98 -41.60
C LYS B 238 -17.34 0.66 -41.85
N LEU B 239 -17.68 -0.35 -41.05
CA LEU B 239 -17.05 -1.64 -41.21
C LEU B 239 -17.34 -2.26 -42.57
N ALA B 240 -18.61 -2.17 -42.99
CA ALA B 240 -19.04 -2.69 -44.27
C ALA B 240 -18.37 -1.91 -45.37
N GLU B 241 -18.32 -0.60 -45.23
CA GLU B 241 -17.68 0.23 -46.20
C GLU B 241 -16.22 -0.14 -46.34
N THR B 242 -15.54 -0.45 -45.24
CA THR B 242 -14.16 -0.98 -45.34
C THR B 242 -14.03 -2.43 -45.88
N GLU B 243 -14.83 -3.36 -45.39
CA GLU B 243 -14.58 -4.75 -45.72
C GLU B 243 -15.69 -5.36 -46.54
N GLY B 244 -16.60 -4.55 -47.05
CA GLY B 244 -17.64 -5.05 -47.94
C GLY B 244 -18.86 -5.53 -47.19
N LYS B 245 -19.94 -5.79 -47.93
CA LYS B 245 -21.26 -6.01 -47.36
C LYS B 245 -21.49 -7.43 -46.83
N GLY B 246 -20.41 -8.20 -46.78
CA GLY B 246 -20.43 -9.48 -46.09
C GLY B 246 -20.66 -9.28 -44.61
N ILE B 247 -20.26 -8.12 -44.11
CA ILE B 247 -20.44 -7.72 -42.73
C ILE B 247 -21.90 -7.87 -42.31
N PHE B 248 -22.82 -7.42 -43.15
CA PHE B 248 -24.24 -7.48 -42.80
C PHE B 248 -24.73 -8.90 -42.57
N ASP B 249 -24.32 -9.84 -43.40
CA ASP B 249 -24.70 -11.23 -43.21
C ASP B 249 -24.10 -11.77 -41.92
N GLU B 250 -22.84 -11.43 -41.68
CA GLU B 250 -22.18 -11.85 -40.48
C GLU B 250 -22.89 -11.27 -39.29
N ALA B 251 -23.23 -10.00 -39.38
CA ALA B 251 -23.94 -9.34 -38.30
C ALA B 251 -25.28 -10.02 -38.02
N LYS B 252 -26.09 -10.26 -39.06
CA LYS B 252 -27.37 -10.91 -38.86
C LYS B 252 -27.18 -12.28 -38.20
N LYS B 253 -26.17 -13.03 -38.63
CA LYS B 253 -25.94 -14.36 -38.06
C LYS B 253 -25.61 -14.19 -36.60
N THR B 254 -24.78 -13.20 -36.31
CA THR B 254 -24.34 -12.98 -34.95
C THR B 254 -25.49 -12.60 -34.06
N VAL B 255 -26.40 -11.76 -34.53
CA VAL B 255 -27.63 -11.50 -33.77
C VAL B 255 -28.48 -12.78 -33.55
N GLU B 256 -28.59 -13.59 -34.59
CA GLU B 256 -29.35 -14.82 -34.49
C GLU B 256 -28.75 -15.71 -33.41
N ALA B 257 -27.43 -15.77 -33.31
CA ALA B 257 -26.81 -16.53 -32.24
C ALA B 257 -27.20 -15.96 -30.88
N LEU B 258 -27.18 -14.64 -30.77
CA LEU B 258 -27.55 -13.98 -29.55
C LEU B 258 -28.96 -14.39 -29.12
N ASN B 259 -29.86 -14.45 -30.10
CA ASN B 259 -31.22 -14.84 -29.84
C ASN B 259 -31.28 -16.23 -29.27
N GLY B 260 -30.52 -17.16 -29.83
CA GLY B 260 -30.39 -18.50 -29.27
C GLY B 260 -29.85 -18.46 -27.85
N TYR B 261 -28.83 -17.65 -27.61
CA TYR B 261 -28.33 -17.48 -26.27
C TYR B 261 -29.44 -17.02 -25.33
N LEU B 262 -30.21 -16.01 -25.74
CA LEU B 262 -31.28 -15.48 -24.86
C LEU B 262 -32.31 -16.53 -24.55
N ASP B 263 -32.69 -17.28 -25.57
CA ASP B 263 -33.61 -18.35 -25.34
C ASP B 263 -33.01 -19.39 -24.41
N LYS B 264 -31.81 -19.85 -24.73
CA LYS B 264 -31.16 -20.88 -23.96
C LYS B 264 -31.00 -20.42 -22.51
N HIS B 265 -31.12 -19.12 -22.28
CA HIS B 265 -31.00 -18.55 -20.93
C HIS B 265 -32.20 -17.76 -20.55
N LYS B 266 -33.39 -18.19 -20.99
CA LYS B 266 -34.58 -17.36 -20.86
C LYS B 266 -34.88 -16.96 -19.43
N ASP B 267 -34.60 -17.88 -18.50
CA ASP B 267 -34.85 -17.67 -17.07
C ASP B 267 -34.06 -16.50 -16.45
N GLU B 268 -32.86 -16.28 -16.96
CA GLU B 268 -31.93 -15.35 -16.33
C GLU B 268 -31.97 -13.94 -16.94
N VAL B 269 -32.87 -13.73 -17.90
CA VAL B 269 -32.93 -12.45 -18.58
C VAL B 269 -34.36 -11.98 -18.55
N ASP B 270 -34.58 -10.69 -18.52
CA ASP B 270 -35.94 -10.19 -18.60
C ASP B 270 -36.42 -10.34 -20.03
N ARG B 271 -37.49 -11.11 -20.26
CA ARG B 271 -37.96 -11.39 -21.62
C ARG B 271 -38.33 -10.15 -22.44
N ALA B 272 -39.05 -9.22 -21.81
CA ALA B 272 -39.41 -7.96 -22.47
C ALA B 272 -38.16 -7.18 -22.91
N SER B 273 -37.18 -7.12 -22.03
CA SER B 273 -35.98 -6.41 -22.33
C SER B 273 -35.18 -7.16 -23.38
N ALA B 274 -35.11 -8.48 -23.27
CA ALA B 274 -34.41 -9.31 -24.25
C ALA B 274 -34.95 -9.11 -25.66
N ASP B 275 -36.26 -9.22 -25.79
CA ASP B 275 -36.90 -9.10 -27.08
C ASP B 275 -36.72 -7.70 -27.60
N SER B 276 -36.71 -6.73 -26.70
CA SER B 276 -36.46 -5.39 -27.10
C SER B 276 -35.05 -5.29 -27.65
N MET B 277 -34.09 -5.92 -27.00
CA MET B 277 -32.71 -5.82 -27.46
C MET B 277 -32.51 -6.41 -28.84
N ILE B 278 -32.99 -7.64 -29.02
CA ILE B 278 -32.84 -8.32 -30.29
C ILE B 278 -33.40 -7.36 -31.32
N THR B 279 -34.55 -6.80 -31.02
CA THR B 279 -35.20 -5.94 -31.99
C THR B 279 -34.34 -4.74 -32.31
N ASN B 280 -33.86 -4.08 -31.29
CA ASN B 280 -33.07 -2.89 -31.50
C ASN B 280 -31.86 -3.19 -32.33
N LEU B 281 -31.19 -4.31 -32.06
CA LEU B 281 -29.98 -4.63 -32.80
C LEU B 281 -30.24 -4.73 -34.29
N LEU B 282 -31.32 -5.41 -34.64
CA LEU B 282 -31.72 -5.53 -36.03
C LEU B 282 -31.94 -4.19 -36.66
N LYS B 283 -32.77 -3.38 -36.01
CA LYS B 283 -33.02 -2.04 -36.48
C LYS B 283 -31.70 -1.32 -36.67
N HIS B 284 -30.75 -1.55 -35.77
CA HIS B 284 -29.45 -0.94 -35.92
C HIS B 284 -28.72 -1.44 -37.11
N ILE B 285 -28.84 -2.72 -37.41
CA ILE B 285 -28.34 -3.24 -38.70
C ILE B 285 -29.03 -2.56 -39.86
N ALA B 286 -30.35 -2.48 -39.85
CA ALA B 286 -31.04 -1.88 -40.96
C ALA B 286 -30.47 -0.50 -41.22
N LYS B 287 -30.32 0.30 -40.16
CA LYS B 287 -29.74 1.62 -40.36
C LYS B 287 -28.32 1.53 -40.94
N ALA B 288 -27.53 0.55 -40.54
CA ALA B 288 -26.18 0.40 -41.09
C ALA B 288 -26.30 0.20 -42.59
N GLN B 289 -27.25 -0.62 -43.00
CA GLN B 289 -27.48 -0.87 -44.40
C GLN B 289 -27.83 0.44 -45.11
N GLU B 290 -28.77 1.21 -44.55
CA GLU B 290 -29.17 2.49 -45.12
C GLU B 290 -27.96 3.41 -45.28
N LEU B 291 -27.19 3.51 -44.21
CA LEU B 291 -26.02 4.37 -44.17
C LEU B 291 -25.02 3.94 -45.20
N TYR B 292 -24.84 2.63 -45.28
CA TYR B 292 -23.92 2.04 -46.22
C TYR B 292 -24.36 2.34 -47.65
N LYS B 293 -25.65 2.14 -47.94
CA LYS B 293 -26.18 2.42 -49.28
C LYS B 293 -25.80 3.83 -49.68
N ASN B 294 -26.03 4.78 -48.79
CA ASN B 294 -25.75 6.15 -49.14
C ASN B 294 -24.28 6.50 -49.10
N SER B 295 -23.49 5.62 -48.50
CA SER B 295 -22.10 5.92 -48.23
C SER B 295 -21.42 6.30 -49.51
N SER B 296 -20.42 7.17 -49.37
CA SER B 296 -19.61 7.60 -50.47
C SER B 296 -18.84 6.41 -51.09
N ALA B 297 -18.33 5.51 -50.25
CA ALA B 297 -17.54 4.38 -50.69
C ALA B 297 -18.35 3.56 -51.68
N LEU B 298 -19.60 3.34 -51.35
CA LEU B 298 -20.47 2.70 -52.30
C LEU B 298 -20.65 3.54 -53.55
N ARG B 299 -20.76 4.87 -53.43
CA ARG B 299 -20.87 5.72 -54.63
C ARG B 299 -19.67 5.57 -55.55
N ALA B 300 -18.48 5.71 -54.99
CA ALA B 300 -17.25 5.47 -55.74
C ALA B 300 -17.27 4.06 -56.33
N GLN B 301 -17.49 3.08 -55.47
CA GLN B 301 -17.50 1.66 -55.83
C GLN B 301 -18.42 1.39 -57.01
N SER B 302 -19.64 1.87 -56.94
CA SER B 302 -20.70 1.49 -57.87
C SER B 302 -20.78 2.47 -59.03
N ALA B 303 -19.72 3.27 -59.20
CA ALA B 303 -19.60 4.19 -60.33
C ALA B 303 -18.62 3.70 -61.38
N GLN B 304 -17.93 2.58 -61.11
CA GLN B 304 -17.05 1.94 -62.10
C GLN B 304 -17.90 1.68 -63.33
N ILE B 305 -17.30 1.87 -64.50
CA ILE B 305 -18.07 1.89 -65.75
C ILE B 305 -17.97 0.58 -66.47
N ASP B 306 -19.10 0.08 -66.90
CA ASP B 306 -19.07 -1.08 -67.73
C ASP B 306 -18.82 -0.60 -69.11
N THR B 307 -17.59 -0.78 -69.57
CA THR B 307 -17.14 -0.23 -70.81
C THR B 307 -18.11 -0.46 -71.94
N ALA B 308 -18.53 -1.70 -72.13
CA ALA B 308 -19.41 -2.04 -73.24
C ALA B 308 -20.73 -1.25 -73.17
N PHE B 309 -21.36 -1.32 -72.01
CA PHE B 309 -22.67 -0.75 -71.84
C PHE B 309 -22.69 0.76 -72.09
N SER B 310 -21.74 1.47 -71.46
CA SER B 310 -21.72 2.92 -71.56
C SER B 310 -21.56 3.29 -73.04
N SER B 311 -20.64 2.62 -73.71
CA SER B 311 -20.31 3.01 -75.07
C SER B 311 -21.53 2.84 -75.95
N TYR B 312 -22.20 1.70 -75.80
CA TYR B 312 -23.44 1.51 -76.52
C TYR B 312 -24.50 2.51 -76.12
N TYR B 313 -24.58 2.80 -74.83
CA TYR B 313 -25.52 3.80 -74.35
C TYR B 313 -25.27 5.07 -75.14
N TRP B 314 -24.01 5.48 -75.18
CA TRP B 314 -23.65 6.66 -75.90
C TRP B 314 -24.01 6.64 -77.35
N LEU B 315 -23.80 5.51 -78.03
CA LEU B 315 -24.20 5.41 -79.43
C LEU B 315 -25.66 5.76 -79.58
N TYR B 316 -26.50 5.02 -78.86
CA TYR B 316 -27.92 5.25 -78.92
C TYR B 316 -28.18 6.72 -78.67
N LYS B 317 -27.64 7.19 -77.55
CA LYS B 317 -27.84 8.57 -77.14
C LYS B 317 -27.37 9.55 -78.22
N ALA B 318 -26.27 9.20 -78.90
CA ALA B 318 -25.67 10.04 -79.96
C ALA B 318 -26.53 10.12 -81.20
N GLY B 319 -27.34 9.10 -81.41
CA GLY B 319 -28.15 9.00 -82.61
C GLY B 319 -27.54 8.04 -83.62
N VAL B 320 -26.46 7.36 -83.20
CA VAL B 320 -25.81 6.38 -84.07
C VAL B 320 -26.76 5.24 -84.35
N THR B 321 -26.54 4.60 -85.49
CA THR B 321 -27.35 3.50 -85.94
C THR B 321 -26.44 2.50 -86.62
N PRO B 322 -26.92 1.24 -86.78
CA PRO B 322 -26.14 0.17 -87.40
C PRO B 322 -25.54 0.55 -88.73
N GLU B 323 -26.28 1.27 -89.60
CA GLU B 323 -25.69 1.68 -90.88
C GLU B 323 -24.64 2.78 -90.70
N THR B 324 -24.82 3.66 -89.71
CA THR B 324 -23.83 4.69 -89.37
C THR B 324 -22.69 4.24 -88.46
N PHE B 325 -22.82 3.10 -87.79
CA PHE B 325 -21.80 2.61 -86.86
C PHE B 325 -20.35 2.55 -87.44
N PRO B 326 -20.19 2.15 -88.72
CA PRO B 326 -18.87 1.96 -89.30
C PRO B 326 -18.08 3.26 -89.37
N THR B 327 -18.80 4.36 -89.61
CA THR B 327 -18.23 5.70 -89.60
C THR B 327 -17.59 5.98 -88.23
N VAL B 328 -18.31 5.62 -87.17
CA VAL B 328 -17.83 5.84 -85.84
C VAL B 328 -16.62 5.00 -85.56
N SER B 329 -16.66 3.75 -85.99
CA SER B 329 -15.53 2.90 -85.75
C SER B 329 -14.31 3.57 -86.37
N GLN B 330 -14.50 4.20 -87.52
CA GLN B 330 -13.42 4.87 -88.21
C GLN B 330 -12.88 5.99 -87.40
N PHE B 331 -13.80 6.81 -86.93
CA PHE B 331 -13.41 7.96 -86.18
C PHE B 331 -12.57 7.51 -84.97
N LEU B 332 -13.08 6.49 -84.27
CA LEU B 332 -12.39 5.93 -83.12
C LEU B 332 -11.06 5.30 -83.50
N PHE B 333 -11.05 4.60 -84.63
CA PHE B 333 -9.84 3.91 -85.07
C PHE B 333 -8.74 4.91 -85.34
N GLU B 334 -9.04 6.00 -86.02
CA GLU B 334 -8.00 6.98 -86.31
C GLU B 334 -7.38 7.54 -85.04
N LEU B 335 -8.23 7.83 -84.06
CA LEU B 335 -7.77 8.39 -82.80
C LEU B 335 -6.76 7.56 -82.09
N GLY B 336 -6.98 6.24 -82.08
CA GLY B 336 -6.05 5.29 -81.49
C GLY B 336 -4.77 5.13 -82.28
N LYS B 337 -4.85 5.32 -83.60
CA LYS B 337 -3.71 5.12 -84.49
C LYS B 337 -2.51 5.90 -83.96
N GLN B 338 -2.76 7.14 -83.54
CA GLN B 338 -1.74 7.97 -82.90
C GLN B 338 -2.36 9.11 -82.11
N PRO B 339 -1.60 9.66 -81.17
CA PRO B 339 -2.15 10.72 -80.30
C PRO B 339 -2.49 11.99 -81.07
N ARG B 340 -3.79 12.23 -81.32
CA ARG B 340 -4.24 13.45 -82.00
C ARG B 340 -4.36 14.63 -81.07
N GLY B 341 -4.77 14.37 -79.83
CA GLY B 341 -5.11 15.43 -78.92
C GLY B 341 -6.56 15.81 -79.08
N THR B 342 -7.15 16.21 -77.96
CA THR B 342 -8.58 16.44 -77.87
C THR B 342 -9.08 17.49 -78.87
N LYS B 343 -8.30 18.55 -79.07
CA LYS B 343 -8.65 19.67 -79.98
C LYS B 343 -9.17 19.17 -81.31
N LYS B 344 -8.35 18.40 -81.99
CA LYS B 344 -8.69 17.86 -83.28
C LYS B 344 -9.91 16.95 -83.17
N MET B 345 -9.97 16.14 -82.12
CA MET B 345 -11.08 15.22 -81.93
C MET B 345 -12.41 15.97 -81.83
N LYS B 346 -12.45 16.95 -80.94
CA LYS B 346 -13.68 17.70 -80.78
C LYS B 346 -13.96 18.31 -82.12
N LYS B 347 -12.94 18.94 -82.71
CA LYS B 347 -13.15 19.66 -83.97
C LYS B 347 -13.74 18.75 -85.02
N ALA B 348 -13.24 17.53 -85.13
CA ALA B 348 -13.79 16.59 -86.08
C ALA B 348 -15.29 16.49 -85.92
N LEU B 349 -15.77 16.43 -84.68
CA LEU B 349 -17.19 16.21 -84.39
C LEU B 349 -18.14 17.28 -84.94
N LEU B 350 -17.85 18.53 -84.61
CA LEU B 350 -18.66 19.63 -85.09
C LEU B 350 -18.59 19.74 -86.61
N SER B 351 -17.38 19.53 -87.14
CA SER B 351 -17.11 19.55 -88.58
C SER B 351 -17.86 18.46 -89.37
N THR B 352 -17.93 17.23 -88.85
CA THR B 352 -18.56 16.15 -89.63
C THR B 352 -19.94 16.55 -90.13
N PRO B 353 -20.28 16.09 -91.34
CA PRO B 353 -21.61 16.19 -91.94
C PRO B 353 -22.57 15.25 -91.19
N MET B 354 -22.02 14.22 -90.57
CA MET B 354 -22.81 13.26 -89.81
C MET B 354 -23.50 13.95 -88.65
N LYS B 355 -24.83 13.79 -88.56
CA LYS B 355 -25.63 14.49 -87.54
C LYS B 355 -25.21 13.98 -86.19
N TRP B 356 -24.90 12.68 -86.14
CA TRP B 356 -24.52 12.01 -84.91
C TRP B 356 -23.30 12.61 -84.28
N GLY B 357 -22.43 13.21 -85.10
CA GLY B 357 -21.20 13.83 -84.61
C GLY B 357 -21.47 14.86 -83.52
N LYS B 358 -22.22 15.88 -83.87
CA LYS B 358 -22.53 16.95 -82.94
C LYS B 358 -23.33 16.45 -81.76
N LYS B 359 -24.29 15.58 -82.03
CA LYS B 359 -25.14 15.04 -80.97
C LYS B 359 -24.28 14.44 -79.85
N LEU B 360 -23.40 13.51 -80.25
CA LEU B 360 -22.47 12.90 -79.31
C LEU B 360 -21.65 13.96 -78.60
N TYR B 361 -21.23 14.97 -79.36
CA TYR B 361 -20.43 16.05 -78.81
C TYR B 361 -21.11 16.71 -77.60
N GLU B 362 -22.43 16.86 -77.69
CA GLU B 362 -23.18 17.53 -76.64
C GLU B 362 -23.05 16.83 -75.28
N LEU B 363 -22.84 15.52 -75.32
CA LEU B 363 -22.78 14.73 -74.10
C LEU B 363 -21.59 15.09 -73.23
N PHE B 364 -20.58 15.71 -73.81
CA PHE B 364 -19.37 15.97 -73.06
C PHE B 364 -19.61 16.80 -71.81
N ALA B 365 -19.04 16.30 -70.73
CA ALA B 365 -19.20 16.90 -69.44
C ALA B 365 -17.88 17.43 -68.90
N ASP B 366 -16.83 17.42 -69.72
CA ASP B 366 -15.51 17.91 -69.27
C ASP B 366 -15.60 19.30 -68.64
N ASP B 367 -16.33 20.21 -69.28
CA ASP B 367 -16.61 21.54 -68.75
C ASP B 367 -17.49 21.52 -67.47
N SER B 368 -18.62 20.81 -67.54
CA SER B 368 -19.64 20.77 -66.49
C SER B 368 -19.21 20.23 -65.13
N PHE B 369 -18.71 19.01 -65.09
CA PHE B 369 -18.45 18.35 -63.82
C PHE B 369 -17.10 18.78 -63.23
N GLN B 370 -17.07 19.34 -62.03
CA GLN B 370 -15.77 19.69 -61.44
C GLN B 370 -15.50 19.15 -60.03
N GLN B 371 -16.35 18.26 -59.51
CA GLN B 371 -16.03 17.51 -58.30
C GLN B 371 -14.91 16.49 -58.58
N ASN B 372 -14.54 15.72 -57.55
CA ASN B 372 -13.71 14.54 -57.78
C ASN B 372 -14.47 13.62 -58.74
N ARG B 373 -13.89 13.42 -59.92
CA ARG B 373 -14.56 12.65 -60.97
C ARG B 373 -14.79 11.19 -60.60
N ILE B 374 -14.14 10.69 -59.57
CA ILE B 374 -14.41 9.31 -59.21
C ILE B 374 -15.86 9.07 -58.76
N TYR B 375 -16.61 10.15 -58.59
CA TYR B 375 -18.02 10.01 -58.21
C TYR B 375 -18.92 10.25 -59.39
N MET B 376 -18.31 10.46 -60.56
CA MET B 376 -19.08 10.84 -61.75
C MET B 376 -19.81 9.63 -62.33
N HIS B 377 -21.07 9.82 -62.71
CA HIS B 377 -21.83 8.71 -63.23
C HIS B 377 -21.10 8.07 -64.37
N PRO B 378 -21.16 6.72 -64.47
CA PRO B 378 -20.45 5.99 -65.51
C PRO B 378 -21.12 6.04 -66.87
N ALA B 379 -22.26 6.74 -66.95
CA ALA B 379 -22.94 6.85 -68.20
C ALA B 379 -22.77 8.25 -68.72
N VAL B 380 -21.90 9.02 -68.07
CA VAL B 380 -21.70 10.41 -68.43
C VAL B 380 -20.44 10.56 -69.28
N LEU B 381 -20.62 11.15 -70.46
CA LEU B 381 -19.54 11.24 -71.41
C LEU B 381 -18.56 12.36 -71.12
N THR B 382 -17.29 11.99 -71.17
CA THR B 382 -16.16 12.91 -71.09
C THR B 382 -15.11 12.49 -72.11
N ALA B 383 -14.22 13.40 -72.49
CA ALA B 383 -13.19 13.13 -73.48
C ALA B 383 -12.38 11.89 -73.13
N GLY B 384 -11.93 11.80 -71.89
CA GLY B 384 -11.15 10.64 -71.46
C GLY B 384 -11.88 9.36 -71.76
N ARG B 385 -13.20 9.38 -71.67
CA ARG B 385 -13.99 8.18 -71.82
C ARG B 385 -14.22 7.76 -73.28
N ILE B 386 -13.85 8.62 -74.22
CA ILE B 386 -13.89 8.24 -75.62
C ILE B 386 -13.10 6.96 -75.81
N SER B 387 -12.09 6.77 -74.97
CA SER B 387 -11.29 5.56 -74.98
C SER B 387 -12.14 4.34 -74.68
N GLU B 388 -13.14 4.50 -73.83
CA GLU B 388 -14.04 3.41 -73.51
C GLU B 388 -14.69 2.95 -74.80
N MET B 389 -15.17 3.93 -75.55
CA MET B 389 -15.71 3.67 -76.85
C MET B 389 -14.61 3.14 -77.75
N GLY B 390 -13.44 3.73 -77.61
CA GLY B 390 -12.32 3.35 -78.45
C GLY B 390 -12.09 1.85 -78.43
N VAL B 391 -12.01 1.24 -77.26
CA VAL B 391 -11.65 -0.17 -77.19
C VAL B 391 -12.70 -1.00 -77.89
N CYS B 392 -13.96 -0.66 -77.67
CA CYS B 392 -15.05 -1.44 -78.23
C CYS B 392 -15.02 -1.41 -79.73
N PHE B 393 -14.94 -0.21 -80.28
CA PHE B 393 -15.16 -0.04 -81.69
C PHE B 393 -14.00 0.55 -82.48
N GLY B 394 -12.86 0.78 -81.82
CA GLY B 394 -11.79 1.57 -82.43
C GLY B 394 -10.56 0.79 -82.75
N THR B 395 -10.39 -0.36 -82.12
CA THR B 395 -9.24 -1.23 -82.38
C THR B 395 -9.23 -1.76 -83.79
N ILE B 396 -10.42 -1.91 -84.36
CA ILE B 396 -10.61 -2.36 -85.73
C ILE B 396 -11.66 -1.49 -86.43
N PRO B 397 -11.32 -0.97 -87.63
CA PRO B 397 -12.30 -0.22 -88.41
C PRO B 397 -13.27 -1.18 -89.03
N VAL B 398 -14.53 -1.07 -88.69
CA VAL B 398 -15.50 -2.01 -89.18
C VAL B 398 -15.53 -2.00 -90.72
N ALA B 399 -15.29 -0.82 -91.29
CA ALA B 399 -15.31 -0.67 -92.73
C ALA B 399 -14.12 -1.36 -93.42
N ASN B 400 -12.91 -1.27 -92.84
CA ASN B 400 -11.72 -2.01 -93.35
C ASN B 400 -10.94 -2.82 -92.27
N PRO B 401 -11.55 -3.91 -91.83
CA PRO B 401 -11.04 -4.73 -90.74
C PRO B 401 -9.55 -5.04 -90.89
N ASP B 402 -9.11 -5.41 -92.09
CA ASP B 402 -7.68 -5.71 -92.26
C ASP B 402 -6.83 -4.51 -91.88
N ASP B 403 -7.39 -3.31 -91.99
CA ASP B 403 -6.68 -2.06 -91.64
C ASP B 403 -6.14 -2.04 -90.19
N ALA B 404 -6.77 -2.85 -89.34
CA ALA B 404 -6.40 -2.92 -87.93
C ALA B 404 -4.96 -3.32 -87.73
N ALA B 405 -4.35 -3.97 -88.72
CA ALA B 405 -2.98 -4.40 -88.55
C ALA B 405 -2.05 -3.21 -88.32
N GLN B 406 -2.52 -2.00 -88.63
CA GLN B 406 -1.74 -0.79 -88.41
C GLN B 406 -1.46 -0.56 -86.95
N GLY B 407 -2.45 -0.86 -86.12
CA GLY B 407 -2.40 -0.68 -84.68
C GLY B 407 -3.22 0.52 -84.29
N SER B 408 -4.20 0.31 -83.42
CA SER B 408 -4.93 1.42 -82.82
C SER B 408 -4.89 1.30 -81.31
N GLY B 409 -4.32 2.31 -80.67
CA GLY B 409 -4.15 2.23 -79.23
C GLY B 409 -5.30 2.77 -78.39
N HIS B 410 -5.89 1.90 -77.56
CA HIS B 410 -6.95 2.27 -76.58
C HIS B 410 -6.65 1.71 -75.22
N THR B 411 -7.01 2.38 -74.14
CA THR B 411 -6.43 1.98 -72.82
C THR B 411 -6.77 0.59 -72.29
N LYS B 412 -8.06 0.31 -72.21
CA LYS B 412 -8.49 -0.92 -71.61
C LYS B 412 -7.86 -2.16 -72.25
N SER B 413 -7.05 -1.94 -73.29
CA SER B 413 -6.28 -3.02 -73.91
C SER B 413 -5.15 -3.53 -73.02
N ILE B 414 -4.61 -2.66 -72.18
CA ILE B 414 -3.54 -3.04 -71.30
C ILE B 414 -4.01 -4.27 -70.53
N LEU B 415 -5.32 -4.39 -70.38
CA LEU B 415 -5.91 -5.53 -69.68
C LEU B 415 -5.67 -6.82 -70.44
N ASN B 416 -5.62 -6.74 -71.76
CA ASN B 416 -5.34 -7.91 -72.59
C ASN B 416 -3.91 -8.39 -72.50
N LEU B 417 -3.07 -7.61 -71.84
CA LEU B 417 -1.71 -8.01 -71.57
C LEU B 417 -1.67 -9.13 -70.55
N ARG B 418 -0.55 -9.86 -70.55
CA ARG B 418 -0.48 -11.13 -69.84
C ARG B 418 0.04 -10.93 -68.43
N THR B 419 -0.68 -11.46 -67.44
CA THR B 419 -0.21 -11.42 -66.06
C THR B 419 0.67 -12.62 -65.66
N ASN B 420 0.62 -13.70 -66.43
CA ASN B 420 1.28 -14.96 -66.07
C ASN B 420 2.75 -14.85 -65.67
N THR B 421 3.15 -15.62 -64.66
CA THR B 421 4.51 -15.59 -64.13
C THR B 421 5.56 -16.14 -65.10
N GLU B 422 5.22 -17.22 -65.79
CA GLU B 422 6.05 -17.78 -66.85
C GLU B 422 6.41 -16.72 -67.89
N THR B 423 5.44 -15.89 -68.24
CA THR B 423 5.67 -14.78 -69.16
C THR B 423 6.19 -13.51 -68.46
N ASN B 424 6.33 -13.57 -67.13
CA ASN B 424 6.91 -12.46 -66.35
C ASN B 424 5.94 -11.28 -66.10
N ASN B 425 4.64 -11.52 -66.28
CA ASN B 425 3.62 -10.50 -65.99
C ASN B 425 3.90 -9.15 -66.68
N PRO B 426 3.95 -9.14 -68.02
CA PRO B 426 4.29 -7.93 -68.77
C PRO B 426 3.22 -6.87 -68.60
N CYS B 427 1.97 -7.30 -68.50
CA CYS B 427 0.87 -6.39 -68.21
C CYS B 427 1.16 -5.51 -67.02
N ALA B 428 1.46 -6.13 -65.88
CA ALA B 428 1.76 -5.38 -64.66
C ALA B 428 3.02 -4.55 -64.89
N LYS B 429 3.99 -5.14 -65.57
CA LYS B 429 5.23 -4.42 -65.90
C LYS B 429 4.92 -3.12 -66.63
N THR B 430 3.99 -3.19 -67.59
CA THR B 430 3.57 -2.06 -68.40
C THR B 430 2.91 -0.96 -67.59
N ILE B 431 1.90 -1.34 -66.80
CA ILE B 431 1.15 -0.38 -66.01
C ILE B 431 2.05 0.48 -65.15
N VAL B 432 2.97 -0.18 -64.44
CA VAL B 432 3.92 0.50 -63.57
C VAL B 432 4.67 1.58 -64.32
N LYS B 433 5.28 1.20 -65.44
CA LYS B 433 6.08 2.16 -66.18
C LYS B 433 5.20 3.33 -66.62
N LEU B 434 3.97 3.01 -66.99
CA LEU B 434 3.00 4.04 -67.32
C LEU B 434 2.81 4.96 -66.10
N PHE B 435 2.59 4.37 -64.94
CA PHE B 435 2.51 5.14 -63.71
C PHE B 435 3.74 6.02 -63.54
N GLU B 436 4.92 5.43 -63.73
CA GLU B 436 6.17 6.15 -63.52
C GLU B 436 6.29 7.35 -64.46
N VAL B 437 5.83 7.20 -65.69
CA VAL B 437 5.77 8.33 -66.61
C VAL B 437 4.89 9.45 -66.04
N GLN B 438 3.72 9.07 -65.51
CA GLN B 438 2.79 10.01 -64.92
C GLN B 438 3.36 10.63 -63.63
N LYS B 439 3.88 9.77 -62.74
CA LYS B 439 4.53 10.20 -61.48
C LYS B 439 5.64 11.20 -61.77
N THR B 440 6.41 11.00 -62.84
CA THR B 440 7.57 11.83 -63.18
C THR B 440 7.23 13.24 -63.62
N GLY B 441 6.17 13.36 -64.40
CA GLY B 441 5.84 14.64 -64.97
C GLY B 441 4.75 15.35 -64.20
N PHE B 442 4.18 14.69 -63.19
CA PHE B 442 3.01 15.22 -62.51
C PHE B 442 3.05 14.94 -61.03
N ASN B 443 2.27 15.68 -60.27
CA ASN B 443 2.00 15.24 -58.91
C ASN B 443 0.69 14.46 -58.88
N ILE B 444 0.82 13.15 -58.76
CA ILE B 444 -0.30 12.22 -58.71
C ILE B 444 -1.32 12.56 -57.62
N GLN B 445 -0.84 12.99 -56.46
CA GLN B 445 -1.70 13.24 -55.30
C GLN B 445 -2.82 14.22 -55.59
N ASP B 446 -2.52 15.23 -56.38
CA ASP B 446 -3.53 16.21 -56.77
C ASP B 446 -4.51 15.73 -57.83
N MET B 447 -4.26 14.60 -58.46
CA MET B 447 -5.16 14.10 -59.51
C MET B 447 -6.29 13.28 -58.92
N ASP B 448 -7.52 13.59 -59.31
CA ASP B 448 -8.64 12.79 -58.79
C ASP B 448 -8.53 11.36 -59.33
N ILE B 449 -8.11 11.28 -60.59
CA ILE B 449 -7.92 10.01 -61.27
C ILE B 449 -6.51 9.83 -61.75
N VAL B 450 -5.88 8.73 -61.36
CA VAL B 450 -4.68 8.31 -62.05
C VAL B 450 -4.98 6.96 -62.71
N ALA B 451 -4.93 6.92 -64.04
CA ALA B 451 -5.40 5.77 -64.78
C ALA B 451 -4.69 4.48 -64.39
N SER B 452 -3.37 4.55 -64.33
CA SER B 452 -2.54 3.40 -64.06
C SER B 452 -2.99 2.69 -62.80
N GLU B 453 -3.25 3.47 -61.76
CA GLU B 453 -3.79 2.91 -60.54
C GLU B 453 -5.09 2.19 -60.81
N HIS B 454 -5.93 2.81 -61.63
CA HIS B 454 -7.22 2.23 -61.92
C HIS B 454 -7.03 0.93 -62.57
N LEU B 455 -6.16 0.93 -63.58
CA LEU B 455 -5.93 -0.26 -64.39
C LEU B 455 -5.41 -1.35 -63.52
N LEU B 456 -4.45 -0.99 -62.69
CA LEU B 456 -3.87 -1.92 -61.75
C LEU B 456 -4.99 -2.56 -60.91
N HIS B 457 -5.82 -1.72 -60.31
CA HIS B 457 -6.92 -2.21 -59.51
C HIS B 457 -7.76 -3.22 -60.26
N GLN B 458 -8.09 -2.91 -61.51
CA GLN B 458 -8.87 -3.83 -62.35
C GLN B 458 -8.14 -5.15 -62.53
N SER B 459 -6.83 -5.10 -62.71
CA SER B 459 -6.07 -6.33 -62.80
C SER B 459 -6.22 -7.15 -61.50
N LEU B 460 -6.10 -6.49 -60.35
CA LEU B 460 -6.14 -7.23 -59.10
C LEU B 460 -7.49 -7.84 -58.85
N VAL B 461 -8.54 -7.14 -59.26
CA VAL B 461 -9.88 -7.70 -59.21
C VAL B 461 -9.94 -8.96 -60.09
N GLY B 462 -8.97 -9.09 -61.00
CA GLY B 462 -8.93 -10.22 -61.93
C GLY B 462 -9.48 -9.99 -63.33
N LYS B 463 -9.69 -8.75 -63.70
CA LYS B 463 -10.08 -8.43 -65.06
C LYS B 463 -8.96 -8.82 -66.04
N GLN B 464 -9.33 -9.51 -67.11
CA GLN B 464 -8.38 -9.85 -68.15
C GLN B 464 -8.84 -9.38 -69.52
N SER B 465 -10.02 -8.79 -69.58
CA SER B 465 -10.53 -8.19 -70.80
C SER B 465 -11.30 -6.93 -70.47
N PRO B 466 -11.26 -5.95 -71.36
CA PRO B 466 -12.03 -4.72 -71.23
C PRO B 466 -13.52 -4.98 -71.19
N PHE B 467 -13.93 -6.17 -71.60
CA PHE B 467 -15.35 -6.45 -71.77
C PHE B 467 -15.97 -7.29 -70.66
N GLN B 468 -15.15 -7.76 -69.73
CA GLN B 468 -15.66 -8.36 -68.49
C GLN B 468 -16.27 -7.25 -67.64
N ASN B 469 -17.35 -7.57 -66.95
CA ASN B 469 -18.00 -6.63 -66.04
C ASN B 469 -17.79 -7.08 -64.62
N ALA B 470 -17.31 -6.19 -63.76
CA ALA B 470 -16.82 -6.63 -62.45
C ALA B 470 -17.68 -6.22 -61.26
N TYR B 471 -18.94 -5.85 -61.50
CA TYR B 471 -19.76 -5.33 -60.41
C TYR B 471 -19.86 -6.37 -59.32
N ASN B 472 -20.08 -7.63 -59.70
CA ASN B 472 -20.38 -8.67 -58.73
C ASN B 472 -19.16 -9.44 -58.22
N VAL B 473 -17.98 -8.95 -58.56
CA VAL B 473 -16.75 -9.42 -57.95
C VAL B 473 -16.80 -9.11 -56.45
N LYS B 474 -16.40 -10.09 -55.63
CA LYS B 474 -16.45 -9.93 -54.17
C LYS B 474 -15.05 -10.04 -53.56
N GLY B 475 -14.74 -9.16 -52.60
CA GLY B 475 -13.46 -9.18 -51.86
C GLY B 475 -12.72 -7.86 -51.66
N ASN B 476 -11.70 -7.61 -52.50
CA ASN B 476 -10.72 -6.50 -52.39
C ASN B 476 -10.67 -5.78 -51.04
N ALA C 1 8.99 -20.88 41.95
CA ALA C 1 9.04 -21.57 43.32
C ALA C 1 8.51 -20.74 44.55
N MET C 2 8.52 -19.40 44.47
CA MET C 2 7.90 -18.54 45.51
C MET C 2 8.18 -18.92 47.02
N GLU C 3 9.43 -19.27 47.31
CA GLU C 3 9.87 -19.57 48.66
C GLU C 3 11.31 -19.12 48.68
N ASN C 4 11.88 -18.97 49.87
CA ASN C 4 13.22 -18.43 49.97
C ASN C 4 14.30 -19.35 49.39
N LYS C 5 14.89 -18.95 48.26
CA LYS C 5 15.87 -19.79 47.55
C LYS C 5 17.27 -19.67 48.08
N ILE C 6 17.51 -18.65 48.89
CA ILE C 6 18.83 -18.48 49.51
C ILE C 6 18.98 -19.33 50.75
N GLU C 7 19.74 -20.42 50.65
CA GLU C 7 19.75 -21.37 51.72
C GLU C 7 21.04 -21.33 52.52
N VAL C 8 21.26 -20.24 53.24
CA VAL C 8 22.55 -20.10 53.89
C VAL C 8 22.42 -19.91 55.37
N ASN C 9 23.10 -20.75 56.13
CA ASN C 9 23.09 -20.68 57.59
C ASN C 9 24.42 -20.27 58.21
N ASN C 10 25.46 -20.25 57.40
CA ASN C 10 26.78 -19.85 57.88
C ASN C 10 27.47 -19.06 56.79
N LYS C 11 28.58 -18.41 57.16
CA LYS C 11 29.36 -17.65 56.21
C LYS C 11 29.94 -18.47 55.05
N ASP C 12 30.48 -19.64 55.36
CA ASP C 12 31.09 -20.50 54.33
C ASP C 12 30.06 -21.05 53.36
N GLU C 13 28.84 -21.35 53.84
CA GLU C 13 27.74 -21.69 52.91
C GLU C 13 27.45 -20.49 52.03
N MET C 14 27.49 -19.32 52.65
CA MET C 14 27.16 -18.07 51.98
C MET C 14 28.03 -17.83 50.77
N ASN C 15 29.33 -18.02 50.95
CA ASN C 15 30.28 -17.82 49.87
C ASN C 15 30.06 -18.78 48.73
N ARG C 16 29.80 -20.04 49.07
CA ARG C 16 29.50 -21.05 48.07
C ARG C 16 28.33 -20.52 47.25
N TRP C 17 27.24 -20.19 47.95
CA TRP C 17 26.05 -19.67 47.30
C TRP C 17 26.37 -18.48 46.44
N PHE C 18 27.11 -17.55 47.03
CA PHE C 18 27.45 -16.31 46.36
C PHE C 18 28.27 -16.56 45.11
N GLU C 19 29.33 -17.36 45.26
CA GLU C 19 30.21 -17.66 44.14
C GLU C 19 29.42 -18.16 42.94
N GLU C 20 28.61 -19.20 43.15
CA GLU C 20 27.75 -19.71 42.07
C GLU C 20 26.97 -18.56 41.45
N PHE C 21 26.36 -17.75 42.30
CA PHE C 21 25.60 -16.60 41.82
C PHE C 21 26.47 -15.65 41.01
N LYS C 22 27.66 -15.33 41.51
CA LYS C 22 28.52 -14.35 40.83
C LYS C 22 28.92 -14.81 39.44
N LYS C 23 29.45 -16.03 39.34
CA LYS C 23 29.86 -16.60 38.06
C LYS C 23 28.65 -16.67 37.13
N GLY C 24 27.53 -17.17 37.65
CA GLY C 24 26.30 -17.31 36.88
C GLY C 24 25.73 -16.01 36.34
N ASN C 25 25.89 -14.93 37.10
CA ASN C 25 25.29 -13.63 36.74
C ASN C 25 26.30 -12.57 36.35
N GLY C 26 27.58 -12.88 36.47
CA GLY C 26 28.64 -11.97 36.03
C GLY C 26 28.50 -10.62 36.69
N LEU C 27 29.22 -10.47 37.80
CA LEU C 27 29.08 -9.29 38.65
C LEU C 27 30.31 -8.43 38.68
N VAL C 28 30.14 -7.15 38.95
CA VAL C 28 31.26 -6.26 38.81
C VAL C 28 31.47 -5.38 40.04
N ASP C 29 32.73 -5.15 40.39
CA ASP C 29 33.07 -4.29 41.52
C ASP C 29 33.72 -2.98 41.04
N THR C 30 33.54 -2.66 39.77
CA THR C 30 34.20 -1.47 39.22
C THR C 30 33.75 -0.20 39.90
N PHE C 31 32.46 -0.07 40.15
CA PHE C 31 31.94 1.17 40.72
C PHE C 31 31.41 1.00 42.11
N THR C 32 31.30 -0.25 42.53
CA THR C 32 30.68 -0.55 43.79
C THR C 32 31.68 -1.25 44.66
N ASN C 33 31.63 -0.95 45.96
CA ASN C 33 32.48 -1.61 46.93
C ASN C 33 32.24 -3.08 46.96
N SER C 34 30.98 -3.48 46.96
CA SER C 34 30.64 -4.89 46.94
C SER C 34 30.24 -5.21 45.52
N TYR C 35 30.44 -6.45 45.08
CA TYR C 35 30.05 -6.81 43.73
C TYR C 35 28.59 -6.43 43.52
N SER C 36 28.34 -5.75 42.40
CA SER C 36 27.05 -5.16 42.06
C SER C 36 26.74 -5.48 40.62
N PHE C 37 25.52 -5.18 40.21
CA PHE C 37 25.16 -5.27 38.80
C PHE C 37 25.58 -4.05 38.00
N CYS C 38 26.20 -3.08 38.67
CA CYS C 38 26.44 -1.80 38.05
C CYS C 38 27.68 -1.79 37.14
N GLU C 39 27.39 -1.80 35.83
CA GLU C 39 28.36 -1.68 34.74
C GLU C 39 28.78 -0.26 34.54
N SER C 40 27.79 0.61 34.39
CA SER C 40 28.01 1.97 33.99
C SER C 40 27.59 2.83 35.17
N ILE C 41 28.36 3.86 35.46
CA ILE C 41 27.97 4.79 36.52
C ILE C 41 26.55 5.32 36.33
N PRO C 42 25.84 5.65 37.44
CA PRO C 42 24.61 6.44 37.23
C PRO C 42 24.93 7.85 36.71
N ASN C 43 24.27 8.27 35.62
CA ASN C 43 24.31 9.67 35.23
C ASN C 43 22.98 10.32 35.56
N LEU C 44 23.03 11.37 36.36
CA LEU C 44 21.83 12.06 36.79
C LEU C 44 21.82 13.51 36.31
N ASP C 45 22.86 13.89 35.57
CA ASP C 45 22.95 15.22 34.99
C ASP C 45 21.65 15.61 34.29
N ARG C 46 21.00 14.65 33.65
CA ARG C 46 19.79 14.92 32.88
C ARG C 46 18.57 15.37 33.72
N PHE C 47 18.44 14.82 34.92
CA PHE C 47 17.28 15.11 35.75
C PHE C 47 17.23 16.53 36.31
N VAL C 48 18.39 17.12 36.59
CA VAL C 48 18.44 18.48 37.18
C VAL C 48 17.69 19.48 36.28
N PHE C 49 17.97 19.42 34.99
CA PHE C 49 17.23 20.21 34.02
C PHE C 49 15.77 19.79 34.01
N GLN C 50 15.53 18.46 34.02
CA GLN C 50 14.16 17.94 34.07
C GLN C 50 13.42 18.62 35.24
N MET C 51 14.10 18.79 36.35
CA MET C 51 13.55 19.49 37.50
C MET C 51 13.22 20.95 37.20
N ALA C 52 14.17 21.65 36.57
CA ALA C 52 14.04 23.06 36.22
C ALA C 52 12.77 23.34 35.43
N SER C 53 12.41 22.47 34.49
CA SER C 53 11.07 22.54 33.91
C SER C 53 10.09 22.15 35.03
N ALA C 54 9.74 23.21 35.81
CA ALA C 54 9.12 23.10 37.14
C ALA C 54 7.71 22.51 37.14
N THR C 55 6.78 23.11 36.38
CA THR C 55 5.41 22.57 36.23
C THR C 55 4.78 22.09 37.57
N ASP C 56 4.36 20.82 37.68
CA ASP C 56 3.60 20.30 38.85
C ASP C 56 4.47 19.78 39.99
N ASP C 57 3.93 19.87 41.22
CA ASP C 57 4.60 19.28 42.37
C ASP C 57 4.56 17.77 42.27
N ALA C 58 3.41 17.24 41.82
CA ALA C 58 3.30 15.81 41.51
C ALA C 58 4.38 15.37 40.52
N GLN C 59 4.67 16.22 39.52
CA GLN C 59 5.73 15.92 38.57
C GLN C 59 7.12 16.01 39.21
N LYS C 60 7.39 17.10 39.95
CA LYS C 60 8.66 17.24 40.68
C LYS C 60 8.98 16.00 41.51
N ASP C 61 7.93 15.35 42.04
CA ASP C 61 8.00 14.09 42.79
C ASP C 61 8.54 12.95 41.93
N SER C 62 7.86 12.67 40.83
CA SER C 62 8.26 11.61 39.90
C SER C 62 9.70 11.78 39.40
N ILE C 63 10.08 13.03 39.12
CA ILE C 63 11.46 13.38 38.75
C ILE C 63 12.47 12.82 39.73
N TYR C 64 12.31 13.21 40.99
CA TYR C 64 13.21 12.82 42.07
C TYR C 64 13.28 11.30 42.14
N ALA C 65 12.12 10.65 42.11
CA ALA C 65 12.04 9.19 42.16
C ALA C 65 12.84 8.52 41.03
N SER C 66 12.70 9.04 39.81
CA SER C 66 13.45 8.51 38.69
C SER C 66 14.94 8.69 38.94
N ALA C 67 15.33 9.89 39.33
CA ALA C 67 16.73 10.18 39.66
C ALA C 67 17.25 9.21 40.72
N LEU C 68 16.41 8.89 41.70
CA LEU C 68 16.74 7.94 42.75
C LEU C 68 17.04 6.61 42.10
N VAL C 69 16.04 6.07 41.40
CA VAL C 69 16.18 4.79 40.69
C VAL C 69 17.42 4.73 39.80
N GLU C 70 17.81 5.86 39.21
CA GLU C 70 19.06 5.88 38.46
C GLU C 70 20.25 5.55 39.36
N ALA C 71 20.35 6.21 40.52
CA ALA C 71 21.45 5.95 41.44
C ALA C 71 21.40 4.55 42.05
N THR C 72 20.20 4.03 42.28
CA THR C 72 20.06 2.84 43.06
C THR C 72 19.82 1.55 42.27
N LYS C 73 19.62 1.70 40.97
CA LYS C 73 19.01 0.64 40.19
C LYS C 73 19.83 -0.63 40.24
N PHE C 74 21.15 -0.49 40.08
CA PHE C 74 21.98 -1.66 39.88
C PHE C 74 23.04 -1.86 40.93
N CYS C 75 23.04 -0.99 41.93
CA CYS C 75 24.18 -0.86 42.81
C CYS C 75 24.10 -1.68 44.07
N ALA C 76 22.98 -2.37 44.30
CA ALA C 76 22.83 -3.08 45.55
C ALA C 76 24.04 -3.98 45.76
N PRO C 77 24.58 -4.00 47.01
CA PRO C 77 25.70 -4.89 47.29
C PRO C 77 25.12 -6.25 47.49
N ILE C 78 25.31 -7.13 46.51
CA ILE C 78 24.55 -8.37 46.48
C ILE C 78 24.89 -9.29 47.64
N TYR C 79 26.18 -9.44 47.94
CA TYR C 79 26.56 -10.33 49.01
C TYR C 79 25.81 -9.99 50.29
N GLU C 80 25.87 -8.73 50.70
CA GLU C 80 25.30 -8.31 51.98
C GLU C 80 23.79 -8.49 52.01
N CYS C 81 23.14 -8.15 50.92
CA CYS C 81 21.71 -8.21 50.84
C CYS C 81 21.25 -9.65 50.94
N ALA C 82 21.94 -10.53 50.23
CA ALA C 82 21.64 -11.96 50.29
C ALA C 82 21.84 -12.43 51.71
N TRP C 83 22.98 -12.07 52.27
CA TRP C 83 23.28 -12.44 53.63
C TRP C 83 22.19 -11.98 54.54
N VAL C 84 21.80 -10.73 54.39
CA VAL C 84 20.76 -10.20 55.25
C VAL C 84 19.42 -10.86 55.01
N SER C 85 19.15 -11.24 53.76
CA SER C 85 17.87 -11.91 53.45
C SER C 85 17.99 -13.44 53.61
N SER C 86 19.13 -13.92 54.09
CA SER C 86 19.41 -15.38 54.19
C SER C 86 18.36 -16.07 55.00
N THR C 87 18.12 -17.33 54.68
CA THR C 87 17.18 -18.14 55.43
C THR C 87 17.63 -18.22 56.86
N GLY C 88 18.92 -18.50 57.05
CA GLY C 88 19.51 -18.58 58.39
C GLY C 88 19.34 -17.28 59.16
N ILE C 89 19.75 -16.18 58.55
CA ILE C 89 19.61 -14.88 59.18
C ILE C 89 18.18 -14.47 59.49
N VAL C 90 17.29 -14.70 58.54
CA VAL C 90 15.90 -14.31 58.70
C VAL C 90 15.29 -15.03 59.89
N LYS C 91 15.48 -16.34 59.93
CA LYS C 91 14.94 -17.11 61.02
C LYS C 91 15.51 -16.60 62.34
N LYS C 92 16.84 -16.53 62.44
CA LYS C 92 17.46 -16.07 63.68
C LYS C 92 16.95 -14.66 63.99
N GLY C 93 16.90 -13.80 62.98
CA GLY C 93 16.53 -12.39 63.20
C GLY C 93 15.18 -12.24 63.83
N LEU C 94 14.19 -12.82 63.17
CA LEU C 94 12.85 -12.82 63.69
C LEU C 94 12.75 -13.49 65.08
N GLU C 95 13.40 -14.65 65.24
CA GLU C 95 13.23 -15.44 66.44
C GLU C 95 13.67 -14.63 67.63
N TRP C 96 14.77 -13.92 67.46
CA TRP C 96 15.41 -13.17 68.51
C TRP C 96 14.41 -12.35 69.26
N PHE C 97 13.55 -11.65 68.52
CA PHE C 97 12.62 -10.71 69.15
C PHE C 97 11.71 -11.48 70.08
N GLU C 98 11.32 -12.67 69.65
CA GLU C 98 10.49 -13.52 70.47
C GLU C 98 11.17 -13.77 71.82
N LYS C 99 12.47 -14.02 71.84
CA LYS C 99 13.14 -14.17 73.14
C LYS C 99 13.32 -12.85 73.90
N ASN C 100 13.63 -11.75 73.25
CA ASN C 100 14.10 -10.59 74.03
C ASN C 100 13.08 -9.51 74.32
N ALA C 101 11.88 -9.91 74.69
CA ALA C 101 10.84 -8.93 75.01
C ALA C 101 11.30 -7.94 76.05
N GLY C 102 11.98 -8.44 77.08
CA GLY C 102 12.43 -7.59 78.18
C GLY C 102 13.39 -6.53 77.67
N THR C 103 14.25 -6.93 76.74
CA THR C 103 15.25 -6.05 76.20
C THR C 103 14.63 -4.78 75.65
N ILE C 104 13.54 -4.96 74.90
CA ILE C 104 13.03 -3.87 74.10
C ILE C 104 11.83 -3.21 74.73
N LYS C 105 11.54 -3.58 75.98
CA LYS C 105 10.40 -3.09 76.73
C LYS C 105 10.31 -1.55 76.70
N SER C 106 11.45 -0.86 76.85
CA SER C 106 11.46 0.59 77.03
C SER C 106 10.70 1.30 75.92
N TRP C 107 11.02 0.94 74.67
CA TRP C 107 10.39 1.59 73.54
C TRP C 107 9.35 0.73 72.89
N ASP C 108 9.60 -0.56 72.84
CA ASP C 108 8.64 -1.41 72.16
C ASP C 108 7.24 -1.28 72.75
N GLU C 109 7.13 -1.29 74.08
CA GLU C 109 5.82 -1.24 74.69
C GLU C 109 5.20 0.13 74.61
N SER C 110 5.95 1.11 74.14
CA SER C 110 5.41 2.45 74.02
C SER C 110 5.25 2.82 72.57
N TYR C 111 5.24 1.80 71.72
CA TYR C 111 5.29 2.07 70.29
C TYR C 111 4.22 3.09 69.88
N THR C 112 2.99 2.83 70.32
CA THR C 112 1.88 3.67 69.90
C THR C 112 2.11 5.12 70.26
N GLU C 113 2.54 5.41 71.48
CA GLU C 113 2.81 6.79 71.88
C GLU C 113 3.98 7.30 71.09
N LEU C 114 4.96 6.43 70.90
CA LEU C 114 6.17 6.83 70.21
C LEU C 114 5.85 7.22 68.80
N LYS C 115 4.65 6.86 68.37
CA LYS C 115 4.12 7.24 67.08
C LYS C 115 3.91 8.73 67.01
N VAL C 116 3.45 9.33 68.09
CA VAL C 116 3.16 10.74 68.07
C VAL C 116 4.14 11.59 68.84
N ASP C 117 4.81 10.98 69.82
CA ASP C 117 5.64 11.73 70.75
C ASP C 117 7.14 11.45 70.66
N VAL C 118 7.93 12.47 71.04
CA VAL C 118 9.38 12.36 71.00
C VAL C 118 9.82 11.49 72.16
N PRO C 119 10.75 10.57 71.88
CA PRO C 119 11.18 9.56 72.85
C PRO C 119 12.05 10.16 73.93
N LYS C 120 11.99 9.59 75.13
CA LYS C 120 12.96 9.90 76.17
C LYS C 120 14.34 9.40 75.72
N ILE C 121 15.39 10.04 76.19
CA ILE C 121 16.71 9.56 75.83
C ILE C 121 16.92 8.11 76.22
N GLU C 122 16.32 7.71 77.34
CA GLU C 122 16.50 6.34 77.79
C GLU C 122 16.05 5.35 76.72
N GLN C 123 14.99 5.73 76.03
CA GLN C 123 14.38 4.89 75.00
C GLN C 123 15.25 4.86 73.76
N LEU C 124 15.85 6.01 73.43
CA LEU C 124 16.80 6.08 72.35
C LEU C 124 17.97 5.15 72.66
N THR C 125 18.50 5.28 73.87
CA THR C 125 19.61 4.47 74.29
C THR C 125 19.32 2.99 74.23
N GLY C 126 18.13 2.62 74.73
CA GLY C 126 17.70 1.25 74.78
C GLY C 126 17.72 0.68 73.38
N TYR C 127 17.21 1.44 72.42
CA TYR C 127 17.08 0.90 71.08
C TYR C 127 18.48 0.56 70.56
N GLN C 128 19.40 1.50 70.74
CA GLN C 128 20.75 1.32 70.25
C GLN C 128 21.48 0.14 70.86
N GLN C 129 21.29 -0.08 72.16
CA GLN C 129 21.94 -1.19 72.84
C GLN C 129 21.36 -2.48 72.30
N ALA C 130 20.04 -2.48 72.18
CA ALA C 130 19.32 -3.63 71.71
C ALA C 130 19.78 -4.03 70.31
N ALA C 131 20.00 -3.02 69.46
CA ALA C 131 20.40 -3.29 68.09
C ALA C 131 21.72 -4.06 68.11
N LEU C 132 22.62 -3.62 68.99
CA LEU C 132 23.93 -4.21 69.10
C LEU C 132 23.86 -5.64 69.57
N LYS C 133 23.04 -5.83 70.61
CA LYS C 133 22.83 -7.14 71.17
C LYS C 133 22.38 -8.06 70.04
N TRP C 134 21.36 -7.61 69.33
CA TRP C 134 20.77 -8.39 68.29
C TRP C 134 21.82 -8.85 67.31
N ARG C 135 22.69 -7.94 66.89
CA ARG C 135 23.68 -8.30 65.87
C ARG C 135 24.63 -9.35 66.42
N LYS C 136 24.99 -9.25 67.69
CA LYS C 136 25.87 -10.26 68.27
C LYS C 136 25.18 -11.60 68.29
N ASP C 137 23.98 -11.65 68.85
CA ASP C 137 23.31 -12.93 69.03
C ASP C 137 23.02 -13.57 67.70
N ILE C 138 22.64 -12.77 66.71
CA ILE C 138 22.29 -13.27 65.37
C ILE C 138 23.54 -13.77 64.65
N GLY C 139 24.70 -13.25 65.04
CA GLY C 139 25.91 -13.46 64.27
C GLY C 139 25.73 -12.77 62.93
N PHE C 140 25.21 -11.55 62.99
CA PHE C 140 24.87 -10.77 61.82
C PHE C 140 26.10 -10.45 61.02
N ARG C 141 27.17 -9.98 61.67
CA ARG C 141 28.32 -9.47 60.93
C ARG C 141 29.13 -10.58 60.33
N VAL C 142 29.31 -10.52 59.01
CA VAL C 142 30.17 -11.45 58.32
C VAL C 142 31.34 -10.74 57.68
N ASN C 143 31.34 -9.43 57.75
CA ASN C 143 32.38 -8.69 57.11
C ASN C 143 32.23 -7.24 57.49
N ALA C 144 33.13 -6.41 56.98
CA ALA C 144 33.16 -5.01 57.36
C ALA C 144 31.87 -4.28 57.01
N ASN C 145 31.24 -4.59 55.88
CA ASN C 145 30.00 -3.90 55.46
C ASN C 145 28.84 -4.26 56.36
N THR C 146 28.96 -5.40 56.99
CA THR C 146 27.93 -5.85 57.88
C THR C 146 28.38 -5.68 59.35
N ALA C 147 29.46 -4.93 59.56
CA ALA C 147 30.00 -4.70 60.92
C ALA C 147 29.33 -3.56 61.66
N ALA C 148 29.73 -3.37 62.92
CA ALA C 148 29.36 -2.20 63.72
C ALA C 148 30.56 -1.31 63.92
N LEU C 149 30.44 -0.04 63.61
CA LEU C 149 31.61 0.81 63.59
C LEU C 149 31.85 1.52 64.89
N SER C 150 33.12 1.62 65.26
CA SER C 150 33.57 2.41 66.40
C SER C 150 34.67 3.38 65.96
N ASN C 151 35.01 3.34 64.68
CA ASN C 151 36.04 4.20 64.13
C ASN C 151 35.76 5.70 64.39
N LYS C 152 36.81 6.51 64.46
CA LYS C 152 36.66 7.96 64.51
C LYS C 152 36.33 8.47 63.12
N VAL C 153 35.69 9.64 63.05
CA VAL C 153 35.20 10.24 61.79
C VAL C 153 36.34 10.57 60.83
N LEU C 154 36.06 10.45 59.53
CA LEU C 154 37.10 10.67 58.52
C LEU C 154 37.78 12.03 58.61
N ALA C 155 39.11 11.99 58.68
CA ALA C 155 39.95 13.19 58.68
C ALA C 155 39.86 13.95 57.35
N GLU C 156 39.96 13.21 56.25
CA GLU C 156 40.00 13.80 54.90
C GLU C 156 38.98 13.21 53.96
N TYR C 157 38.52 14.02 53.04
CA TYR C 157 37.68 13.52 51.96
C TYR C 157 38.22 14.01 50.62
N LYS C 158 38.43 13.10 49.68
CA LYS C 158 38.94 13.49 48.37
C LYS C 158 37.76 13.57 47.40
N VAL C 159 37.61 14.72 46.75
CA VAL C 159 36.50 14.94 45.81
C VAL C 159 37.03 15.45 44.48
N PRO C 160 36.39 15.06 43.35
CA PRO C 160 36.80 15.60 42.06
C PRO C 160 36.56 17.11 42.00
N GLY C 161 37.52 17.82 41.41
CA GLY C 161 37.41 19.27 41.25
C GLY C 161 35.99 19.63 40.86
N GLU C 162 35.39 18.80 40.01
CA GLU C 162 34.10 19.07 39.37
C GLU C 162 32.97 19.36 40.35
N ILE C 163 33.04 18.81 41.57
CA ILE C 163 31.93 18.91 42.52
C ILE C 163 32.22 19.83 43.70
N VAL C 164 33.51 20.04 44.01
CA VAL C 164 33.94 20.77 45.21
C VAL C 164 33.03 21.96 45.55
N MET C 165 32.69 22.74 44.52
CA MET C 165 31.77 23.85 44.62
C MET C 165 30.41 23.42 45.24
N SER C 166 29.76 22.41 44.66
CA SER C 166 28.43 21.98 45.14
C SER C 166 28.44 21.48 46.58
N VAL C 167 29.48 20.72 46.91
CA VAL C 167 29.59 20.09 48.20
C VAL C 167 29.69 21.13 49.33
N LYS C 168 30.54 22.13 49.15
CA LYS C 168 30.71 23.18 50.15
C LYS C 168 29.34 23.67 50.53
N GLU C 169 28.48 23.80 49.52
CA GLU C 169 27.12 24.29 49.68
C GLU C 169 26.37 23.38 50.65
N MET C 170 26.46 22.07 50.42
CA MET C 170 25.81 21.09 51.30
C MET C 170 26.41 21.17 52.68
N LEU C 171 27.73 21.16 52.74
CA LEU C 171 28.45 21.16 54.01
C LEU C 171 28.02 22.27 54.97
N SER C 172 27.99 23.50 54.48
CA SER C 172 27.62 24.62 55.35
C SER C 172 26.21 24.42 55.87
N ASP C 173 25.26 24.15 54.95
CA ASP C 173 23.86 23.93 55.34
C ASP C 173 23.77 22.88 56.42
N MET C 174 24.57 21.83 56.27
CA MET C 174 24.61 20.76 57.25
C MET C 174 25.11 21.29 58.58
N ILE C 175 26.16 22.10 58.55
CA ILE C 175 26.63 22.75 59.77
C ILE C 175 25.54 23.63 60.38
N ARG C 176 24.87 24.42 59.55
CA ARG C 176 23.76 25.28 59.99
C ARG C 176 22.76 24.44 60.78
N ARG C 177 22.43 23.28 60.23
CA ARG C 177 21.61 22.30 60.92
C ARG C 177 22.37 21.74 62.12
N ARG C 178 23.61 21.28 61.91
CA ARG C 178 24.43 20.67 62.97
C ARG C 178 24.67 21.64 64.09
N ASN C 179 25.14 22.83 63.72
CA ASN C 179 25.36 23.88 64.70
C ASN C 179 24.03 24.31 65.35
N LEU C 180 22.94 24.40 64.59
CA LEU C 180 21.62 24.71 65.16
C LEU C 180 21.28 23.79 66.34
N ILE C 181 21.49 22.48 66.16
CA ILE C 181 21.09 21.48 67.15
C ILE C 181 21.92 21.53 68.47
N LEU C 182 23.25 21.42 68.39
CA LEU C 182 24.08 21.53 69.60
C LEU C 182 23.92 22.90 70.30
N ASN C 183 23.73 23.96 69.49
CA ASN C 183 23.53 25.34 69.98
C ASN C 183 22.17 25.55 70.69
N ARG C 184 21.13 24.86 70.23
CA ARG C 184 19.77 25.01 70.79
C ARG C 184 19.76 25.21 72.30
N VAL C 194 41.10 29.54 72.05
CA VAL C 194 40.49 30.27 73.23
C VAL C 194 39.22 29.49 73.73
N SER C 195 38.02 29.89 73.28
CA SER C 195 36.77 29.24 73.67
C SER C 195 36.93 27.73 73.55
N HIS C 196 37.83 27.33 72.64
CA HIS C 196 38.21 25.95 72.44
C HIS C 196 38.89 25.28 73.61
N GLU C 197 39.76 26.03 74.30
CA GLU C 197 40.81 25.45 75.15
C GLU C 197 40.39 24.76 76.43
N HIS C 198 39.22 25.08 76.97
CA HIS C 198 38.79 24.34 78.15
C HIS C 198 38.64 22.87 77.87
N VAL C 199 38.31 22.50 76.62
CA VAL C 199 38.24 21.09 76.24
C VAL C 199 39.65 20.49 76.22
N ASP C 200 40.56 21.18 75.54
CA ASP C 200 41.93 20.68 75.36
C ASP C 200 42.59 20.49 76.71
N TRP C 201 42.25 21.37 77.66
CA TRP C 201 42.77 21.30 79.00
C TRP C 201 42.40 20.01 79.65
N CYS C 202 41.12 19.69 79.61
CA CYS C 202 40.61 18.44 80.16
C CYS C 202 41.22 17.25 79.46
N ARG C 203 41.30 17.29 78.13
CA ARG C 203 41.86 16.16 77.41
C ARG C 203 43.20 15.78 78.04
N GLU C 204 44.03 16.78 78.28
CA GLU C 204 45.33 16.54 78.85
C GLU C 204 45.21 16.11 80.29
N PHE C 205 44.37 16.80 81.04
CA PHE C 205 44.22 16.49 82.44
C PHE C 205 43.84 15.02 82.67
N VAL C 206 42.79 14.56 81.98
CA VAL C 206 42.33 13.19 82.10
C VAL C 206 43.45 12.23 81.73
N LYS C 207 44.36 12.69 80.87
CA LYS C 207 45.53 11.93 80.49
C LYS C 207 46.39 11.60 81.73
N GLY C 208 45.97 12.09 82.89
CA GLY C 208 46.68 11.79 84.14
C GLY C 208 47.63 12.89 84.61
N LYS C 209 47.61 14.03 83.92
CA LYS C 209 48.45 15.16 84.29
C LYS C 209 47.79 15.96 85.38
N TYR C 210 47.75 15.37 86.57
CA TYR C 210 47.04 15.93 87.70
C TYR C 210 47.54 17.29 88.14
N ILE C 211 48.80 17.57 87.83
CA ILE C 211 49.38 18.83 88.24
C ILE C 211 48.58 20.01 87.70
N MET C 212 48.04 19.87 86.50
CA MET C 212 47.33 20.95 85.85
C MET C 212 46.22 21.49 86.70
N ALA C 213 45.69 20.66 87.59
CA ALA C 213 44.60 21.05 88.46
C ALA C 213 44.93 22.29 89.28
N PHE C 214 46.19 22.41 89.67
CA PHE C 214 46.62 23.49 90.55
C PHE C 214 46.53 24.82 89.86
N ASN C 215 46.89 24.84 88.59
CA ASN C 215 46.60 26.01 87.79
C ASN C 215 45.88 25.65 86.50
N PRO C 216 44.57 25.97 86.42
CA PRO C 216 43.81 25.93 85.18
C PRO C 216 43.80 27.30 84.54
N PRO C 217 43.82 27.37 83.20
CA PRO C 217 43.92 28.60 82.41
C PRO C 217 43.02 29.72 82.90
N TRP C 218 41.95 29.36 83.59
CA TRP C 218 41.02 30.32 84.16
C TRP C 218 41.28 30.57 85.63
N GLY C 219 42.25 29.88 86.20
CA GLY C 219 42.74 30.20 87.55
C GLY C 219 42.08 29.40 88.65
N ASP C 220 40.83 29.72 88.94
CA ASP C 220 40.03 28.97 89.88
C ASP C 220 39.59 27.66 89.23
N ILE C 221 39.67 26.55 89.96
CA ILE C 221 39.19 25.27 89.44
C ILE C 221 37.68 25.33 89.10
N ASN C 222 36.96 26.14 89.86
CA ASN C 222 35.51 26.17 89.77
C ASN C 222 34.98 27.28 88.91
N LYS C 223 35.84 28.04 88.25
CA LYS C 223 35.34 29.07 87.35
C LYS C 223 34.33 28.45 86.40
N SER C 224 33.36 29.26 86.00
CA SER C 224 32.21 28.81 85.23
C SER C 224 32.02 29.70 84.04
N GLY C 225 31.45 29.11 82.98
CA GLY C 225 31.18 29.83 81.74
C GLY C 225 29.97 30.73 81.88
N ARG C 226 29.67 31.46 80.81
CA ARG C 226 28.50 32.35 80.76
C ARG C 226 27.29 31.61 81.26
N SER C 227 27.26 30.31 80.97
CA SER C 227 26.23 29.41 81.44
C SER C 227 26.08 29.45 82.97
N GLY C 228 27.20 29.48 83.68
CA GLY C 228 27.17 29.31 85.12
C GLY C 228 27.49 27.88 85.51
N ILE C 229 28.11 27.13 84.61
CA ILE C 229 28.58 25.78 84.90
C ILE C 229 30.10 25.75 84.87
N ALA C 230 30.68 24.97 85.78
CA ALA C 230 32.12 24.89 85.85
C ALA C 230 32.64 24.49 84.49
N LEU C 231 33.69 25.18 84.05
CA LEU C 231 34.28 24.94 82.74
C LEU C 231 34.76 23.52 82.67
N VAL C 232 35.28 23.02 83.79
CA VAL C 232 35.75 21.66 83.87
C VAL C 232 34.61 20.72 83.51
N ALA C 233 33.45 20.94 84.13
CA ALA C 233 32.30 20.06 83.90
C ALA C 233 31.85 20.13 82.44
N THR C 234 31.74 21.34 81.94
CA THR C 234 31.43 21.58 80.55
C THR C 234 32.46 20.92 79.65
N GLY C 235 33.73 21.20 79.94
CA GLY C 235 34.81 20.73 79.10
C GLY C 235 34.86 19.23 79.09
N LEU C 236 34.67 18.64 80.26
CA LEU C 236 34.68 17.21 80.38
C LEU C 236 33.57 16.63 79.54
N ALA C 237 32.41 17.26 79.63
CA ALA C 237 31.28 16.78 78.87
C ALA C 237 31.55 16.85 77.37
N LYS C 238 31.98 18.01 76.87
CA LYS C 238 32.24 18.14 75.44
C LYS C 238 33.30 17.14 75.00
N LEU C 239 34.33 16.95 75.83
CA LEU C 239 35.30 15.89 75.55
C LEU C 239 34.60 14.53 75.33
N ALA C 240 33.63 14.20 76.19
CA ALA C 240 32.97 12.91 76.15
C ALA C 240 32.24 12.69 74.84
N GLU C 241 31.59 13.72 74.33
CA GLU C 241 30.85 13.59 73.09
C GLU C 241 31.75 13.21 71.94
N THR C 242 32.94 13.80 71.89
CA THR C 242 33.91 13.51 70.84
C THR C 242 34.59 12.17 71.00
N GLU C 243 34.95 11.85 72.24
CA GLU C 243 35.83 10.70 72.51
C GLU C 243 35.17 9.57 73.29
N GLY C 244 33.88 9.70 73.57
CA GLY C 244 33.19 8.63 74.28
C GLY C 244 33.30 8.80 75.78
N LYS C 245 32.52 8.01 76.51
CA LYS C 245 32.45 8.17 77.94
C LYS C 245 33.59 7.49 78.68
N GLY C 246 34.55 6.95 77.91
CA GLY C 246 35.75 6.38 78.50
C GLY C 246 36.36 7.41 79.43
N ILE C 247 36.27 8.66 79.00
CA ILE C 247 37.00 9.75 79.65
C ILE C 247 36.59 10.02 81.09
N PHE C 248 35.32 9.82 81.44
CA PHE C 248 34.89 10.02 82.83
C PHE C 248 35.67 9.11 83.74
N ASP C 249 35.91 7.88 83.29
CA ASP C 249 36.70 6.95 84.06
C ASP C 249 38.12 7.49 84.24
N GLU C 250 38.72 7.91 83.13
CA GLU C 250 40.06 8.46 83.14
C GLU C 250 40.16 9.61 84.13
N ALA C 251 39.30 10.60 83.97
CA ALA C 251 39.31 11.75 84.86
C ALA C 251 39.21 11.32 86.33
N LYS C 252 38.34 10.36 86.59
CA LYS C 252 38.16 9.85 87.93
C LYS C 252 39.49 9.27 88.42
N LYS C 253 40.14 8.45 87.57
CA LYS C 253 41.43 7.87 87.93
C LYS C 253 42.41 8.99 88.17
N THR C 254 42.41 9.99 87.29
CA THR C 254 43.34 11.11 87.38
C THR C 254 43.14 11.86 88.70
N VAL C 255 41.89 12.14 89.04
CA VAL C 255 41.61 12.77 90.34
C VAL C 255 42.09 11.86 91.46
N GLU C 256 42.05 10.56 91.22
CA GLU C 256 42.54 9.61 92.21
C GLU C 256 44.05 9.81 92.40
N ALA C 257 44.79 9.93 91.29
CA ALA C 257 46.22 10.20 91.35
C ALA C 257 46.46 11.49 92.14
N LEU C 258 45.67 12.51 91.84
CA LEU C 258 45.80 13.80 92.49
C LEU C 258 45.62 13.67 94.00
N ASN C 259 44.62 12.91 94.44
CA ASN C 259 44.39 12.76 95.86
C ASN C 259 45.62 12.20 96.55
N GLY C 260 46.26 11.23 95.90
CA GLY C 260 47.44 10.55 96.45
C GLY C 260 48.62 11.49 96.52
N TYR C 261 48.90 12.16 95.41
CA TYR C 261 49.92 13.19 95.39
C TYR C 261 49.68 14.21 96.51
N LEU C 262 48.44 14.68 96.65
CA LEU C 262 48.09 15.70 97.66
C LEU C 262 48.44 15.28 99.08
N ASP C 263 48.11 14.04 99.41
CA ASP C 263 48.49 13.51 100.69
C ASP C 263 50.02 13.45 100.76
N LYS C 264 50.67 12.89 99.75
CA LYS C 264 52.14 12.74 99.73
C LYS C 264 52.89 14.01 100.10
N HIS C 265 52.32 15.17 99.84
CA HIS C 265 52.98 16.39 100.22
C HIS C 265 52.13 17.10 101.26
N LYS C 266 51.68 16.31 102.24
CA LYS C 266 50.61 16.71 103.16
C LYS C 266 50.86 17.98 103.96
N ASP C 267 52.10 18.16 104.42
CA ASP C 267 52.46 19.29 105.28
C ASP C 267 52.48 20.62 104.52
N GLU C 268 52.81 20.55 103.23
CA GLU C 268 52.97 21.73 102.38
C GLU C 268 51.70 22.35 101.85
N VAL C 269 50.65 21.54 101.72
CA VAL C 269 49.36 22.03 101.27
C VAL C 269 48.41 22.14 102.45
N ASP C 270 47.56 23.15 102.44
CA ASP C 270 46.50 23.26 103.44
C ASP C 270 45.50 22.10 103.24
N ARG C 271 45.37 21.23 104.24
CA ARG C 271 44.53 20.04 104.12
C ARG C 271 43.06 20.38 103.83
N ALA C 272 42.54 21.45 104.42
CA ALA C 272 41.14 21.87 104.17
C ALA C 272 40.85 22.22 102.70
N SER C 273 41.73 23.01 102.09
CA SER C 273 41.61 23.37 100.68
C SER C 273 41.76 22.14 99.82
N ALA C 274 42.77 21.33 100.14
CA ALA C 274 43.04 20.10 99.40
C ALA C 274 41.81 19.19 99.29
N ASP C 275 41.11 18.97 100.39
CA ASP C 275 39.86 18.19 100.38
C ASP C 275 38.89 18.86 99.48
N SER C 276 38.61 20.14 99.77
CA SER C 276 37.65 20.89 99.01
C SER C 276 37.97 20.81 97.51
N MET C 277 39.26 20.90 97.16
CA MET C 277 39.63 20.79 95.77
C MET C 277 39.28 19.43 95.20
N ILE C 278 39.65 18.37 95.93
CA ILE C 278 39.45 17.01 95.45
C ILE C 278 38.00 16.60 95.40
N THR C 279 37.20 17.03 96.35
CA THR C 279 35.79 16.71 96.25
C THR C 279 35.15 17.46 95.05
N ASN C 280 35.37 18.78 94.93
CA ASN C 280 34.78 19.54 93.83
C ASN C 280 35.12 19.00 92.45
N LEU C 281 36.37 18.57 92.26
CA LEU C 281 36.74 17.90 91.04
C LEU C 281 35.78 16.76 90.75
N LEU C 282 35.51 15.94 91.75
CA LEU C 282 34.55 14.85 91.63
C LEU C 282 33.16 15.38 91.29
N LYS C 283 32.72 16.39 92.03
CA LYS C 283 31.42 17.00 91.75
C LYS C 283 31.34 17.45 90.28
N HIS C 284 32.41 18.05 89.78
CA HIS C 284 32.43 18.44 88.38
C HIS C 284 32.36 17.27 87.47
N ILE C 285 33.05 16.19 87.82
CA ILE C 285 33.06 15.01 86.98
C ILE C 285 31.65 14.45 86.89
N ALA C 286 30.97 14.37 88.03
CA ALA C 286 29.58 13.91 88.05
C ALA C 286 28.75 14.77 87.12
N LYS C 287 28.84 16.08 87.29
CA LYS C 287 28.03 16.98 86.50
C LYS C 287 28.27 16.75 85.01
N ALA C 288 29.52 16.50 84.63
CA ALA C 288 29.83 16.21 83.25
C ALA C 288 29.06 14.97 82.80
N GLN C 289 29.01 13.93 83.63
CA GLN C 289 28.26 12.71 83.29
C GLN C 289 26.79 13.05 83.10
N GLU C 290 26.20 13.77 84.07
CA GLU C 290 24.83 14.27 83.92
C GLU C 290 24.68 15.05 82.62
N LEU C 291 25.58 16.00 82.40
CA LEU C 291 25.52 16.87 81.24
C LEU C 291 25.56 16.05 79.98
N TYR C 292 26.32 14.97 80.00
CA TYR C 292 26.52 14.09 78.86
C TYR C 292 25.22 13.40 78.52
N LYS C 293 24.59 12.80 79.53
CA LYS C 293 23.35 12.06 79.33
C LYS C 293 22.33 12.92 78.60
N ASN C 294 22.19 14.17 79.00
CA ASN C 294 21.23 15.07 78.36
C ASN C 294 21.86 15.84 77.22
N SER C 295 23.11 15.52 76.89
CA SER C 295 23.81 16.20 75.78
C SER C 295 22.88 16.09 74.62
N SER C 296 22.63 17.21 73.96
CA SER C 296 21.85 17.20 72.71
C SER C 296 22.57 16.31 71.70
N ALA C 297 23.90 16.33 71.75
CA ALA C 297 24.71 15.50 70.89
C ALA C 297 24.36 14.04 71.11
N LEU C 298 24.21 13.64 72.36
CA LEU C 298 23.87 12.27 72.64
C LEU C 298 22.55 11.85 72.01
N ARG C 299 21.51 12.68 72.16
CA ARG C 299 20.21 12.37 71.58
C ARG C 299 20.37 12.25 70.10
N ALA C 300 21.03 13.22 69.50
CA ALA C 300 21.20 13.19 68.06
C ALA C 300 21.85 11.88 67.64
N GLN C 301 22.96 11.52 68.29
CA GLN C 301 23.68 10.33 67.87
C GLN C 301 22.84 9.11 68.12
N SER C 302 22.08 9.12 69.22
CA SER C 302 21.27 8.00 69.64
C SER C 302 20.06 7.74 68.80
N ALA C 303 19.60 8.76 68.08
CA ALA C 303 18.45 8.65 67.18
C ALA C 303 18.67 7.88 65.86
N GLN C 304 19.89 7.82 65.34
CA GLN C 304 20.12 7.20 64.04
C GLN C 304 19.69 5.75 63.95
N ILE C 305 19.11 5.36 62.81
CA ILE C 305 18.45 4.07 62.61
C ILE C 305 19.45 3.00 62.36
N ASP C 306 19.25 1.85 62.97
CA ASP C 306 19.99 0.69 62.54
C ASP C 306 19.16 0.09 61.42
N THR C 307 19.66 0.22 60.19
CA THR C 307 18.89 -0.15 59.05
C THR C 307 18.40 -1.56 59.16
N ALA C 308 19.29 -2.50 59.43
CA ALA C 308 18.92 -3.90 59.62
C ALA C 308 18.03 -4.19 60.85
N PHE C 309 18.37 -3.62 61.99
CA PHE C 309 17.67 -3.97 63.21
C PHE C 309 16.21 -3.51 63.18
N SER C 310 15.99 -2.25 62.83
CA SER C 310 14.63 -1.74 62.73
C SER C 310 13.82 -2.56 61.72
N SER C 311 14.37 -2.79 60.52
CA SER C 311 13.65 -3.51 59.46
C SER C 311 13.19 -4.85 59.98
N TYR C 312 14.11 -5.61 60.57
CA TYR C 312 13.73 -6.86 61.20
C TYR C 312 12.74 -6.61 62.30
N TYR C 313 12.92 -5.51 62.99
CA TYR C 313 12.03 -5.26 64.09
C TYR C 313 10.64 -5.15 63.55
N TRP C 314 10.49 -4.40 62.48
CA TRP C 314 9.20 -4.20 61.90
C TRP C 314 8.59 -5.47 61.40
N LEU C 315 9.39 -6.34 60.76
CA LEU C 315 8.85 -7.63 60.31
C LEU C 315 8.21 -8.35 61.47
N TYR C 316 8.96 -8.51 62.55
CA TYR C 316 8.44 -9.16 63.71
C TYR C 316 7.12 -8.50 64.08
N LYS C 317 7.19 -7.18 64.25
CA LYS C 317 6.07 -6.41 64.71
C LYS C 317 4.87 -6.59 63.78
N ALA C 318 5.15 -6.61 62.48
CA ALA C 318 4.14 -6.83 61.44
C ALA C 318 3.58 -8.23 61.47
N GLY C 319 4.29 -9.14 62.14
CA GLY C 319 3.87 -10.53 62.19
C GLY C 319 4.39 -11.41 61.07
N VAL C 320 5.36 -10.93 60.30
CA VAL C 320 6.03 -11.72 59.27
C VAL C 320 6.68 -12.95 59.91
N THR C 321 6.80 -14.02 59.12
CA THR C 321 7.47 -15.23 59.57
C THR C 321 8.42 -15.67 58.48
N PRO C 322 9.37 -16.55 58.81
CA PRO C 322 10.35 -17.06 57.84
C PRO C 322 9.64 -17.63 56.63
N GLU C 323 8.57 -18.38 56.89
CA GLU C 323 7.75 -18.95 55.85
C GLU C 323 7.04 -17.88 55.01
N THR C 324 6.61 -16.82 55.68
CA THR C 324 5.92 -15.74 54.99
C THR C 324 6.85 -14.69 54.39
N PHE C 325 8.10 -14.67 54.85
CA PHE C 325 9.07 -13.63 54.45
C PHE C 325 9.22 -13.46 52.94
N PRO C 326 9.26 -14.57 52.18
CA PRO C 326 9.60 -14.55 50.75
C PRO C 326 8.73 -13.58 49.96
N THR C 327 7.47 -13.45 50.36
CA THR C 327 6.55 -12.47 49.79
C THR C 327 7.04 -11.06 50.05
N VAL C 328 7.48 -10.81 51.28
CA VAL C 328 7.95 -9.48 51.69
C VAL C 328 9.15 -9.04 50.86
N SER C 329 10.07 -9.95 50.60
CA SER C 329 11.18 -9.65 49.72
C SER C 329 10.63 -9.25 48.37
N GLN C 330 9.75 -10.12 47.87
CA GLN C 330 9.18 -9.93 46.55
C GLN C 330 8.44 -8.58 46.42
N PHE C 331 7.60 -8.26 47.40
CA PHE C 331 6.82 -7.03 47.37
C PHE C 331 7.80 -5.87 47.28
N LEU C 332 8.78 -5.89 48.19
CA LEU C 332 9.74 -4.80 48.26
C LEU C 332 10.54 -4.69 46.96
N PHE C 333 10.84 -5.84 46.38
CA PHE C 333 11.60 -5.88 45.16
C PHE C 333 10.94 -5.10 44.04
N GLU C 334 9.71 -5.45 43.74
CA GLU C 334 8.95 -4.80 42.67
C GLU C 334 8.89 -3.30 42.95
N LEU C 335 8.62 -2.96 44.20
CA LEU C 335 8.55 -1.56 44.57
C LEU C 335 9.86 -0.84 44.27
N GLY C 336 10.99 -1.54 44.38
CA GLY C 336 12.26 -0.96 43.98
C GLY C 336 12.31 -0.71 42.49
N LYS C 337 11.81 -1.67 41.70
CA LYS C 337 11.78 -1.55 40.24
C LYS C 337 10.90 -0.39 39.78
N GLN C 338 9.63 -0.36 40.16
CA GLN C 338 8.76 0.77 39.81
C GLN C 338 8.54 1.70 41.01
N PRO C 339 9.24 2.84 41.02
CA PRO C 339 9.18 3.79 42.11
C PRO C 339 7.83 4.49 42.15
N ARG C 340 7.26 4.64 43.33
CA ARG C 340 6.06 5.47 43.47
C ARG C 340 6.02 6.10 44.84
N GLY C 341 5.07 7.03 44.98
CA GLY C 341 4.95 7.84 46.18
C GLY C 341 4.36 7.08 47.34
N THR C 342 4.39 7.71 48.51
CA THR C 342 3.88 7.09 49.72
C THR C 342 2.44 6.66 49.48
N LYS C 343 1.66 7.51 48.80
CA LYS C 343 0.24 7.24 48.61
C LYS C 343 0.03 5.87 47.97
N LYS C 344 0.73 5.62 46.87
CA LYS C 344 0.64 4.33 46.17
C LYS C 344 1.05 3.18 47.09
N MET C 345 2.11 3.43 47.84
CA MET C 345 2.63 2.51 48.83
C MET C 345 1.61 2.00 49.85
N LYS C 346 0.89 2.93 50.47
CA LYS C 346 -0.03 2.60 51.53
C LYS C 346 -1.17 1.77 50.93
N LYS C 347 -1.58 2.14 49.72
CA LYS C 347 -2.64 1.37 49.07
C LYS C 347 -2.23 -0.07 48.88
N ALA C 348 -1.00 -0.30 48.45
CA ALA C 348 -0.54 -1.66 48.21
C ALA C 348 -0.73 -2.49 49.45
N LEU C 349 -0.31 -1.96 50.59
CA LEU C 349 -0.41 -2.70 51.83
C LEU C 349 -1.86 -3.00 52.18
N LEU C 350 -2.74 -2.03 52.03
CA LEU C 350 -4.16 -2.20 52.34
C LEU C 350 -4.86 -3.20 51.42
N SER C 351 -4.44 -3.22 50.16
CA SER C 351 -4.95 -4.19 49.16
C SER C 351 -4.51 -5.62 49.43
N THR C 352 -3.22 -5.84 49.71
CA THR C 352 -2.70 -7.22 49.83
C THR C 352 -3.62 -8.06 50.72
N PRO C 353 -3.87 -9.31 50.29
CA PRO C 353 -4.57 -10.32 51.08
C PRO C 353 -3.70 -10.77 52.24
N MET C 354 -2.40 -10.58 52.10
CA MET C 354 -1.45 -10.91 53.12
C MET C 354 -1.83 -10.21 54.42
N LYS C 355 -1.91 -10.96 55.51
CA LYS C 355 -2.37 -10.35 56.77
C LYS C 355 -1.35 -9.34 57.19
N TRP C 356 -0.09 -9.64 56.85
CA TRP C 356 1.01 -8.83 57.31
C TRP C 356 0.94 -7.45 56.76
N GLY C 357 0.35 -7.32 55.58
CA GLY C 357 0.17 -6.03 54.94
C GLY C 357 -0.52 -5.03 55.84
N LYS C 358 -1.74 -5.36 56.27
CA LYS C 358 -2.48 -4.42 57.11
C LYS C 358 -1.73 -4.14 58.41
N LYS C 359 -1.19 -5.19 59.02
CA LYS C 359 -0.42 -5.06 60.26
C LYS C 359 0.75 -4.08 60.11
N LEU C 360 1.49 -4.22 59.01
CA LEU C 360 2.59 -3.32 58.75
C LEU C 360 2.12 -1.87 58.58
N TYR C 361 1.02 -1.69 57.85
CA TYR C 361 0.48 -0.37 57.61
C TYR C 361 0.22 0.32 58.96
N GLU C 362 -0.37 -0.40 59.89
CA GLU C 362 -0.71 0.19 61.19
C GLU C 362 0.50 0.81 61.83
N LEU C 363 1.67 0.27 61.54
CA LEU C 363 2.91 0.76 62.12
C LEU C 363 3.26 2.15 61.64
N PHE C 364 2.79 2.50 60.45
CA PHE C 364 3.13 3.78 59.87
C PHE C 364 2.77 4.94 60.80
N ALA C 365 3.71 5.85 60.97
CA ALA C 365 3.52 6.98 61.86
C ALA C 365 3.41 8.30 61.12
N ASP C 366 3.23 8.22 59.81
CA ASP C 366 3.20 9.39 58.98
C ASP C 366 2.17 10.41 59.42
N ASP C 367 0.93 9.96 59.60
CA ASP C 367 -0.12 10.86 60.06
C ASP C 367 0.14 11.30 61.50
N SER C 368 0.55 10.36 62.34
CA SER C 368 0.57 10.56 63.79
C SER C 368 1.64 11.54 64.27
N PHE C 369 2.86 11.33 63.82
CA PHE C 369 3.98 12.09 64.34
C PHE C 369 4.16 13.31 63.49
N GLN C 370 3.59 14.42 63.94
CA GLN C 370 3.68 15.67 63.20
C GLN C 370 4.79 16.58 63.73
N GLN C 371 5.47 16.11 64.76
CA GLN C 371 6.73 16.70 65.19
C GLN C 371 7.77 16.65 64.05
N ASN C 372 8.80 17.49 64.10
CA ASN C 372 9.86 17.37 63.13
C ASN C 372 10.43 15.96 63.18
N ARG C 373 10.61 15.37 61.99
CA ARG C 373 11.02 13.97 61.84
C ARG C 373 12.29 13.56 62.57
N ILE C 374 13.29 14.42 62.62
CA ILE C 374 14.59 14.06 63.21
C ILE C 374 14.47 13.62 64.68
N TYR C 375 13.44 14.12 65.36
CA TYR C 375 13.14 13.69 66.73
C TYR C 375 12.50 12.31 66.85
N MET C 376 12.07 11.75 65.73
CA MET C 376 11.41 10.47 65.78
C MET C 376 12.30 9.36 66.26
N HIS C 377 11.70 8.45 67.02
CA HIS C 377 12.39 7.23 67.44
C HIS C 377 12.67 6.39 66.22
N PRO C 378 13.84 5.75 66.19
CA PRO C 378 14.32 4.99 65.03
C PRO C 378 13.67 3.64 64.91
N ALA C 379 12.86 3.28 65.87
CA ALA C 379 12.14 2.04 65.78
C ALA C 379 10.73 2.28 65.22
N VAL C 380 10.34 3.54 65.12
CA VAL C 380 9.05 3.90 64.53
C VAL C 380 9.08 3.80 62.99
N LEU C 381 7.95 3.42 62.42
CA LEU C 381 7.84 3.18 60.98
C LEU C 381 7.11 4.29 60.22
N THR C 382 7.73 4.77 59.14
CA THR C 382 7.10 5.71 58.21
C THR C 382 7.40 5.28 56.80
N ALA C 383 6.60 5.77 55.85
CA ALA C 383 6.72 5.32 54.48
C ALA C 383 8.12 5.53 53.95
N GLY C 384 8.69 6.72 54.17
CA GLY C 384 10.07 7.00 53.78
C GLY C 384 10.99 5.94 54.34
N ARG C 385 10.74 5.56 55.59
CA ARG C 385 11.56 4.56 56.26
C ARG C 385 11.33 3.17 55.70
N ILE C 386 10.43 3.05 54.73
CA ILE C 386 10.27 1.76 54.08
C ILE C 386 11.49 1.41 53.25
N SER C 387 12.16 2.42 52.69
CA SER C 387 13.41 2.19 51.97
C SER C 387 14.35 1.31 52.78
N GLU C 388 14.39 1.55 54.10
CA GLU C 388 15.21 0.76 55.01
C GLU C 388 14.90 -0.72 54.91
N MET C 389 13.62 -1.06 54.93
CA MET C 389 13.23 -2.43 54.72
C MET C 389 13.66 -2.78 53.30
N GLY C 390 13.54 -1.78 52.41
CA GLY C 390 13.83 -1.94 50.98
C GLY C 390 15.20 -2.51 50.74
N VAL C 391 16.22 -1.88 51.29
CA VAL C 391 17.57 -2.35 51.04
C VAL C 391 17.80 -3.77 51.52
N CYS C 392 17.32 -4.08 52.72
CA CYS C 392 17.58 -5.39 53.31
C CYS C 392 16.99 -6.49 52.45
N PHE C 393 15.72 -6.35 52.10
CA PHE C 393 15.05 -7.46 51.44
C PHE C 393 14.58 -7.14 50.03
N GLY C 394 14.67 -5.89 49.64
CA GLY C 394 14.10 -5.47 48.36
C GLY C 394 14.99 -5.62 47.15
N THR C 395 16.30 -5.62 47.35
CA THR C 395 17.22 -5.72 46.23
C THR C 395 17.21 -7.06 45.53
N ILE C 396 16.94 -8.13 46.27
CA ILE C 396 16.90 -9.50 45.73
C ILE C 396 15.61 -10.19 46.15
N PRO C 397 14.81 -10.67 45.18
CA PRO C 397 13.63 -11.49 45.49
C PRO C 397 14.04 -12.87 45.92
N VAL C 398 13.80 -13.17 47.18
CA VAL C 398 14.29 -14.39 47.78
C VAL C 398 13.70 -15.59 47.06
N ALA C 399 12.50 -15.41 46.53
CA ALA C 399 11.80 -16.43 45.76
C ALA C 399 12.53 -16.83 44.47
N ASN C 400 13.10 -15.84 43.79
CA ASN C 400 13.83 -16.06 42.53
C ASN C 400 15.07 -15.15 42.44
N PRO C 401 16.13 -15.48 43.18
CA PRO C 401 17.30 -14.59 43.30
C PRO C 401 17.78 -14.00 41.99
N ASP C 402 17.95 -14.84 40.99
CA ASP C 402 18.65 -14.43 39.77
C ASP C 402 18.00 -13.20 39.14
N ASP C 403 16.70 -13.04 39.37
CA ASP C 403 15.92 -11.93 38.79
C ASP C 403 16.35 -10.58 39.34
N ALA C 404 17.20 -10.59 40.38
CA ALA C 404 17.79 -9.37 40.94
C ALA C 404 18.53 -8.61 39.87
N ALA C 405 18.85 -9.31 38.78
CA ALA C 405 19.58 -8.73 37.66
C ALA C 405 18.78 -7.64 36.96
N GLN C 406 17.45 -7.68 37.06
CA GLN C 406 16.62 -6.61 36.53
C GLN C 406 17.06 -5.30 37.14
N GLY C 407 17.23 -5.31 38.46
CA GLY C 407 17.85 -4.19 39.17
C GLY C 407 16.87 -3.29 39.89
N SER C 408 16.62 -3.62 41.15
CA SER C 408 15.69 -2.88 42.00
C SER C 408 16.38 -1.82 42.85
N GLY C 409 15.96 -0.58 42.66
CA GLY C 409 16.63 0.54 43.29
C GLY C 409 16.04 0.80 44.64
N HIS C 410 16.87 0.69 45.67
CA HIS C 410 16.47 1.13 46.99
C HIS C 410 17.46 2.11 47.50
N THR C 411 16.97 3.12 48.21
CA THR C 411 17.77 4.30 48.52
C THR C 411 19.19 4.08 49.05
N LYS C 412 19.33 3.29 50.11
CA LYS C 412 20.64 3.09 50.73
C LYS C 412 21.71 2.40 49.89
N SER C 413 21.31 1.72 48.81
CA SER C 413 22.30 1.08 47.91
C SER C 413 23.32 2.06 47.35
N ILE C 414 23.05 3.35 47.51
CA ILE C 414 23.97 4.39 47.07
C ILE C 414 25.31 4.21 47.76
N LEU C 415 25.26 3.84 49.03
CA LEU C 415 26.46 3.76 49.83
C LEU C 415 27.44 2.75 49.27
N ASN C 416 26.93 1.80 48.47
CA ASN C 416 27.78 0.78 47.86
C ASN C 416 28.65 1.34 46.73
N LEU C 417 28.37 2.57 46.33
CA LEU C 417 29.14 3.23 45.28
C LEU C 417 30.55 3.55 45.74
N ARG C 418 31.54 3.36 44.86
CA ARG C 418 32.93 3.60 45.21
C ARG C 418 33.11 5.02 45.58
N THR C 419 34.10 5.23 46.42
CA THR C 419 34.39 6.54 46.90
C THR C 419 35.83 6.85 46.50
N ASN C 420 36.57 5.81 46.17
CA ASN C 420 38.01 5.96 46.00
C ASN C 420 38.34 6.85 44.80
N THR C 421 39.54 7.42 44.83
CA THR C 421 40.01 8.37 43.85
C THR C 421 40.09 7.79 42.43
N GLU C 422 40.58 6.56 42.33
CA GLU C 422 40.86 5.90 41.04
C GLU C 422 39.66 5.96 40.12
N THR C 423 38.48 5.80 40.70
CA THR C 423 37.25 5.82 39.96
C THR C 423 36.54 7.16 40.15
N ASN C 424 37.23 8.14 40.72
CA ASN C 424 36.73 9.52 40.74
C ASN C 424 35.61 9.75 41.73
N ASN C 425 35.58 8.97 42.80
CA ASN C 425 34.57 9.08 43.85
C ASN C 425 33.16 9.25 43.29
N PRO C 426 32.65 8.25 42.54
CA PRO C 426 31.31 8.37 41.96
C PRO C 426 30.25 8.56 43.04
N CYS C 427 30.42 7.91 44.18
CA CYS C 427 29.43 7.95 45.25
C CYS C 427 29.13 9.38 45.62
N ALA C 428 30.18 10.14 45.92
CA ALA C 428 30.02 11.51 46.35
C ALA C 428 29.40 12.30 45.23
N LYS C 429 29.96 12.17 44.02
CA LYS C 429 29.47 12.87 42.85
C LYS C 429 27.97 12.62 42.71
N THR C 430 27.56 11.35 42.63
CA THR C 430 26.15 11.03 42.46
C THR C 430 25.27 11.58 43.59
N ILE C 431 25.79 11.61 44.81
CA ILE C 431 25.04 12.19 45.93
C ILE C 431 24.66 13.63 45.64
N VAL C 432 25.64 14.41 45.21
CA VAL C 432 25.40 15.83 44.98
C VAL C 432 24.35 16.01 43.88
N LYS C 433 24.45 15.24 42.79
CA LYS C 433 23.43 15.30 41.74
C LYS C 433 22.04 15.20 42.37
N LEU C 434 21.82 14.15 43.15
CA LEU C 434 20.57 14.04 43.90
C LEU C 434 20.31 15.29 44.74
N PHE C 435 21.33 15.75 45.48
CA PHE C 435 21.23 17.01 46.21
C PHE C 435 20.84 18.17 45.30
N GLU C 436 21.58 18.35 44.21
CA GLU C 436 21.33 19.41 43.25
C GLU C 436 19.93 19.34 42.67
N VAL C 437 19.50 18.12 42.33
CA VAL C 437 18.15 17.89 41.82
C VAL C 437 17.15 18.38 42.85
N GLN C 438 17.39 17.99 44.10
CA GLN C 438 16.56 18.42 45.20
C GLN C 438 16.66 19.93 45.39
N LYS C 439 17.86 20.49 45.28
CA LYS C 439 18.11 21.91 45.55
C LYS C 439 17.32 22.82 44.63
N THR C 440 17.44 22.59 43.32
CA THR C 440 16.78 23.43 42.34
C THR C 440 15.23 23.30 42.35
N GLY C 441 14.72 22.15 42.82
CA GLY C 441 13.27 21.88 42.84
C GLY C 441 12.40 22.44 43.96
N PHE C 442 12.85 22.29 45.20
CA PHE C 442 12.21 22.90 46.38
C PHE C 442 13.30 23.53 47.23
N ASN C 443 12.90 24.12 48.36
CA ASN C 443 13.88 24.66 49.27
C ASN C 443 14.33 23.69 50.36
N ILE C 444 15.58 23.28 50.23
CA ILE C 444 16.22 22.42 51.21
C ILE C 444 16.33 23.16 52.54
N GLN C 445 16.52 24.48 52.47
CA GLN C 445 16.48 25.31 53.67
C GLN C 445 15.23 25.00 54.48
N ASP C 446 14.15 24.63 53.79
CA ASP C 446 12.82 24.45 54.40
C ASP C 446 12.36 23.00 54.65
N MET C 447 13.23 22.04 54.40
CA MET C 447 12.96 20.65 54.76
C MET C 447 13.60 20.34 56.10
N ASP C 448 12.85 19.64 56.95
CA ASP C 448 13.38 19.10 58.19
C ASP C 448 14.60 18.21 57.93
N ILE C 449 14.48 17.36 56.91
CA ILE C 449 15.55 16.50 56.44
C ILE C 449 15.68 16.56 54.92
N VAL C 450 16.92 16.45 54.46
CA VAL C 450 17.20 16.30 53.05
C VAL C 450 17.92 14.97 52.89
N ALA C 451 17.29 14.00 52.23
CA ALA C 451 17.89 12.66 52.15
C ALA C 451 19.35 12.78 51.75
N SER C 452 19.59 13.43 50.61
CA SER C 452 20.92 13.53 50.04
C SER C 452 21.94 13.88 51.11
N GLU C 453 21.56 14.82 51.97
CA GLU C 453 22.48 15.29 53.00
C GLU C 453 22.87 14.21 53.99
N HIS C 454 21.91 13.40 54.41
CA HIS C 454 22.26 12.31 55.30
C HIS C 454 23.27 11.39 54.73
N LEU C 455 23.08 10.96 53.49
CA LEU C 455 24.01 9.99 52.88
C LEU C 455 25.38 10.59 52.77
N LEU C 456 25.42 11.86 52.38
CA LEU C 456 26.69 12.55 52.39
C LEU C 456 27.25 12.41 53.79
N HIS C 457 26.44 12.75 54.80
CA HIS C 457 26.87 12.63 56.18
C HIS C 457 27.38 11.25 56.50
N GLN C 458 26.60 10.24 56.14
CA GLN C 458 26.98 8.86 56.41
C GLN C 458 28.26 8.50 55.73
N SER C 459 28.50 9.02 54.53
CA SER C 459 29.72 8.67 53.84
C SER C 459 30.98 9.15 54.56
N LEU C 460 30.95 10.37 55.06
CA LEU C 460 32.11 10.99 55.69
C LEU C 460 32.48 10.27 56.98
N VAL C 461 31.46 9.83 57.72
CA VAL C 461 31.68 8.99 58.90
C VAL C 461 32.39 7.66 58.54
N GLY C 462 32.40 7.30 57.26
CA GLY C 462 33.01 6.07 56.79
C GLY C 462 32.02 4.93 56.64
N LYS C 463 30.74 5.25 56.48
CA LYS C 463 29.74 4.22 56.20
C LYS C 463 29.73 3.92 54.71
N GLN C 464 30.18 2.73 54.34
CA GLN C 464 30.15 2.30 52.94
C GLN C 464 29.14 1.18 52.64
N SER C 465 28.15 1.03 53.52
CA SER C 465 27.07 0.07 53.37
C SER C 465 25.90 0.47 54.27
N PRO C 466 24.69 0.05 53.90
CA PRO C 466 23.51 0.25 54.75
C PRO C 466 23.53 -0.54 56.04
N PHE C 467 24.25 -1.65 56.05
CA PHE C 467 24.18 -2.61 57.13
C PHE C 467 25.12 -2.34 58.29
N GLN C 468 26.11 -1.52 58.03
CA GLN C 468 26.98 -1.03 59.08
C GLN C 468 26.22 -0.17 60.06
N ASN C 469 26.50 -0.40 61.34
CA ASN C 469 25.93 0.36 62.43
C ASN C 469 26.96 1.35 62.98
N ALA C 470 26.61 2.63 62.99
CA ALA C 470 27.56 3.68 63.31
C ALA C 470 27.22 4.32 64.63
N TYR C 471 26.67 3.54 65.55
CA TYR C 471 26.28 4.11 66.82
C TYR C 471 27.50 4.68 67.56
N ASN C 472 28.65 4.01 67.49
CA ASN C 472 29.82 4.42 68.27
C ASN C 472 30.96 4.97 67.45
N VAL C 473 30.68 5.43 66.23
CA VAL C 473 31.69 6.26 65.57
C VAL C 473 31.78 7.58 66.34
N LYS C 474 33.01 8.10 66.49
CA LYS C 474 33.25 9.30 67.31
C LYS C 474 33.58 10.50 66.43
N GLY C 475 32.93 11.63 66.69
CA GLY C 475 33.24 12.87 65.97
C GLY C 475 32.02 13.62 65.45
N ASN C 476 30.90 13.44 65.96
S SO4 D . -8.84 6.33 41.05
O1 SO4 D . -8.61 4.85 41.09
O2 SO4 D . -7.89 7.00 40.12
O3 SO4 D . -8.68 6.93 42.41
O4 SO4 D . -10.23 6.54 40.56
S SO4 E . -7.64 7.88 45.93
O1 SO4 E . -6.82 7.04 44.99
O2 SO4 E . -7.08 9.27 45.96
O3 SO4 E . -7.65 7.26 47.29
O4 SO4 E . -9.06 7.91 45.46
S SO4 F . -27.81 9.86 -26.43
O1 SO4 F . -27.22 8.62 -25.82
O2 SO4 F . -27.00 10.16 -27.62
O3 SO4 F . -27.80 11.04 -25.48
O4 SO4 F . -29.21 9.57 -26.86
S SO4 G . -22.36 12.17 -23.05
O1 SO4 G . -21.10 11.32 -23.45
O2 SO4 G . -21.83 13.56 -22.60
O3 SO4 G . -23.13 11.54 -21.83
O4 SO4 G . -23.32 12.21 -24.29
#